data_5GNA
# 
_entry.id   5GNA 
# 
_audit_conform.dict_name       mmcif_pdbx.dic 
_audit_conform.dict_version    5.380 
_audit_conform.dict_location   http://mmcif.pdb.org/dictionaries/ascii/mmcif_pdbx.dic 
# 
loop_
_database_2.database_id 
_database_2.database_code 
_database_2.pdbx_database_accession 
_database_2.pdbx_DOI 
PDB   5GNA         pdb_00005gna 10.2210/pdb5gna/pdb 
WWPDB D_1300001110 ?            ?                   
# 
_pdbx_database_status.status_code                     REL 
_pdbx_database_status.status_code_sf                  REL 
_pdbx_database_status.status_code_mr                  ? 
_pdbx_database_status.entry_id                        5GNA 
_pdbx_database_status.recvd_initial_deposition_date   2016-07-20 
_pdbx_database_status.SG_entry                        N 
_pdbx_database_status.deposit_site                    PDBJ 
_pdbx_database_status.process_site                    PDBJ 
_pdbx_database_status.status_code_cs                  ? 
_pdbx_database_status.methods_development_category    ? 
_pdbx_database_status.pdb_format_compatible           Y 
_pdbx_database_status.status_code_nmr_data            ? 
# 
loop_
_audit_author.name 
_audit_author.pdbx_ordinal 
'Kim, H.J.' 1 
'Lee, H.H.' 2 
# 
_citation.abstract                  ? 
_citation.abstract_id_CAS           ? 
_citation.book_id_ISBN              ? 
_citation.book_publisher            ? 
_citation.book_publisher_city       ? 
_citation.book_title                ? 
_citation.coordinate_linkage        ? 
_citation.country                   ? 
_citation.database_id_Medline       ? 
_citation.details                   ? 
_citation.id                        primary 
_citation.journal_abbrev            'To Be Published' 
_citation.journal_id_ASTM           ? 
_citation.journal_id_CSD            0353 
_citation.journal_id_ISSN           ? 
_citation.journal_full              ? 
_citation.journal_issue             ? 
_citation.journal_volume            ? 
_citation.language                  ? 
_citation.page_first                ? 
_citation.page_last                 ? 
_citation.title                     'Crystal Structure of flagellin assembly related protein' 
_citation.year                      ? 
_citation.database_id_CSD           ? 
_citation.pdbx_database_id_DOI      ? 
_citation.pdbx_database_id_PubMed   ? 
_citation.unpublished_flag          ? 
# 
loop_
_citation_author.citation_id 
_citation_author.name 
_citation_author.ordinal 
_citation_author.identifier_ORCID 
primary 'Kim, H.J.' 1 ? 
primary 'Lee, H.H.' 2 ? 
# 
_cell.angle_alpha                  90.00 
_cell.angle_alpha_esd              ? 
_cell.angle_beta                   90.00 
_cell.angle_beta_esd               ? 
_cell.angle_gamma                  90.00 
_cell.angle_gamma_esd              ? 
_cell.entry_id                     5GNA 
_cell.details                      ? 
_cell.formula_units_Z              ? 
_cell.length_a                     50.446 
_cell.length_a_esd                 ? 
_cell.length_b                     50.446 
_cell.length_b_esd                 ? 
_cell.length_c                     184.579 
_cell.length_c_esd                 ? 
_cell.volume                       ? 
_cell.volume_esd                   ? 
_cell.Z_PDB                        8 
_cell.reciprocal_angle_alpha       ? 
_cell.reciprocal_angle_beta        ? 
_cell.reciprocal_angle_gamma       ? 
_cell.reciprocal_angle_alpha_esd   ? 
_cell.reciprocal_angle_beta_esd    ? 
_cell.reciprocal_angle_gamma_esd   ? 
_cell.reciprocal_length_a          ? 
_cell.reciprocal_length_b          ? 
_cell.reciprocal_length_c          ? 
_cell.reciprocal_length_a_esd      ? 
_cell.reciprocal_length_b_esd      ? 
_cell.reciprocal_length_c_esd      ? 
_cell.pdbx_unique_axis             ? 
# 
_symmetry.entry_id                         5GNA 
_symmetry.cell_setting                     ? 
_symmetry.Int_Tables_number                95 
_symmetry.space_group_name_Hall            ? 
_symmetry.space_group_name_H-M             'P 43 2 2' 
_symmetry.pdbx_full_space_group_name_H-M   ? 
# 
loop_
_entity.id 
_entity.type 
_entity.src_method 
_entity.pdbx_description 
_entity.formula_weight 
_entity.pdbx_number_of_molecules 
_entity.pdbx_ec 
_entity.pdbx_mutation 
_entity.pdbx_fragment 
_entity.details 
1 polymer man 'Flagellar protein FliT'              10942.468 1   ? ? 'UNP RESIDUES 1-94'    ? 
2 polymer man 'Flagellar hook-associated protein 2' 7504.315  1   ? ? 'UNP RESIDUES 401-467' ? 
3 water   nat water                                 18.015    193 ? ? ?                      ? 
# 
_entity_name_com.entity_id   2 
_entity_name_com.name        'HAP2,Filament cap protein,Flagellar cap protein' 
# 
loop_
_entity_poly.entity_id 
_entity_poly.type 
_entity_poly.nstd_linkage 
_entity_poly.nstd_monomer 
_entity_poly.pdbx_seq_one_letter_code 
_entity_poly.pdbx_seq_one_letter_code_can 
_entity_poly.pdbx_strand_id 
_entity_poly.pdbx_target_identifier 
1 'polypeptide(L)' no no 
;GSMTSTVEFINRWQRIALLSQSLLELAQRGEWDLLLQQEVSYLQSIETVMEKQTPPGITRSIQDMVAGYIKQTLDNEQLL
KGLLQQRLDELSSLIG
;
;GSMTSTVEFINRWQRIALLSQSLLELAQRGEWDLLLQQEVSYLQSIETVMEKQTPPGITRSIQDMVAGYIKQTLDNEQLL
KGLLQQRLDELSSLIG
;
A ? 
2 'polypeptide(L)' no no DGIIDNAQDNVNATLKSLTKQYLSVSNSIDETVARYKAQFTQLDTMMSKLNNTSSYLTQQFTAMNKS                                 
DGIIDNAQDNVNATLKSLTKQYLSVSNSIDETVARYKAQFTQLDTMMSKLNNTSSYLTQQFTAMNKS                                 B ? 
# 
loop_
_entity_poly_seq.entity_id 
_entity_poly_seq.num 
_entity_poly_seq.mon_id 
_entity_poly_seq.hetero 
1 1  GLY n 
1 2  SER n 
1 3  MET n 
1 4  THR n 
1 5  SER n 
1 6  THR n 
1 7  VAL n 
1 8  GLU n 
1 9  PHE n 
1 10 ILE n 
1 11 ASN n 
1 12 ARG n 
1 13 TRP n 
1 14 GLN n 
1 15 ARG n 
1 16 ILE n 
1 17 ALA n 
1 18 LEU n 
1 19 LEU n 
1 20 SER n 
1 21 GLN n 
1 22 SER n 
1 23 LEU n 
1 24 LEU n 
1 25 GLU n 
1 26 LEU n 
1 27 ALA n 
1 28 GLN n 
1 29 ARG n 
1 30 GLY n 
1 31 GLU n 
1 32 TRP n 
1 33 ASP n 
1 34 LEU n 
1 35 LEU n 
1 36 LEU n 
1 37 GLN n 
1 38 GLN n 
1 39 GLU n 
1 40 VAL n 
1 41 SER n 
1 42 TYR n 
1 43 LEU n 
1 44 GLN n 
1 45 SER n 
1 46 ILE n 
1 47 GLU n 
1 48 THR n 
1 49 VAL n 
1 50 MET n 
1 51 GLU n 
1 52 LYS n 
1 53 GLN n 
1 54 THR n 
1 55 PRO n 
1 56 PRO n 
1 57 GLY n 
1 58 ILE n 
1 59 THR n 
1 60 ARG n 
1 61 SER n 
1 62 ILE n 
1 63 GLN n 
1 64 ASP n 
1 65 MET n 
1 66 VAL n 
1 67 ALA n 
1 68 GLY n 
1 69 TYR n 
1 70 ILE n 
1 71 LYS n 
1 72 GLN n 
1 73 THR n 
1 74 LEU n 
1 75 ASP n 
1 76 ASN n 
1 77 GLU n 
1 78 GLN n 
1 79 LEU n 
1 80 LEU n 
1 81 LYS n 
1 82 GLY n 
1 83 LEU n 
1 84 LEU n 
1 85 GLN n 
1 86 GLN n 
1 87 ARG n 
1 88 LEU n 
1 89 ASP n 
1 90 GLU n 
1 91 LEU n 
1 92 SER n 
1 93 SER n 
1 94 LEU n 
1 95 ILE n 
1 96 GLY n 
2 1  ASP n 
2 2  GLY n 
2 3  ILE n 
2 4  ILE n 
2 5  ASP n 
2 6  ASN n 
2 7  ALA n 
2 8  GLN n 
2 9  ASP n 
2 10 ASN n 
2 11 VAL n 
2 12 ASN n 
2 13 ALA n 
2 14 THR n 
2 15 LEU n 
2 16 LYS n 
2 17 SER n 
2 18 LEU n 
2 19 THR n 
2 20 LYS n 
2 21 GLN n 
2 22 TYR n 
2 23 LEU n 
2 24 SER n 
2 25 VAL n 
2 26 SER n 
2 27 ASN n 
2 28 SER n 
2 29 ILE n 
2 30 ASP n 
2 31 GLU n 
2 32 THR n 
2 33 VAL n 
2 34 ALA n 
2 35 ARG n 
2 36 TYR n 
2 37 LYS n 
2 38 ALA n 
2 39 GLN n 
2 40 PHE n 
2 41 THR n 
2 42 GLN n 
2 43 LEU n 
2 44 ASP n 
2 45 THR n 
2 46 MET n 
2 47 MET n 
2 48 SER n 
2 49 LYS n 
2 50 LEU n 
2 51 ASN n 
2 52 ASN n 
2 53 THR n 
2 54 SER n 
2 55 SER n 
2 56 TYR n 
2 57 LEU n 
2 58 THR n 
2 59 GLN n 
2 60 GLN n 
2 61 PHE n 
2 62 THR n 
2 63 ALA n 
2 64 MET n 
2 65 ASN n 
2 66 LYS n 
2 67 SER n 
# 
loop_
_entity_src_gen.entity_id 
_entity_src_gen.pdbx_src_id 
_entity_src_gen.pdbx_alt_source_flag 
_entity_src_gen.pdbx_seq_type 
_entity_src_gen.pdbx_beg_seq_num 
_entity_src_gen.pdbx_end_seq_num 
_entity_src_gen.gene_src_common_name 
_entity_src_gen.gene_src_genus 
_entity_src_gen.pdbx_gene_src_gene 
_entity_src_gen.gene_src_species 
_entity_src_gen.gene_src_strain 
_entity_src_gen.gene_src_tissue 
_entity_src_gen.gene_src_tissue_fraction 
_entity_src_gen.gene_src_details 
_entity_src_gen.pdbx_gene_src_fragment 
_entity_src_gen.pdbx_gene_src_scientific_name 
_entity_src_gen.pdbx_gene_src_ncbi_taxonomy_id 
_entity_src_gen.pdbx_gene_src_variant 
_entity_src_gen.pdbx_gene_src_cell_line 
_entity_src_gen.pdbx_gene_src_atcc 
_entity_src_gen.pdbx_gene_src_organ 
_entity_src_gen.pdbx_gene_src_organelle 
_entity_src_gen.pdbx_gene_src_cell 
_entity_src_gen.pdbx_gene_src_cellular_location 
_entity_src_gen.host_org_common_name 
_entity_src_gen.pdbx_host_org_scientific_name 
_entity_src_gen.pdbx_host_org_ncbi_taxonomy_id 
_entity_src_gen.host_org_genus 
_entity_src_gen.pdbx_host_org_gene 
_entity_src_gen.pdbx_host_org_organ 
_entity_src_gen.host_org_species 
_entity_src_gen.pdbx_host_org_tissue 
_entity_src_gen.pdbx_host_org_tissue_fraction 
_entity_src_gen.pdbx_host_org_strain 
_entity_src_gen.pdbx_host_org_variant 
_entity_src_gen.pdbx_host_org_cell_line 
_entity_src_gen.pdbx_host_org_atcc 
_entity_src_gen.pdbx_host_org_culture_collection 
_entity_src_gen.pdbx_host_org_cell 
_entity_src_gen.pdbx_host_org_organelle 
_entity_src_gen.pdbx_host_org_cellular_location 
_entity_src_gen.pdbx_host_org_vector_type 
_entity_src_gen.pdbx_host_org_vector 
_entity_src_gen.host_org_details 
_entity_src_gen.expression_system_id 
_entity_src_gen.plasmid_name 
_entity_src_gen.plasmid_details 
_entity_src_gen.pdbx_description 
1 1 sample 'Biological sequence' 1 96 ? ? 'fliT, STM1962'             ? 'LT2 / SGSC1412 / ATCC 700720' ? ? ? ? 
'Salmonella typhimurium (strain LT2 / SGSC1412 / ATCC 700720)' 99287 ? ? ? ? ? ? ? ? 'Escherichia coli' 562 ? ? ? ? ? ? ? ? ? ? ? 
? ? ? ? ? ? ? ? ? ? 
2 1 sample 'Biological sequence' 1 67 ? ? 'fliD, flaV, flbC, STM1960' ? 'LT2 / SGSC1412 / ATCC 700720' ? ? ? ? 
'Salmonella typhimurium (strain LT2 / SGSC1412 / ATCC 700720)' 99287 ? ? ? ? ? ? ? ? 'Escherichia coli' 562 ? ? ? ? ? ? ? ? ? ? ? 
? ? ? ? ? ? ? ? ? ? 
# 
loop_
_struct_ref.id 
_struct_ref.db_name 
_struct_ref.db_code 
_struct_ref.pdbx_db_accession 
_struct_ref.pdbx_db_isoform 
_struct_ref.entity_id 
_struct_ref.pdbx_seq_one_letter_code 
_struct_ref.pdbx_align_begin 
1 UNP FLIT_SALTY P0A1N2 ? 1 
;MTSTVEFINRWQRIALLSQSLLELAQRGEWDLLLQQEVSYLQSIETVMEKQTPPGITRSIQDMVAGYIKQTLDNEQLLKG
LLQQRLDELSSLIG
;
1   
2 UNP FLID_SALTY P16328 ? 2 DGIIDNAQDNVNATLKSLTKQYLSVSNSIDETVARYKAQFTQLDTMMSKLNNTSSYLTQQFTAMNKS                               401 
# 
loop_
_struct_ref_seq.align_id 
_struct_ref_seq.ref_id 
_struct_ref_seq.pdbx_PDB_id_code 
_struct_ref_seq.pdbx_strand_id 
_struct_ref_seq.seq_align_beg 
_struct_ref_seq.pdbx_seq_align_beg_ins_code 
_struct_ref_seq.seq_align_end 
_struct_ref_seq.pdbx_seq_align_end_ins_code 
_struct_ref_seq.pdbx_db_accession 
_struct_ref_seq.db_align_beg 
_struct_ref_seq.pdbx_db_align_beg_ins_code 
_struct_ref_seq.db_align_end 
_struct_ref_seq.pdbx_db_align_end_ins_code 
_struct_ref_seq.pdbx_auth_seq_align_beg 
_struct_ref_seq.pdbx_auth_seq_align_end 
1 1 5GNA A 3 ? 96 ? P0A1N2 1   ? 94  ? 1   94  
2 2 5GNA B 1 ? 67 ? P16328 401 ? 467 ? 401 467 
# 
loop_
_struct_ref_seq_dif.align_id 
_struct_ref_seq_dif.pdbx_pdb_id_code 
_struct_ref_seq_dif.mon_id 
_struct_ref_seq_dif.pdbx_pdb_strand_id 
_struct_ref_seq_dif.seq_num 
_struct_ref_seq_dif.pdbx_pdb_ins_code 
_struct_ref_seq_dif.pdbx_seq_db_name 
_struct_ref_seq_dif.pdbx_seq_db_accession_code 
_struct_ref_seq_dif.db_mon_id 
_struct_ref_seq_dif.pdbx_seq_db_seq_num 
_struct_ref_seq_dif.details 
_struct_ref_seq_dif.pdbx_auth_seq_num 
_struct_ref_seq_dif.pdbx_ordinal 
1 5GNA GLY A 1 ? UNP P0A1N2 ? ? 'expression tag' -1 1 
1 5GNA SER A 2 ? UNP P0A1N2 ? ? 'expression tag' 0  2 
# 
loop_
_chem_comp.id 
_chem_comp.type 
_chem_comp.mon_nstd_flag 
_chem_comp.name 
_chem_comp.pdbx_synonyms 
_chem_comp.formula 
_chem_comp.formula_weight 
ALA 'L-peptide linking' y ALANINE         ? 'C3 H7 N O2'     89.093  
ARG 'L-peptide linking' y ARGININE        ? 'C6 H15 N4 O2 1' 175.209 
ASN 'L-peptide linking' y ASPARAGINE      ? 'C4 H8 N2 O3'    132.118 
ASP 'L-peptide linking' y 'ASPARTIC ACID' ? 'C4 H7 N O4'     133.103 
GLN 'L-peptide linking' y GLUTAMINE       ? 'C5 H10 N2 O3'   146.144 
GLU 'L-peptide linking' y 'GLUTAMIC ACID' ? 'C5 H9 N O4'     147.129 
GLY 'peptide linking'   y GLYCINE         ? 'C2 H5 N O2'     75.067  
HOH non-polymer         . WATER           ? 'H2 O'           18.015  
ILE 'L-peptide linking' y ISOLEUCINE      ? 'C6 H13 N O2'    131.173 
LEU 'L-peptide linking' y LEUCINE         ? 'C6 H13 N O2'    131.173 
LYS 'L-peptide linking' y LYSINE          ? 'C6 H15 N2 O2 1' 147.195 
MET 'L-peptide linking' y METHIONINE      ? 'C5 H11 N O2 S'  149.211 
PHE 'L-peptide linking' y PHENYLALANINE   ? 'C9 H11 N O2'    165.189 
PRO 'L-peptide linking' y PROLINE         ? 'C5 H9 N O2'     115.130 
SER 'L-peptide linking' y SERINE          ? 'C3 H7 N O3'     105.093 
THR 'L-peptide linking' y THREONINE       ? 'C4 H9 N O3'     119.119 
TRP 'L-peptide linking' y TRYPTOPHAN      ? 'C11 H12 N2 O2'  204.225 
TYR 'L-peptide linking' y TYROSINE        ? 'C9 H11 N O3'    181.189 
VAL 'L-peptide linking' y VALINE          ? 'C5 H11 N O2'    117.146 
# 
_exptl.absorpt_coefficient_mu     ? 
_exptl.absorpt_correction_T_max   ? 
_exptl.absorpt_correction_T_min   ? 
_exptl.absorpt_correction_type    ? 
_exptl.absorpt_process_details    ? 
_exptl.entry_id                   5GNA 
_exptl.crystals_number            1 
_exptl.details                    ? 
_exptl.method                     'X-RAY DIFFRACTION' 
_exptl.method_details             ? 
# 
_exptl_crystal.colour                      ? 
_exptl_crystal.density_diffrn              ? 
_exptl_crystal.density_Matthews            3.18 
_exptl_crystal.density_method              ? 
_exptl_crystal.density_percent_sol         61.36 
_exptl_crystal.description                 ? 
_exptl_crystal.F_000                       ? 
_exptl_crystal.id                          1 
_exptl_crystal.preparation                 ? 
_exptl_crystal.size_max                    ? 
_exptl_crystal.size_mid                    ? 
_exptl_crystal.size_min                    ? 
_exptl_crystal.size_rad                    ? 
_exptl_crystal.colour_lustre               ? 
_exptl_crystal.colour_modifier             ? 
_exptl_crystal.colour_primary              ? 
_exptl_crystal.density_meas                ? 
_exptl_crystal.density_meas_esd            ? 
_exptl_crystal.density_meas_gt             ? 
_exptl_crystal.density_meas_lt             ? 
_exptl_crystal.density_meas_temp           ? 
_exptl_crystal.density_meas_temp_esd       ? 
_exptl_crystal.density_meas_temp_gt        ? 
_exptl_crystal.density_meas_temp_lt        ? 
_exptl_crystal.pdbx_crystal_image_url      ? 
_exptl_crystal.pdbx_crystal_image_format   ? 
_exptl_crystal.pdbx_mosaicity              ? 
_exptl_crystal.pdbx_mosaicity_esd          ? 
# 
_exptl_crystal_grow.apparatus       ? 
_exptl_crystal_grow.atmosphere      ? 
_exptl_crystal_grow.crystal_id      1 
_exptl_crystal_grow.details         ? 
_exptl_crystal_grow.method          'VAPOR DIFFUSION, SITTING DROP' 
_exptl_crystal_grow.method_ref      ? 
_exptl_crystal_grow.pH              8.0 
_exptl_crystal_grow.pressure        ? 
_exptl_crystal_grow.pressure_esd    ? 
_exptl_crystal_grow.seeding         ? 
_exptl_crystal_grow.seeding_ref     ? 
_exptl_crystal_grow.temp            296 
_exptl_crystal_grow.temp_details    ? 
_exptl_crystal_grow.temp_esd        ? 
_exptl_crystal_grow.time            ? 
_exptl_crystal_grow.pdbx_details    '5% PEG 400, 10% isopropanol, 0.2 M magnesium chloride, 0.1 M Tris-HCl pH 8.0' 
_exptl_crystal_grow.pdbx_pH_range   ? 
# 
_diffrn.ambient_environment    ? 
_diffrn.ambient_temp           100 
_diffrn.ambient_temp_details   ? 
_diffrn.ambient_temp_esd       ? 
_diffrn.crystal_id             1 
_diffrn.crystal_support        ? 
_diffrn.crystal_treatment      ? 
_diffrn.details                ? 
_diffrn.id                     1 
_diffrn.ambient_pressure       ? 
_diffrn.ambient_pressure_esd   ? 
_diffrn.ambient_pressure_gt    ? 
_diffrn.ambient_pressure_lt    ? 
_diffrn.ambient_temp_gt        ? 
_diffrn.ambient_temp_lt        ? 
# 
_diffrn_detector.details                      ? 
_diffrn_detector.detector                     CCD 
_diffrn_detector.diffrn_id                    1 
_diffrn_detector.type                         'ADSC QUANTUM 270' 
_diffrn_detector.area_resol_mean              ? 
_diffrn_detector.dtime                        ? 
_diffrn_detector.pdbx_frames_total            ? 
_diffrn_detector.pdbx_collection_time_total   ? 
_diffrn_detector.pdbx_collection_date         2015-02-12 
# 
_diffrn_radiation.collimation                      ? 
_diffrn_radiation.diffrn_id                        1 
_diffrn_radiation.filter_edge                      ? 
_diffrn_radiation.inhomogeneity                    ? 
_diffrn_radiation.monochromator                    ? 
_diffrn_radiation.polarisn_norm                    ? 
_diffrn_radiation.polarisn_ratio                   ? 
_diffrn_radiation.probe                            ? 
_diffrn_radiation.type                             ? 
_diffrn_radiation.xray_symbol                      ? 
_diffrn_radiation.wavelength_id                    1 
_diffrn_radiation.pdbx_monochromatic_or_laue_m_l   M 
_diffrn_radiation.pdbx_wavelength_list             ? 
_diffrn_radiation.pdbx_wavelength                  ? 
_diffrn_radiation.pdbx_diffrn_protocol             'SINGLE WAVELENGTH' 
_diffrn_radiation.pdbx_analyzer                    ? 
_diffrn_radiation.pdbx_scattering_type             x-ray 
# 
_diffrn_radiation_wavelength.id           1 
_diffrn_radiation_wavelength.wavelength   0.97960 
_diffrn_radiation_wavelength.wt           1.0 
# 
_diffrn_source.current                     ? 
_diffrn_source.details                     ? 
_diffrn_source.diffrn_id                   1 
_diffrn_source.power                       ? 
_diffrn_source.size                        ? 
_diffrn_source.source                      SYNCHROTRON 
_diffrn_source.target                      ? 
_diffrn_source.type                        'PAL/PLS BEAMLINE 5C (4A)' 
_diffrn_source.voltage                     ? 
_diffrn_source.take-off_angle              ? 
_diffrn_source.pdbx_wavelength_list        0.97960 
_diffrn_source.pdbx_wavelength             ? 
_diffrn_source.pdbx_synchrotron_beamline   '5C (4A)' 
_diffrn_source.pdbx_synchrotron_site       PAL/PLS 
# 
_reflns.B_iso_Wilson_estimate            ? 
_reflns.entry_id                         5GNA 
_reflns.data_reduction_details           ? 
_reflns.data_reduction_method            ? 
_reflns.d_resolution_high                2.3 
_reflns.d_resolution_low                 50 
_reflns.details                          ? 
_reflns.limit_h_max                      ? 
_reflns.limit_h_min                      ? 
_reflns.limit_k_max                      ? 
_reflns.limit_k_min                      ? 
_reflns.limit_l_max                      ? 
_reflns.limit_l_min                      ? 
_reflns.number_all                       ? 
_reflns.number_obs                       11357 
_reflns.observed_criterion               ? 
_reflns.observed_criterion_F_max         ? 
_reflns.observed_criterion_F_min         ? 
_reflns.observed_criterion_I_max         ? 
_reflns.observed_criterion_I_min         ? 
_reflns.observed_criterion_sigma_F       ? 
_reflns.observed_criterion_sigma_I       ? 
_reflns.percent_possible_obs             100 
_reflns.R_free_details                   ? 
_reflns.Rmerge_F_all                     ? 
_reflns.Rmerge_F_obs                     ? 
_reflns.Friedel_coverage                 ? 
_reflns.number_gt                        ? 
_reflns.threshold_expression             ? 
_reflns.pdbx_redundancy                  27.1 
_reflns.pdbx_Rmerge_I_obs                ? 
_reflns.pdbx_Rmerge_I_all                ? 
_reflns.pdbx_Rsym_value                  ? 
_reflns.pdbx_netI_over_av_sigmaI         ? 
_reflns.pdbx_netI_over_sigmaI            87.6 
_reflns.pdbx_res_netI_over_av_sigmaI_2   ? 
_reflns.pdbx_res_netI_over_sigmaI_2      ? 
_reflns.pdbx_chi_squared                 ? 
_reflns.pdbx_scaling_rejects             ? 
_reflns.pdbx_d_res_high_opt              ? 
_reflns.pdbx_d_res_low_opt               ? 
_reflns.pdbx_d_res_opt_method            ? 
_reflns.phase_calculation_details        ? 
_reflns.pdbx_Rrim_I_all                  ? 
_reflns.pdbx_Rpim_I_all                  ? 
_reflns.pdbx_d_opt                       ? 
_reflns.pdbx_number_measured_all         ? 
_reflns.pdbx_diffrn_id                   1 
_reflns.pdbx_ordinal                     1 
_reflns.pdbx_CC_half                     ? 
_reflns.pdbx_R_split                     ? 
# 
_reflns_shell.d_res_high                  . 
_reflns_shell.d_res_low                   ? 
_reflns_shell.meanI_over_sigI_all         ? 
_reflns_shell.meanI_over_sigI_obs         ? 
_reflns_shell.number_measured_all         ? 
_reflns_shell.number_measured_obs         ? 
_reflns_shell.number_possible             ? 
_reflns_shell.number_unique_all           ? 
_reflns_shell.number_unique_obs           ? 
_reflns_shell.percent_possible_all        ? 
_reflns_shell.percent_possible_obs        ? 
_reflns_shell.Rmerge_F_all                ? 
_reflns_shell.Rmerge_F_obs                ? 
_reflns_shell.Rmerge_I_all                ? 
_reflns_shell.Rmerge_I_obs                ? 
_reflns_shell.meanI_over_sigI_gt          ? 
_reflns_shell.meanI_over_uI_all           ? 
_reflns_shell.meanI_over_uI_gt            ? 
_reflns_shell.number_measured_gt          ? 
_reflns_shell.number_unique_gt            ? 
_reflns_shell.percent_possible_gt         ? 
_reflns_shell.Rmerge_F_gt                 ? 
_reflns_shell.Rmerge_I_gt                 ? 
_reflns_shell.pdbx_redundancy             ? 
_reflns_shell.pdbx_Rsym_value             ? 
_reflns_shell.pdbx_chi_squared            ? 
_reflns_shell.pdbx_netI_over_sigmaI_all   ? 
_reflns_shell.pdbx_netI_over_sigmaI_obs   ? 
_reflns_shell.pdbx_Rrim_I_all             ? 
_reflns_shell.pdbx_Rpim_I_all             ? 
_reflns_shell.pdbx_rejects                ? 
_reflns_shell.pdbx_ordinal                1 
_reflns_shell.pdbx_diffrn_id              1 
_reflns_shell.pdbx_CC_half                ? 
_reflns_shell.pdbx_R_split                ? 
# 
_refine.aniso_B[1][1]                            0.05 
_refine.aniso_B[1][2]                            0.00 
_refine.aniso_B[1][3]                            -0.00 
_refine.aniso_B[2][2]                            0.05 
_refine.aniso_B[2][3]                            -0.00 
_refine.aniso_B[3][3]                            -0.09 
_refine.B_iso_max                                ? 
_refine.B_iso_mean                               51.400 
_refine.B_iso_min                                ? 
_refine.correlation_coeff_Fo_to_Fc               0.947 
_refine.correlation_coeff_Fo_to_Fc_free          0.948 
_refine.details                                  'HYDROGENS HAVE BEEN ADDED IN THE RIDING POSITIONS' 
_refine.diff_density_max                         ? 
_refine.diff_density_max_esd                     ? 
_refine.diff_density_min                         ? 
_refine.diff_density_min_esd                     ? 
_refine.diff_density_rms                         ? 
_refine.diff_density_rms_esd                     ? 
_refine.entry_id                                 5GNA 
_refine.pdbx_refine_id                           'X-RAY DIFFRACTION' 
_refine.ls_abs_structure_details                 ? 
_refine.ls_abs_structure_Flack                   ? 
_refine.ls_abs_structure_Flack_esd               ? 
_refine.ls_abs_structure_Rogers                  ? 
_refine.ls_abs_structure_Rogers_esd              ? 
_refine.ls_d_res_high                            2.30 
_refine.ls_d_res_low                             30.00 
_refine.ls_extinction_coef                       ? 
_refine.ls_extinction_coef_esd                   ? 
_refine.ls_extinction_expression                 ? 
_refine.ls_extinction_method                     ? 
_refine.ls_goodness_of_fit_all                   ? 
_refine.ls_goodness_of_fit_all_esd               ? 
_refine.ls_goodness_of_fit_obs                   ? 
_refine.ls_goodness_of_fit_obs_esd               ? 
_refine.ls_hydrogen_treatment                    ? 
_refine.ls_matrix_type                           ? 
_refine.ls_number_constraints                    ? 
_refine.ls_number_parameters                     ? 
_refine.ls_number_reflns_all                     ? 
_refine.ls_number_reflns_obs                     10724 
_refine.ls_number_reflns_R_free                  558 
_refine.ls_number_reflns_R_work                  ? 
_refine.ls_number_restraints                     ? 
_refine.ls_percent_reflns_obs                    99.42 
_refine.ls_percent_reflns_R_free                 4.9 
_refine.ls_R_factor_all                          ? 
_refine.ls_R_factor_obs                          0.21445 
_refine.ls_R_factor_R_free                       0.22933 
_refine.ls_R_factor_R_free_error                 ? 
_refine.ls_R_factor_R_free_error_details         ? 
_refine.ls_R_factor_R_work                       0.21366 
_refine.ls_R_Fsqd_factor_obs                     ? 
_refine.ls_R_I_factor_obs                        ? 
_refine.ls_redundancy_reflns_all                 ? 
_refine.ls_redundancy_reflns_obs                 ? 
_refine.ls_restrained_S_all                      ? 
_refine.ls_restrained_S_obs                      ? 
_refine.ls_shift_over_esd_max                    ? 
_refine.ls_shift_over_esd_mean                   ? 
_refine.ls_structure_factor_coef                 ? 
_refine.ls_weighting_details                     ? 
_refine.ls_weighting_scheme                      ? 
_refine.ls_wR_factor_all                         ? 
_refine.ls_wR_factor_obs                         ? 
_refine.ls_wR_factor_R_free                      ? 
_refine.ls_wR_factor_R_work                      ? 
_refine.occupancy_max                            ? 
_refine.occupancy_min                            ? 
_refine.solvent_model_details                    ? 
_refine.solvent_model_param_bsol                 ? 
_refine.solvent_model_param_ksol                 ? 
_refine.ls_R_factor_gt                           ? 
_refine.ls_goodness_of_fit_gt                    ? 
_refine.ls_goodness_of_fit_ref                   ? 
_refine.ls_shift_over_su_max                     ? 
_refine.ls_shift_over_su_max_lt                  ? 
_refine.ls_shift_over_su_mean                    ? 
_refine.ls_shift_over_su_mean_lt                 ? 
_refine.pdbx_ls_sigma_I                          ? 
_refine.pdbx_ls_sigma_F                          ? 
_refine.pdbx_ls_sigma_Fsqd                       ? 
_refine.pdbx_data_cutoff_high_absF               ? 
_refine.pdbx_data_cutoff_high_rms_absF           ? 
_refine.pdbx_data_cutoff_low_absF                ? 
_refine.pdbx_isotropic_thermal_model             ? 
_refine.pdbx_ls_cross_valid_method               THROUGHOUT 
_refine.pdbx_method_to_determine_struct          'MOLECULAR REPLACEMENT' 
_refine.pdbx_starting_model                      3A7M 
_refine.pdbx_stereochemistry_target_values       ? 
_refine.pdbx_R_Free_selection_details            RANDOM 
_refine.pdbx_stereochem_target_val_spec_case     ? 
_refine.pdbx_overall_ESU_R                       0.262 
_refine.pdbx_overall_ESU_R_Free                  0.194 
_refine.pdbx_solvent_vdw_probe_radii             1.20 
_refine.pdbx_solvent_ion_probe_radii             0.80 
_refine.pdbx_solvent_shrinkage_radii             0.80 
_refine.pdbx_real_space_R                        ? 
_refine.pdbx_density_correlation                 ? 
_refine.pdbx_pd_number_of_powder_patterns        ? 
_refine.pdbx_pd_number_of_points                 ? 
_refine.pdbx_pd_meas_number_of_points            ? 
_refine.pdbx_pd_proc_ls_prof_R_factor            ? 
_refine.pdbx_pd_proc_ls_prof_wR_factor           ? 
_refine.pdbx_pd_Marquardt_correlation_coeff      ? 
_refine.pdbx_pd_Fsqrd_R_factor                   ? 
_refine.pdbx_pd_ls_matrix_band_width             ? 
_refine.pdbx_overall_phase_error                 ? 
_refine.pdbx_overall_SU_R_free_Cruickshank_DPI   ? 
_refine.pdbx_overall_SU_R_free_Blow_DPI          ? 
_refine.pdbx_overall_SU_R_Blow_DPI               ? 
_refine.pdbx_TLS_residual_ADP_flag               ? 
_refine.pdbx_diffrn_id                           1 
_refine.overall_SU_B                             6.037 
_refine.overall_SU_ML                            0.143 
_refine.overall_SU_R_Cruickshank_DPI             ? 
_refine.overall_SU_R_free                        ? 
_refine.overall_FOM_free_R_set                   ? 
_refine.overall_FOM_work_R_set                   ? 
_refine.pdbx_average_fsc_overall                 ? 
_refine.pdbx_average_fsc_work                    ? 
_refine.pdbx_average_fsc_free                    ? 
# 
_refine_hist.pdbx_refine_id                   'X-RAY DIFFRACTION' 
_refine_hist.cycle_id                         1 
_refine_hist.pdbx_number_atoms_protein        1208 
_refine_hist.pdbx_number_atoms_nucleic_acid   0 
_refine_hist.pdbx_number_atoms_ligand         0 
_refine_hist.number_atoms_solvent             193 
_refine_hist.number_atoms_total               1401 
_refine_hist.d_res_high                       2.30 
_refine_hist.d_res_low                        30.00 
# 
loop_
_refine_ls_restr.pdbx_refine_id 
_refine_ls_restr.criterion 
_refine_ls_restr.dev_ideal 
_refine_ls_restr.dev_ideal_target 
_refine_ls_restr.number 
_refine_ls_restr.rejects 
_refine_ls_restr.type 
_refine_ls_restr.weight 
_refine_ls_restr.pdbx_restraint_function 
'X-RAY DIFFRACTION' ? 0.006  0.020  1220 ? r_bond_refined_d             ? ? 
'X-RAY DIFFRACTION' ? 0.001  0.020  1197 ? r_bond_other_d               ? ? 
'X-RAY DIFFRACTION' ? 0.922  1.974  1645 ? r_angle_refined_deg          ? ? 
'X-RAY DIFFRACTION' ? 0.689  3.000  2752 ? r_angle_other_deg            ? ? 
'X-RAY DIFFRACTION' ? 4.162  5.000  150  ? r_dihedral_angle_1_deg       ? ? 
'X-RAY DIFFRACTION' ? 35.715 26.000 55   ? r_dihedral_angle_2_deg       ? ? 
'X-RAY DIFFRACTION' ? 13.093 15.000 242  ? r_dihedral_angle_3_deg       ? ? 
'X-RAY DIFFRACTION' ? 17.874 15.000 6    ? r_dihedral_angle_4_deg       ? ? 
'X-RAY DIFFRACTION' ? 0.044  0.200  197  ? r_chiral_restr               ? ? 
'X-RAY DIFFRACTION' ? 0.002  0.020  1367 ? r_gen_planes_refined         ? ? 
'X-RAY DIFFRACTION' ? 0.001  0.020  267  ? r_gen_planes_other           ? ? 
'X-RAY DIFFRACTION' ? ?      ?      ?    ? r_nbd_refined                ? ? 
'X-RAY DIFFRACTION' ? ?      ?      ?    ? r_nbd_other                  ? ? 
'X-RAY DIFFRACTION' ? ?      ?      ?    ? r_nbtor_refined              ? ? 
'X-RAY DIFFRACTION' ? ?      ?      ?    ? r_nbtor_other                ? ? 
'X-RAY DIFFRACTION' ? ?      ?      ?    ? r_xyhbond_nbd_refined        ? ? 
'X-RAY DIFFRACTION' ? ?      ?      ?    ? r_xyhbond_nbd_other          ? ? 
'X-RAY DIFFRACTION' ? ?      ?      ?    ? r_metal_ion_refined          ? ? 
'X-RAY DIFFRACTION' ? ?      ?      ?    ? r_metal_ion_other            ? ? 
'X-RAY DIFFRACTION' ? ?      ?      ?    ? r_symmetry_vdw_refined       ? ? 
'X-RAY DIFFRACTION' ? ?      ?      ?    ? r_symmetry_vdw_other         ? ? 
'X-RAY DIFFRACTION' ? ?      ?      ?    ? r_symmetry_hbond_refined     ? ? 
'X-RAY DIFFRACTION' ? ?      ?      ?    ? r_symmetry_hbond_other       ? ? 
'X-RAY DIFFRACTION' ? ?      ?      ?    ? r_symmetry_metal_ion_refined ? ? 
'X-RAY DIFFRACTION' ? ?      ?      ?    ? r_symmetry_metal_ion_other   ? ? 
'X-RAY DIFFRACTION' ? 1.793  4.935  606  ? r_mcbond_it                  ? ? 
'X-RAY DIFFRACTION' ? 1.792  4.928  605  ? r_mcbond_other               ? ? 
'X-RAY DIFFRACTION' ? 2.964  7.375  754  ? r_mcangle_it                 ? ? 
'X-RAY DIFFRACTION' ? 2.963  7.383  755  ? r_mcangle_other              ? ? 
'X-RAY DIFFRACTION' ? 2.301  5.216  614  ? r_scbond_it                  ? ? 
'X-RAY DIFFRACTION' ? 2.300  5.216  614  ? r_scbond_other               ? ? 
'X-RAY DIFFRACTION' ? ?      ?      ?    ? r_scangle_it                 ? ? 
'X-RAY DIFFRACTION' ? 3.890  7.698  892  ? r_scangle_other              ? ? 
'X-RAY DIFFRACTION' ? 7.186  41.486 1670 ? r_long_range_B_refined       ? ? 
'X-RAY DIFFRACTION' ? 6.622  40.250 1552 ? r_long_range_B_other         ? ? 
'X-RAY DIFFRACTION' ? ?      ?      ?    ? r_rigid_bond_restr           ? ? 
'X-RAY DIFFRACTION' ? ?      ?      ?    ? r_sphericity_free            ? ? 
'X-RAY DIFFRACTION' ? ?      ?      ?    ? r_sphericity_bonded          ? ? 
# 
_refine_ls_shell.pdbx_refine_id                   'X-RAY DIFFRACTION' 
_refine_ls_shell.d_res_high                       2.300 
_refine_ls_shell.d_res_low                        2.359 
_refine_ls_shell.number_reflns_all                ? 
_refine_ls_shell.number_reflns_obs                ? 
_refine_ls_shell.number_reflns_R_free             45 
_refine_ls_shell.number_reflns_R_work             733 
_refine_ls_shell.percent_reflns_obs               99.87 
_refine_ls_shell.percent_reflns_R_free            ? 
_refine_ls_shell.R_factor_all                     ? 
_refine_ls_shell.R_factor_obs                     ? 
_refine_ls_shell.R_factor_R_free                  0.351 
_refine_ls_shell.R_factor_R_free_error            ? 
_refine_ls_shell.R_factor_R_work                  0.222 
_refine_ls_shell.redundancy_reflns_all            ? 
_refine_ls_shell.redundancy_reflns_obs            ? 
_refine_ls_shell.wR_factor_all                    ? 
_refine_ls_shell.wR_factor_obs                    ? 
_refine_ls_shell.wR_factor_R_free                 ? 
_refine_ls_shell.wR_factor_R_work                 ? 
_refine_ls_shell.pdbx_total_number_of_bins_used   20 
_refine_ls_shell.pdbx_phase_error                 ? 
_refine_ls_shell.pdbx_fsc_work                    ? 
_refine_ls_shell.pdbx_fsc_free                    ? 
# 
_struct.entry_id                     5GNA 
_struct.title                        'Crystal Structure of flagellin assembly related protein' 
_struct.pdbx_model_details           ? 
_struct.pdbx_formula_weight          ? 
_struct.pdbx_formula_weight_method   ? 
_struct.pdbx_model_type_details      ? 
_struct.pdbx_CASP_flag               N 
# 
_struct_keywords.entry_id        5GNA 
_struct_keywords.text            'flagellin assembly related protein, GENE REGULATION' 
_struct_keywords.pdbx_keywords   'GENE REGULATION' 
# 
loop_
_struct_asym.id 
_struct_asym.pdbx_blank_PDB_chainid_flag 
_struct_asym.pdbx_modified 
_struct_asym.entity_id 
_struct_asym.details 
A N N 1 ? 
B N N 2 ? 
C N N 3 ? 
D N N 3 ? 
# 
loop_
_struct_conf.conf_type_id 
_struct_conf.id 
_struct_conf.pdbx_PDB_helix_id 
_struct_conf.beg_label_comp_id 
_struct_conf.beg_label_asym_id 
_struct_conf.beg_label_seq_id 
_struct_conf.pdbx_beg_PDB_ins_code 
_struct_conf.end_label_comp_id 
_struct_conf.end_label_asym_id 
_struct_conf.end_label_seq_id 
_struct_conf.pdbx_end_PDB_ins_code 
_struct_conf.beg_auth_comp_id 
_struct_conf.beg_auth_asym_id 
_struct_conf.beg_auth_seq_id 
_struct_conf.end_auth_comp_id 
_struct_conf.end_auth_asym_id 
_struct_conf.end_auth_seq_id 
_struct_conf.pdbx_PDB_helix_class 
_struct_conf.details 
_struct_conf.pdbx_PDB_helix_length 
HELX_P HELX_P1 AA1 SER A 2  ? ARG A 29 ? SER A 0   ARG A 27  1 ? 28 
HELX_P HELX_P2 AA2 GLU A 31 ? LYS A 52 ? GLU A 29  LYS A 50  1 ? 22 
HELX_P HELX_P3 AA3 THR A 59 ? GLY A 96 ? THR A 57  GLY A 94  1 ? 38 
HELX_P HELX_P4 AA4 THR B 14 ? LYS B 66 ? THR B 414 LYS B 466 1 ? 53 
# 
_struct_conf_type.id          HELX_P 
_struct_conf_type.criteria    ? 
_struct_conf_type.reference   ? 
# 
_atom_sites.entry_id                    5GNA 
_atom_sites.fract_transf_matrix[1][1]   -0.01633413 
_atom_sites.fract_transf_matrix[1][2]   -0.00845484 
_atom_sites.fract_transf_matrix[1][3]   -0.00739344 
_atom_sites.fract_transf_matrix[2][1]   -0.00466464 
_atom_sites.fract_transf_matrix[2][2]   0.01697708 
_atom_sites.fract_transf_matrix[2][3]   -0.00910885 
_atom_sites.fract_transf_matrix[3][1]   0.00279252 
_atom_sites.fract_transf_matrix[3][2]   -0.00157593 
_atom_sites.fract_transf_matrix[3][3]   -0.00436727 
_atom_sites.fract_transf_vector[1]      -0.281916 
_atom_sites.fract_transf_vector[2]      -0.010698 
_atom_sites.fract_transf_vector[3]      -0.050001 
# 
loop_
_atom_type.symbol 
C 
N 
O 
S 
# 
loop_
_atom_site.group_PDB 
_atom_site.id 
_atom_site.type_symbol 
_atom_site.label_atom_id 
_atom_site.label_alt_id 
_atom_site.label_comp_id 
_atom_site.label_asym_id 
_atom_site.label_entity_id 
_atom_site.label_seq_id 
_atom_site.pdbx_PDB_ins_code 
_atom_site.Cartn_x 
_atom_site.Cartn_y 
_atom_site.Cartn_z 
_atom_site.occupancy 
_atom_site.B_iso_or_equiv 
_atom_site.pdbx_formal_charge 
_atom_site.auth_seq_id 
_atom_site.auth_comp_id 
_atom_site.auth_asym_id 
_atom_site.auth_atom_id 
_atom_site.pdbx_PDB_model_num 
ATOM   1    N N   . GLY A 1 1  ? 22.535  8.751   -24.688 1.00 109.10 ? -1  GLY A N   1 
ATOM   2    C CA  . GLY A 1 1  ? 21.137  8.702   -25.208 1.00 108.73 ? -1  GLY A CA  1 
ATOM   3    C C   . GLY A 1 1  ? 20.260  7.665   -24.524 1.00 109.61 ? -1  GLY A C   1 
ATOM   4    O O   . GLY A 1 1  ? 19.309  8.019   -23.826 1.00 111.19 ? -1  GLY A O   1 
ATOM   5    N N   . SER A 1 2  ? 20.582  6.388   -24.725 1.00 105.59 ? 0   SER A N   1 
ATOM   6    C CA  . SER A 1 2  ? 19.737  5.281   -24.258 1.00 102.27 ? 0   SER A CA  1 
ATOM   7    C C   . SER A 1 2  ? 20.366  4.404   -23.165 1.00 100.67 ? 0   SER A C   1 
ATOM   8    O O   . SER A 1 2  ? 19.771  3.400   -22.759 1.00 101.34 ? 0   SER A O   1 
ATOM   9    C CB  . SER A 1 2  ? 19.297  4.418   -25.446 1.00 102.40 ? 0   SER A CB  1 
ATOM   10   O OG  . SER A 1 2  ? 18.283  5.072   -26.192 1.00 99.83  ? 0   SER A OG  1 
ATOM   11   N N   . MET A 1 3  ? 21.544  4.774   -22.673 1.00 98.86  ? 1   MET A N   1 
ATOM   12   C CA  . MET A 1 3  ? 22.030  4.200   -21.420 1.00 94.09  ? 1   MET A CA  1 
ATOM   13   C C   . MET A 1 3  ? 21.184  4.842   -20.312 1.00 86.83  ? 1   MET A C   1 
ATOM   14   O O   . MET A 1 3  ? 20.924  4.224   -19.270 1.00 79.19  ? 1   MET A O   1 
ATOM   15   C CB  . MET A 1 3  ? 23.542  4.433   -21.233 1.00 96.87  ? 1   MET A CB  1 
ATOM   16   C CG  . MET A 1 3  ? 24.257  3.318   -20.466 1.00 98.92  ? 1   MET A CG  1 
ATOM   17   S SD  . MET A 1 3  ? 26.065  3.316   -20.558 1.00 101.36 ? 1   MET A SD  1 
ATOM   18   C CE  . MET A 1 3  ? 26.515  4.953   -19.991 1.00 98.45  ? 1   MET A CE  1 
ATOM   19   N N   . THR A 1 4  ? 20.728  6.073   -20.572 1.00 77.48  ? 2   THR A N   1 
ATOM   20   C CA  . THR A 1 4  ? 19.778  6.767   -19.701 1.00 72.85  ? 2   THR A CA  1 
ATOM   21   C C   . THR A 1 4  ? 18.434  6.026   -19.646 1.00 67.08  ? 2   THR A C   1 
ATOM   22   O O   . THR A 1 4  ? 17.792  5.974   -18.599 1.00 64.96  ? 2   THR A O   1 
ATOM   23   C CB  . THR A 1 4  ? 19.574  8.248   -20.136 1.00 73.98  ? 2   THR A CB  1 
ATOM   24   O OG1 . THR A 1 4  ? 19.533  9.090   -18.979 1.00 76.09  ? 2   THR A OG1 1 
ATOM   25   C CG2 . THR A 1 4  ? 18.288  8.459   -20.956 1.00 74.19  ? 2   THR A CG2 1 
ATOM   26   N N   . SER A 1 5  ? 18.016  5.461   -20.777 1.00 62.86  ? 3   SER A N   1 
ATOM   27   C CA  . SER A 1 5  ? 16.723  4.788   -20.868 1.00 60.54  ? 3   SER A CA  1 
ATOM   28   C C   . SER A 1 5  ? 16.727  3.461   -20.115 1.00 56.50  ? 3   SER A C   1 
ATOM   29   O O   . SER A 1 5  ? 15.699  3.048   -19.587 1.00 56.10  ? 3   SER A O   1 
ATOM   30   C CB  . SER A 1 5  ? 16.307  4.577   -22.334 1.00 60.70  ? 3   SER A CB  1 
ATOM   31   O OG  . SER A 1 5  ? 17.007  3.498   -22.937 1.00 60.83  ? 3   SER A OG  1 
ATOM   32   N N   . THR A 1 6  ? 17.880  2.797   -20.059 1.00 53.54  ? 4   THR A N   1 
ATOM   33   C CA  . THR A 1 6  ? 17.997  1.550   -19.302 1.00 51.68  ? 4   THR A CA  1 
ATOM   34   C C   . THR A 1 6  ? 17.934  1.797   -17.791 1.00 51.27  ? 4   THR A C   1 
ATOM   35   O O   . THR A 1 6  ? 17.232  1.074   -17.082 1.00 50.70  ? 4   THR A O   1 
ATOM   36   C CB  . THR A 1 6  ? 19.281  0.782   -19.663 1.00 50.91  ? 4   THR A CB  1 
ATOM   37   O OG1 . THR A 1 6  ? 19.292  0.524   -21.070 1.00 50.08  ? 4   THR A OG1 1 
ATOM   38   C CG2 . THR A 1 6  ? 19.362  -0.553  -18.917 1.00 48.87  ? 4   THR A CG2 1 
ATOM   39   N N   . VAL A 1 7  ? 18.654  2.807   -17.298 1.00 49.68  ? 5   VAL A N   1 
ATOM   40   C CA  . VAL A 1 7  ? 18.628  3.108   -15.864 1.00 49.59  ? 5   VAL A CA  1 
ATOM   41   C C   . VAL A 1 7  ? 17.252  3.585   -15.418 1.00 49.03  ? 5   VAL A C   1 
ATOM   42   O O   . VAL A 1 7  ? 16.778  3.205   -14.350 1.00 48.34  ? 5   VAL A O   1 
ATOM   43   C CB  . VAL A 1 7  ? 19.709  4.129   -15.406 1.00 49.73  ? 5   VAL A CB  1 
ATOM   44   C CG1 . VAL A 1 7  ? 21.089  3.514   -15.503 1.00 50.31  ? 5   VAL A CG1 1 
ATOM   45   C CG2 . VAL A 1 7  ? 19.647  5.437   -16.183 1.00 50.19  ? 5   VAL A CG2 1 
ATOM   46   N N   . GLU A 1 8  ? 16.618  4.416   -16.239 1.00 49.33  ? 6   GLU A N   1 
ATOM   47   C CA  . GLU A 1 8  ? 15.264  4.888   -15.968 1.00 50.91  ? 6   GLU A CA  1 
ATOM   48   C C   . GLU A 1 8  ? 14.299  3.712   -15.853 1.00 48.48  ? 6   GLU A C   1 
ATOM   49   O O   . GLU A 1 8  ? 13.499  3.644   -14.921 1.00 46.52  ? 6   GLU A O   1 
ATOM   50   C CB  . GLU A 1 8  ? 14.810  5.857   -17.061 1.00 55.29  ? 6   GLU A CB  1 
ATOM   51   C CG  . GLU A 1 8  ? 15.446  7.238   -16.943 1.00 58.92  ? 6   GLU A CG  1 
ATOM   52   C CD  . GLU A 1 8  ? 15.222  8.116   -18.164 1.00 63.58  ? 6   GLU A CD  1 
ATOM   53   O OE1 . GLU A 1 8  ? 14.895  7.592   -19.253 1.00 64.17  ? 6   GLU A OE1 1 
ATOM   54   O OE2 . GLU A 1 8  ? 15.386  9.350   -18.036 1.00 71.35  ? 6   GLU A OE2 1 
ATOM   55   N N   . PHE A 1 9  ? 14.406  2.785   -16.798 1.00 46.68  ? 7   PHE A N   1 
ATOM   56   C CA  . PHE A 1 9  ? 13.649  1.535   -16.778 1.00 46.50  ? 7   PHE A CA  1 
ATOM   57   C C   . PHE A 1 9  ? 13.889  0.764   -15.485 1.00 46.00  ? 7   PHE A C   1 
ATOM   58   O O   . PHE A 1 9  ? 12.950  0.312   -14.835 1.00 44.06  ? 7   PHE A O   1 
ATOM   59   C CB  . PHE A 1 9  ? 14.028  0.681   -17.996 1.00 46.78  ? 7   PHE A CB  1 
ATOM   60   C CG  . PHE A 1 9  ? 13.669  -0.770  -17.866 1.00 47.32  ? 7   PHE A CG  1 
ATOM   61   C CD1 . PHE A 1 9  ? 12.342  -1.188  -17.963 1.00 48.73  ? 7   PHE A CD1 1 
ATOM   62   C CD2 . PHE A 1 9  ? 14.656  -1.724  -17.670 1.00 48.66  ? 7   PHE A CD2 1 
ATOM   63   C CE1 . PHE A 1 9  ? 12.012  -2.529  -17.853 1.00 48.04  ? 7   PHE A CE1 1 
ATOM   64   C CE2 . PHE A 1 9  ? 14.331  -3.068  -17.559 1.00 50.15  ? 7   PHE A CE2 1 
ATOM   65   C CZ  . PHE A 1 9  ? 13.007  -3.470  -17.649 1.00 50.03  ? 7   PHE A CZ  1 
ATOM   66   N N   . ILE A 1 10 ? 15.156  0.622   -15.121 1.00 46.20  ? 8   ILE A N   1 
ATOM   67   C CA  . ILE A 1 10 ? 15.531  -0.052  -13.886 1.00 46.37  ? 8   ILE A CA  1 
ATOM   68   C C   . ILE A 1 10 ? 14.955  0.683   -12.674 1.00 44.16  ? 8   ILE A C   1 
ATOM   69   O O   . ILE A 1 10 ? 14.410  0.060   -11.767 1.00 42.71  ? 8   ILE A O   1 
ATOM   70   C CB  . ILE A 1 10 ? 17.068  -0.182  -13.771 1.00 47.79  ? 8   ILE A CB  1 
ATOM   71   C CG1 . ILE A 1 10 ? 17.586  -1.201  -14.791 1.00 48.44  ? 8   ILE A CG1 1 
ATOM   72   C CG2 . ILE A 1 10 ? 17.477  -0.629  -12.376 1.00 49.38  ? 8   ILE A CG2 1 
ATOM   73   C CD1 . ILE A 1 10 ? 19.097  -1.245  -14.898 1.00 49.30  ? 8   ILE A CD1 1 
ATOM   74   N N   . ASN A 1 11 ? 15.064  2.006   -12.672 1.00 43.59  ? 9   ASN A N   1 
ATOM   75   C CA  . ASN A 1 11 ? 14.601  2.811   -11.541 1.00 44.29  ? 9   ASN A CA  1 
ATOM   76   C C   . ASN A 1 11 ? 13.080  2.753   -11.342 1.00 44.10  ? 9   ASN A C   1 
ATOM   77   O O   . ASN A 1 11 ? 12.608  2.729   -10.203 1.00 45.11  ? 9   ASN A O   1 
ATOM   78   C CB  . ASN A 1 11 ? 15.093  4.258   -11.672 1.00 43.69  ? 9   ASN A CB  1 
ATOM   79   C CG  . ASN A 1 11 ? 16.599  4.392   -11.439 1.00 43.95  ? 9   ASN A CG  1 
ATOM   80   O OD1 . ASN A 1 11 ? 17.212  3.583   -10.740 1.00 44.97  ? 9   ASN A OD1 1 
ATOM   81   N ND2 . ASN A 1 11 ? 17.196  5.407   -12.034 1.00 44.36  ? 9   ASN A ND2 1 
ATOM   82   N N   . ARG A 1 12 ? 12.327  2.715   -12.443 1.00 42.18  ? 10  ARG A N   1 
ATOM   83   C CA  . ARG A 1 12 ? 10.862  2.586   -12.384 1.00 42.55  ? 10  ARG A CA  1 
ATOM   84   C C   . ARG A 1 12 ? 10.439  1.372   -11.575 1.00 42.37  ? 10  ARG A C   1 
ATOM   85   O O   . ARG A 1 12 ? 9.596   1.469   -10.684 1.00 42.30  ? 10  ARG A O   1 
ATOM   86   C CB  . ARG A 1 12 ? 10.262  2.492   -13.790 1.00 43.68  ? 10  ARG A CB  1 
ATOM   87   C CG  . ARG A 1 12 ? 10.187  3.823   -14.523 1.00 43.90  ? 10  ARG A CG  1 
ATOM   88   C CD  . ARG A 1 12 ? 9.266   3.761   -15.735 1.00 46.23  ? 10  ARG A CD  1 
ATOM   89   N NE  . ARG A 1 12 ? 9.699   2.856   -16.804 1.00 45.36  ? 10  ARG A NE  1 
ATOM   90   C CZ  . ARG A 1 12 ? 10.526  3.173   -17.798 1.00 44.95  ? 10  ARG A CZ  1 
ATOM   91   N NH1 . ARG A 1 12 ? 11.082  4.378   -17.875 1.00 47.72  ? 10  ARG A NH1 1 
ATOM   92   N NH2 . ARG A 1 12 ? 10.816  2.260   -18.719 1.00 45.94  ? 10  ARG A NH2 1 
ATOM   93   N N   . TRP A 1 13 ? 11.049  0.232   -11.870 1.00 42.49  ? 11  TRP A N   1 
ATOM   94   C CA  . TRP A 1 13 ? 10.736  -0.998  -11.159 1.00 42.74  ? 11  TRP A CA  1 
ATOM   95   C C   . TRP A 1 13 ? 11.298  -1.052  -9.745  1.00 43.64  ? 11  TRP A C   1 
ATOM   96   O O   . TRP A 1 13 ? 10.668  -1.615  -8.853  1.00 41.60  ? 11  TRP A O   1 
ATOM   97   C CB  . TRP A 1 13 ? 11.200  -2.207  -11.963 1.00 43.73  ? 11  TRP A CB  1 
ATOM   98   C CG  . TRP A 1 13 ? 10.270  -2.502  -13.090 1.00 44.39  ? 11  TRP A CG  1 
ATOM   99   C CD1 . TRP A 1 13 ? 10.460  -2.218  -14.408 1.00 43.88  ? 11  TRP A CD1 1 
ATOM   100  C CD2 . TRP A 1 13 ? 8.979   -3.101  -12.986 1.00 44.39  ? 11  TRP A CD2 1 
ATOM   101  N NE1 . TRP A 1 13 ? 9.376   -2.628  -15.140 1.00 45.62  ? 11  TRP A NE1 1 
ATOM   102  C CE2 . TRP A 1 13 ? 8.449   -3.175  -14.291 1.00 45.93  ? 11  TRP A CE2 1 
ATOM   103  C CE3 . TRP A 1 13 ? 8.222   -3.597  -11.919 1.00 45.50  ? 11  TRP A CE3 1 
ATOM   104  C CZ2 . TRP A 1 13 ? 7.189   -3.721  -14.559 1.00 45.71  ? 11  TRP A CZ2 1 
ATOM   105  C CZ3 . TRP A 1 13 ? 6.973   -4.145  -12.187 1.00 46.50  ? 11  TRP A CZ3 1 
ATOM   106  C CH2 . TRP A 1 13 ? 6.472   -4.202  -13.495 1.00 45.54  ? 11  TRP A CH2 1 
ATOM   107  N N   . GLN A 1 14 ? 12.482  -0.485  -9.537  1.00 45.02  ? 12  GLN A N   1 
ATOM   108  C CA  . GLN A 1 14 ? 13.058  -0.436  -8.192  1.00 46.26  ? 12  GLN A CA  1 
ATOM   109  C C   . GLN A 1 14 ? 12.218  0.454   -7.282  1.00 43.98  ? 12  GLN A C   1 
ATOM   110  O O   . GLN A 1 14 ? 12.072  0.175   -6.099  1.00 41.99  ? 12  GLN A O   1 
ATOM   111  C CB  . GLN A 1 14 ? 14.498  0.069   -8.229  1.00 48.32  ? 12  GLN A CB  1 
ATOM   112  C CG  . GLN A 1 14 ? 15.477  -0.894  -8.871  1.00 50.78  ? 12  GLN A CG  1 
ATOM   113  C CD  . GLN A 1 14 ? 16.833  -0.256  -9.126  1.00 53.47  ? 12  GLN A CD  1 
ATOM   114  O OE1 . GLN A 1 14 ? 16.935  0.952   -9.361  1.00 52.02  ? 12  GLN A OE1 1 
ATOM   115  N NE2 . GLN A 1 14 ? 17.882  -1.072  -9.096  1.00 55.10  ? 12  GLN A NE2 1 
ATOM   116  N N   . ARG A 1 15 ? 11.661  1.517   -7.841  1.00 45.00  ? 13  ARG A N   1 
ATOM   117  C CA  . ARG A 1 15 ? 10.768  2.369   -7.080  1.00 47.30  ? 13  ARG A CA  1 
ATOM   118  C C   . ARG A 1 15 ? 9.540   1.593   -6.588  1.00 47.49  ? 13  ARG A C   1 
ATOM   119  O O   . ARG A 1 15 ? 9.153   1.695   -5.420  1.00 44.94  ? 13  ARG A O   1 
ATOM   120  C CB  . ARG A 1 15 ? 10.317  3.568   -7.900  1.00 50.79  ? 13  ARG A CB  1 
ATOM   121  C CG  . ARG A 1 15 ? 9.595   4.552   -7.012  1.00 55.90  ? 13  ARG A CG  1 
ATOM   122  C CD  . ARG A 1 15 ? 8.973   5.748   -7.703  1.00 58.92  ? 13  ARG A CD  1 
ATOM   123  N NE  . ARG A 1 15 ? 8.356   6.547   -6.646  1.00 64.87  ? 13  ARG A NE  1 
ATOM   124  C CZ  . ARG A 1 15 ? 7.659   7.667   -6.816  1.00 71.12  ? 13  ARG A CZ  1 
ATOM   125  N NH1 . ARG A 1 15 ? 7.461   8.178   -8.026  1.00 74.60  ? 13  ARG A NH1 1 
ATOM   126  N NH2 . ARG A 1 15 ? 7.160   8.282   -5.746  1.00 71.64  ? 13  ARG A NH2 1 
ATOM   127  N N   . ILE A 1 16 ? 8.937   0.821   -7.487  1.00 45.14  ? 14  ILE A N   1 
ATOM   128  C CA  . ILE A 1 16 ? 7.789   -0.007  -7.146  1.00 44.41  ? 14  ILE A CA  1 
ATOM   129  C C   . ILE A 1 16 ? 8.139   -0.950  -5.995  1.00 46.46  ? 14  ILE A C   1 
ATOM   130  O O   . ILE A 1 16 ? 7.385   -1.050  -5.023  1.00 46.32  ? 14  ILE A O   1 
ATOM   131  C CB  . ILE A 1 16 ? 7.277   -0.807  -8.372  1.00 42.88  ? 14  ILE A CB  1 
ATOM   132  C CG1 . ILE A 1 16 ? 6.626   0.142   -9.386  1.00 43.88  ? 14  ILE A CG1 1 
ATOM   133  C CG2 . ILE A 1 16 ? 6.263   -1.860  -7.952  1.00 42.96  ? 14  ILE A CG2 1 
ATOM   134  C CD1 . ILE A 1 16 ? 6.363   -0.479  -10.740 1.00 44.27  ? 14  ILE A CD1 1 
ATOM   135  N N   . ALA A 1 17 ? 9.273   -1.639  -6.104  1.00 47.30  ? 15  ALA A N   1 
ATOM   136  C CA  . ALA A 1 17 ? 9.711   -2.575  -5.054  1.00 50.69  ? 15  ALA A CA  1 
ATOM   137  C C   . ALA A 1 17 ? 9.981   -1.865  -3.726  1.00 51.38  ? 15  ALA A C   1 
ATOM   138  O O   . ALA A 1 17 ? 9.687   -2.394  -2.658  1.00 53.04  ? 15  ALA A O   1 
ATOM   139  C CB  . ALA A 1 17 ? 10.952  -3.330  -5.501  1.00 50.69  ? 15  ALA A CB  1 
ATOM   140  N N   . LEU A 1 18 ? 10.551  -0.671  -3.824  1.00 52.50  ? 16  LEU A N   1 
ATOM   141  C CA  . LEU A 1 18 ? 10.840  0.196   -2.679  1.00 55.80  ? 16  LEU A CA  1 
ATOM   142  C C   . LEU A 1 18 ? 9.558   0.549   -1.924  1.00 52.87  ? 16  LEU A C   1 
ATOM   143  O O   . LEU A 1 18 ? 9.444   0.328   -0.715  1.00 47.49  ? 16  LEU A O   1 
ATOM   144  C CB  . LEU A 1 18 ? 11.539  1.469   -3.196  1.00 58.30  ? 16  LEU A CB  1 
ATOM   145  C CG  . LEU A 1 18 ? 11.377  2.855   -2.558  1.00 63.85  ? 16  LEU A CG  1 
ATOM   146  C CD1 . LEU A 1 18 ? 12.664  3.260   -1.863  1.00 66.46  ? 16  LEU A CD1 1 
ATOM   147  C CD2 . LEU A 1 18 ? 11.044  3.909   -3.608  1.00 64.85  ? 16  LEU A CD2 1 
ATOM   148  N N   . LEU A 1 19 ? 8.593   1.087   -2.661  1.00 51.48  ? 17  LEU A N   1 
ATOM   149  C CA  . LEU A 1 19 ? 7.331   1.521   -2.074  1.00 51.17  ? 17  LEU A CA  1 
ATOM   150  C C   . LEU A 1 19 ? 6.567   0.345   -1.503  1.00 49.27  ? 17  LEU A C   1 
ATOM   151  O O   . LEU A 1 19 ? 5.911   0.469   -0.475  1.00 49.17  ? 17  LEU A O   1 
ATOM   152  C CB  . LEU A 1 19 ? 6.498   2.275   -3.106  1.00 50.79  ? 17  LEU A CB  1 
ATOM   153  C CG  . LEU A 1 19 ? 7.138   3.606   -3.492  1.00 48.98  ? 17  LEU A CG  1 
ATOM   154  C CD1 . LEU A 1 19 ? 6.421   4.243   -4.667  1.00 50.36  ? 17  LEU A CD1 1 
ATOM   155  C CD2 . LEU A 1 19 ? 7.155   4.560   -2.307  1.00 50.77  ? 17  LEU A CD2 1 
ATOM   156  N N   . SER A 1 20 ? 6.693   -0.800  -2.155  1.00 49.22  ? 18  SER A N   1 
ATOM   157  C CA  . SER A 1 20 ? 6.109   -2.045  -1.668  1.00 50.02  ? 18  SER A CA  1 
ATOM   158  C C   . SER A 1 20 ? 6.697   -2.490  -0.317  1.00 52.16  ? 18  SER A C   1 
ATOM   159  O O   . SER A 1 20 ? 5.960   -2.973  0.549   1.00 51.12  ? 18  SER A O   1 
ATOM   160  C CB  . SER A 1 20 ? 6.260   -3.134  -2.733  1.00 50.35  ? 18  SER A CB  1 
ATOM   161  O OG  . SER A 1 20 ? 6.643   -4.368  -2.182  1.00 51.71  ? 18  SER A OG  1 
ATOM   162  N N   . GLN A 1 21 ? 8.013   -2.335  -0.142  1.00 52.39  ? 19  GLN A N   1 
ATOM   163  C CA  . GLN A 1 21 ? 8.661   -2.617  1.152   1.00 52.27  ? 19  GLN A CA  1 
ATOM   164  C C   . GLN A 1 21 ? 8.263   -1.568  2.187   1.00 48.27  ? 19  GLN A C   1 
ATOM   165  O O   . GLN A 1 21 ? 8.041   -1.891  3.347   1.00 51.57  ? 19  GLN A O   1 
ATOM   166  C CB  . GLN A 1 21 ? 10.193  -2.667  1.015   1.00 54.40  ? 19  GLN A CB  1 
ATOM   167  C CG  . GLN A 1 21 ? 10.953  -2.995  2.310   1.00 56.64  ? 19  GLN A CG  1 
ATOM   168  C CD  . GLN A 1 21 ? 11.177  -1.786  3.229   1.00 61.47  ? 19  GLN A CD  1 
ATOM   169  O OE1 . GLN A 1 21 ? 11.372  -0.659  2.764   1.00 62.48  ? 19  GLN A OE1 1 
ATOM   170  N NE2 . GLN A 1 21 ? 11.151  -2.021  4.544   1.00 63.51  ? 19  GLN A NE2 1 
ATOM   171  N N   . SER A 1 22 ? 8.183   -0.315  1.761   1.00 46.37  ? 20  SER A N   1 
ATOM   172  C CA  . SER A 1 22 ? 7.766   0.774   2.633   1.00 46.20  ? 20  SER A CA  1 
ATOM   173  C C   . SER A 1 22 ? 6.384   0.485   3.238   1.00 48.59  ? 20  SER A C   1 
ATOM   174  O O   . SER A 1 22 ? 6.212   0.524   4.467   1.00 44.97  ? 20  SER A O   1 
ATOM   175  C CB  . SER A 1 22 ? 7.744   2.078   1.842   1.00 46.08  ? 20  SER A CB  1 
ATOM   176  O OG  . SER A 1 22 ? 7.259   3.142   2.633   1.00 49.12  ? 20  SER A OG  1 
ATOM   177  N N   . LEU A 1 23 ? 5.419   0.168   2.369   1.00 47.56  ? 21  LEU A N   1 
ATOM   178  C CA  . LEU A 1 23 ? 4.069   -0.210  2.799   1.00 46.20  ? 21  LEU A CA  1 
ATOM   179  C C   . LEU A 1 23 ? 4.123   -1.340  3.821   1.00 44.49  ? 21  LEU A C   1 
ATOM   180  O O   . LEU A 1 23 ? 3.526   -1.243  4.890   1.00 43.80  ? 21  LEU A O   1 
ATOM   181  C CB  . LEU A 1 23 ? 3.194   -0.633  1.604   1.00 45.37  ? 21  LEU A CB  1 
ATOM   182  C CG  . LEU A 1 23 ? 2.855   0.397   0.521   1.00 45.61  ? 21  LEU A CG  1 
ATOM   183  C CD1 . LEU A 1 23 ? 2.006   -0.236  -0.576  1.00 47.25  ? 21  LEU A CD1 1 
ATOM   184  C CD2 . LEU A 1 23 ? 2.160   1.620   1.093   1.00 45.25  ? 21  LEU A CD2 1 
ATOM   185  N N   . LEU A 1 24 ? 4.860   -2.397  3.503   1.00 44.48  ? 22  LEU A N   1 
ATOM   186  C CA  . LEU A 1 24 ? 4.931   -3.571  4.375   1.00 46.17  ? 22  LEU A CA  1 
ATOM   187  C C   . LEU A 1 24 ? 5.453   -3.229  5.768   1.00 46.21  ? 22  LEU A C   1 
ATOM   188  O O   . LEU A 1 24 ? 4.904   -3.680  6.777   1.00 45.35  ? 22  LEU A O   1 
ATOM   189  C CB  . LEU A 1 24 ? 5.814   -4.657  3.751   1.00 48.58  ? 22  LEU A CB  1 
ATOM   190  C CG  . LEU A 1 24 ? 6.053   -5.909  4.609   1.00 50.24  ? 22  LEU A CG  1 
ATOM   191  C CD1 . LEU A 1 24 ? 4.757   -6.664  4.846   1.00 52.43  ? 22  LEU A CD1 1 
ATOM   192  C CD2 . LEU A 1 24 ? 7.082   -6.820  3.960   1.00 52.33  ? 22  LEU A CD2 1 
ATOM   193  N N   . GLU A 1 25 ? 6.523   -2.447  5.818   1.00 46.55  ? 23  GLU A N   1 
ATOM   194  C CA  . GLU A 1 25 ? 7.126   -2.084  7.092   1.00 48.19  ? 23  GLU A CA  1 
ATOM   195  C C   . GLU A 1 25 ? 6.232   -1.146  7.892   1.00 46.47  ? 23  GLU A C   1 
ATOM   196  O O   . GLU A 1 25 ? 6.112   -1.292  9.109   1.00 46.30  ? 23  GLU A O   1 
ATOM   197  C CB  . GLU A 1 25 ? 8.492   -1.441  6.889   1.00 50.54  ? 23  GLU A CB  1 
ATOM   198  C CG  . GLU A 1 25 ? 9.106   -0.990  8.202   1.00 54.78  ? 23  GLU A CG  1 
ATOM   199  C CD  . GLU A 1 25 ? 10.604  -0.813  8.141   1.00 57.41  ? 23  GLU A CD  1 
ATOM   200  O OE1 . GLU A 1 25 ? 11.182  -0.914  7.036   1.00 61.02  ? 23  GLU A OE1 1 
ATOM   201  O OE2 . GLU A 1 25 ? 11.191  -0.561  9.215   1.00 59.31  ? 23  GLU A OE2 1 
ATOM   202  N N   . LEU A 1 26 ? 5.617   -0.180  7.211   1.00 44.77  ? 24  LEU A N   1 
ATOM   203  C CA  . LEU A 1 26 ? 4.647   0.708   7.852   1.00 43.80  ? 24  LEU A CA  1 
ATOM   204  C C   . LEU A 1 26 ? 3.510   -0.091  8.480   1.00 44.00  ? 24  LEU A C   1 
ATOM   205  O O   . LEU A 1 26 ? 3.074   0.218   9.586   1.00 45.95  ? 24  LEU A O   1 
ATOM   206  C CB  . LEU A 1 26 ? 4.083   1.722   6.854   1.00 43.53  ? 24  LEU A CB  1 
ATOM   207  C CG  . LEU A 1 26 ? 5.003   2.862   6.406   1.00 43.61  ? 24  LEU A CG  1 
ATOM   208  C CD1 . LEU A 1 26 ? 4.327   3.686   5.319   1.00 42.70  ? 24  LEU A CD1 1 
ATOM   209  C CD2 . LEU A 1 26 ? 5.397   3.751   7.578   1.00 44.04  ? 24  LEU A CD2 1 
ATOM   210  N N   . ALA A 1 27 ? 3.042   -1.118  7.773   1.00 44.23  ? 25  ALA A N   1 
ATOM   211  C CA  . ALA A 1 27 ? 2.025   -2.018  8.310   1.00 45.53  ? 25  ALA A CA  1 
ATOM   212  C C   . ALA A 1 27 ? 2.567   -2.799  9.500   1.00 46.16  ? 25  ALA A C   1 
ATOM   213  O O   . ALA A 1 27 ? 1.884   -2.928  10.510  1.00 47.07  ? 25  ALA A O   1 
ATOM   214  C CB  . ALA A 1 27 ? 1.520   -2.970  7.235   1.00 44.76  ? 25  ALA A CB  1 
ATOM   215  N N   . GLN A 1 28 ? 3.792   -3.305  9.391   1.00 47.85  ? 26  GLN A N   1 
ATOM   216  C CA  . GLN A 1 28 ? 4.427   -4.019  10.509  1.00 49.12  ? 26  GLN A CA  1 
ATOM   217  C C   . GLN A 1 28 ? 4.553   -3.147  11.755  1.00 49.18  ? 26  GLN A C   1 
ATOM   218  O O   . GLN A 1 28 ? 4.405   -3.637  12.872  1.00 51.84  ? 26  GLN A O   1 
ATOM   219  C CB  . GLN A 1 28 ? 5.803   -4.553  10.109  1.00 49.58  ? 26  GLN A CB  1 
ATOM   220  C CG  . GLN A 1 28 ? 5.733   -5.786  9.224   1.00 49.69  ? 26  GLN A CG  1 
ATOM   221  C CD  . GLN A 1 28 ? 7.043   -6.108  8.522   1.00 50.11  ? 26  GLN A CD  1 
ATOM   222  O OE1 . GLN A 1 28 ? 7.944   -5.278  8.436   1.00 51.53  ? 26  GLN A OE1 1 
ATOM   223  N NE2 . GLN A 1 28 ? 7.140   -7.319  7.997   1.00 50.34  ? 26  GLN A NE2 1 
ATOM   224  N N   . ARG A 1 29 ? 4.808   -1.856  11.565  1.00 48.11  ? 27  ARG A N   1 
ATOM   225  C CA  . ARG A 1 29 ? 4.935   -0.928  12.692  1.00 47.50  ? 27  ARG A CA  1 
ATOM   226  C C   . ARG A 1 29 ? 3.602   -0.319  13.131  1.00 46.70  ? 27  ARG A C   1 
ATOM   227  O O   . ARG A 1 29 ? 3.576   0.551   14.001  1.00 46.87  ? 27  ARG A O   1 
ATOM   228  C CB  . ARG A 1 29 ? 5.921   0.182   12.341  1.00 47.53  ? 27  ARG A CB  1 
ATOM   229  C CG  . ARG A 1 29 ? 7.317   -0.330  12.048  1.00 47.49  ? 27  ARG A CG  1 
ATOM   230  C CD  . ARG A 1 29 ? 8.239   0.800   11.647  1.00 48.57  ? 27  ARG A CD  1 
ATOM   231  N NE  . ARG A 1 29 ? 9.625   0.352   11.587  1.00 50.80  ? 27  ARG A NE  1 
ATOM   232  C CZ  . ARG A 1 29 ? 10.451  0.273   12.630  1.00 52.36  ? 27  ARG A CZ  1 
ATOM   233  N NH1 . ARG A 1 29 ? 11.694  -0.152  12.447  1.00 53.62  ? 27  ARG A NH1 1 
ATOM   234  N NH2 . ARG A 1 29 ? 10.054  0.611   13.853  1.00 53.35  ? 27  ARG A NH2 1 
ATOM   235  N N   . GLY A 1 30 ? 2.500   -0.765  12.537  1.00 45.79  ? 28  GLY A N   1 
ATOM   236  C CA  . GLY A 1 30 ? 1.181   -0.248  12.879  1.00 44.34  ? 28  GLY A CA  1 
ATOM   237  C C   . GLY A 1 30 ? 0.965   1.213   12.536  1.00 44.63  ? 28  GLY A C   1 
ATOM   238  O O   . GLY A 1 30 ? 0.152   1.879   13.177  1.00 44.17  ? 28  GLY A O   1 
ATOM   239  N N   . GLU A 1 31 ? 1.669   1.710   11.517  1.00 44.14  ? 29  GLU A N   1 
ATOM   240  C CA  . GLU A 1 31 ? 1.543   3.111   11.089  1.00 44.70  ? 29  GLU A CA  1 
ATOM   241  C C   . GLU A 1 31 ? 0.502   3.232   9.963   1.00 43.40  ? 29  GLU A C   1 
ATOM   242  O O   . GLU A 1 31 ? 0.845   3.413   8.795   1.00 42.34  ? 29  GLU A O   1 
ATOM   243  C CB  . GLU A 1 31 ? 2.900   3.648   10.619  1.00 45.61  ? 29  GLU A CB  1 
ATOM   244  C CG  . GLU A 1 31 ? 3.995   3.637   11.683  1.00 46.82  ? 29  GLU A CG  1 
ATOM   245  C CD  . GLU A 1 31 ? 3.858   4.748   12.715  1.00 48.08  ? 29  GLU A CD  1 
ATOM   246  O OE1 . GLU A 1 31 ? 3.154   5.754   12.457  1.00 48.78  ? 29  GLU A OE1 1 
ATOM   247  O OE2 . GLU A 1 31 ? 4.471   4.610   13.795  1.00 51.72  ? 29  GLU A OE2 1 
ATOM   248  N N   . TRP A 1 32 ? -0.772  3.157   10.332  1.00 42.07  ? 30  TRP A N   1 
ATOM   249  C CA  . TRP A 1 32 ? -1.849  2.968   9.353   1.00 41.55  ? 30  TRP A CA  1 
ATOM   250  C C   . TRP A 1 32 ? -2.171  4.219   8.542   1.00 41.42  ? 30  TRP A C   1 
ATOM   251  O O   . TRP A 1 32 ? -2.462  4.120   7.350   1.00 40.19  ? 30  TRP A O   1 
ATOM   252  C CB  . TRP A 1 32 ? -3.100  2.429   10.051  1.00 41.62  ? 30  TRP A CB  1 
ATOM   253  C CG  . TRP A 1 32 ? -2.795  1.177   10.777  1.00 40.74  ? 30  TRP A CG  1 
ATOM   254  C CD1 . TRP A 1 32 ? -2.720  1.010   12.125  1.00 40.81  ? 30  TRP A CD1 1 
ATOM   255  C CD2 . TRP A 1 32 ? -2.464  -0.083  10.194  1.00 40.63  ? 30  TRP A CD2 1 
ATOM   256  N NE1 . TRP A 1 32 ? -2.377  -0.287  12.422  1.00 41.52  ? 30  TRP A NE1 1 
ATOM   257  C CE2 . TRP A 1 32 ? -2.215  -0.980  11.251  1.00 41.60  ? 30  TRP A CE2 1 
ATOM   258  C CE3 . TRP A 1 32 ? -2.360  -0.544  8.879   1.00 40.31  ? 30  TRP A CE3 1 
ATOM   259  C CZ2 . TRP A 1 32 ? -1.874  -2.316  11.035  1.00 41.03  ? 30  TRP A CZ2 1 
ATOM   260  C CZ3 . TRP A 1 32 ? -2.020  -1.869  8.664   1.00 41.20  ? 30  TRP A CZ3 1 
ATOM   261  C CH2 . TRP A 1 32 ? -1.781  -2.741  9.740   1.00 40.50  ? 30  TRP A CH2 1 
ATOM   262  N N   . ASP A 1 33 ? -2.099  5.386   9.177   1.00 42.38  ? 31  ASP A N   1 
ATOM   263  C CA  . ASP A 1 33 ? -2.318  6.653   8.480   1.00 43.25  ? 31  ASP A CA  1 
ATOM   264  C C   . ASP A 1 33 ? -1.239  6.927   7.429   1.00 42.96  ? 31  ASP A C   1 
ATOM   265  O O   . ASP A 1 33 ? -1.552  7.350   6.318   1.00 44.34  ? 31  ASP A O   1 
ATOM   266  C CB  . ASP A 1 33 ? -2.386  7.821   9.473   1.00 45.32  ? 31  ASP A CB  1 
ATOM   267  C CG  . ASP A 1 33 ? -3.628  7.773   10.356  1.00 48.32  ? 31  ASP A CG  1 
ATOM   268  O OD1 . ASP A 1 33 ? -4.706  7.374   9.865   1.00 48.93  ? 31  ASP A OD1 1 
ATOM   269  O OD2 . ASP A 1 33 ? -3.522  8.133   11.549  1.00 51.72  ? 31  ASP A OD2 1 
ATOM   270  N N   . LEU A 1 34 ? 0.024   6.701   7.783   1.00 42.58  ? 32  LEU A N   1 
ATOM   271  C CA  . LEU A 1 34 ? 1.130   6.881   6.840   1.00 42.13  ? 32  LEU A CA  1 
ATOM   272  C C   . LEU A 1 34 ? 1.086   5.842   5.718   1.00 40.87  ? 32  LEU A C   1 
ATOM   273  O O   . LEU A 1 34 ? 1.403   6.147   4.567   1.00 40.14  ? 32  LEU A O   1 
ATOM   274  C CB  . LEU A 1 34 ? 2.482   6.794   7.561   1.00 42.79  ? 32  LEU A CB  1 
ATOM   275  C CG  . LEU A 1 34 ? 2.881   7.980   8.443   1.00 44.08  ? 32  LEU A CG  1 
ATOM   276  C CD1 . LEU A 1 34 ? 4.116   7.631   9.259   1.00 44.75  ? 32  LEU A CD1 1 
ATOM   277  C CD2 . LEU A 1 34 ? 3.123   9.229   7.608   1.00 44.94  ? 32  LEU A CD2 1 
ATOM   278  N N   . LEU A 1 35 ? 0.717   4.615   6.066   1.00 39.94  ? 33  LEU A N   1 
ATOM   279  C CA  . LEU A 1 35 ? 0.527   3.551   5.079   1.00 40.05  ? 33  LEU A CA  1 
ATOM   280  C C   . LEU A 1 35 ? -0.422  4.009   3.974   1.00 37.70  ? 33  LEU A C   1 
ATOM   281  O O   . LEU A 1 35 ? -0.115  3.880   2.795   1.00 36.96  ? 33  LEU A O   1 
ATOM   282  C CB  . LEU A 1 35 ? -0.015  2.281   5.749   1.00 41.39  ? 33  LEU A CB  1 
ATOM   283  C CG  . LEU A 1 35 ? -0.378  1.107   4.825   1.00 43.70  ? 33  LEU A CG  1 
ATOM   284  C CD1 . LEU A 1 35 ? 0.847   0.258   4.563   1.00 45.37  ? 33  LEU A CD1 1 
ATOM   285  C CD2 . LEU A 1 35 ? -1.481  0.237   5.399   1.00 44.60  ? 33  LEU A CD2 1 
ATOM   286  N N   . LEU A 1 36 ? -1.569  4.550   4.361   1.00 37.46  ? 34  LEU A N   1 
ATOM   287  C CA  . LEU A 1 36 ? -2.563  4.994   3.392   1.00 38.95  ? 34  LEU A CA  1 
ATOM   288  C C   . LEU A 1 36 ? -2.073  6.173   2.551   1.00 39.94  ? 34  LEU A C   1 
ATOM   289  O O   . LEU A 1 36 ? -2.461  6.318   1.395   1.00 38.39  ? 34  LEU A O   1 
ATOM   290  C CB  . LEU A 1 36 ? -3.882  5.345   4.092   1.00 38.51  ? 34  LEU A CB  1 
ATOM   291  C CG  . LEU A 1 36 ? -4.669  4.117   4.561   1.00 39.05  ? 34  LEU A CG  1 
ATOM   292  C CD1 . LEU A 1 36 ? -5.737  4.502   5.580   1.00 38.45  ? 34  LEU A CD1 1 
ATOM   293  C CD2 . LEU A 1 36 ? -5.276  3.370   3.374   1.00 38.89  ? 34  LEU A CD2 1 
ATOM   294  N N   . GLN A 1 37 ? -1.226  7.017   3.122   1.00 41.44  ? 35  GLN A N   1 
ATOM   295  C CA  . GLN A 1 37 ? -0.587  8.065   2.327   1.00 43.65  ? 35  GLN A CA  1 
ATOM   296  C C   . GLN A 1 37 ? 0.392   7.483   1.332   1.00 41.42  ? 35  GLN A C   1 
ATOM   297  O O   . GLN A 1 37 ? 0.422   7.878   0.181   1.00 41.02  ? 35  GLN A O   1 
ATOM   298  C CB  . GLN A 1 37 ? 0.164   9.032   3.210   1.00 49.15  ? 35  GLN A CB  1 
ATOM   299  C CG  . GLN A 1 37 ? -0.667  10.206  3.635   1.00 55.12  ? 35  GLN A CG  1 
ATOM   300  C CD  . GLN A 1 37 ? 0.186   11.244  4.306   1.00 61.89  ? 35  GLN A CD  1 
ATOM   301  O OE1 . GLN A 1 37 ? 1.072   10.910  5.092   1.00 64.54  ? 35  GLN A OE1 1 
ATOM   302  N NE2 . GLN A 1 37 ? -0.048  12.508  3.976   1.00 66.02  ? 35  GLN A NE2 1 
ATOM   303  N N   . GLN A 1 38 ? 1.199   6.547   1.800   1.00 41.59  ? 36  GLN A N   1 
ATOM   304  C CA  . GLN A 1 38 ? 2.206   5.910   0.970   1.00 43.02  ? 36  GLN A CA  1 
ATOM   305  C C   . GLN A 1 38 ? 1.539   5.098   -0.145  1.00 44.61  ? 36  GLN A C   1 
ATOM   306  O O   . GLN A 1 38 ? 2.043   5.050   -1.271  1.00 44.45  ? 36  GLN A O   1 
ATOM   307  C CB  . GLN A 1 38 ? 3.095   5.022   1.847   1.00 43.22  ? 36  GLN A CB  1 
ATOM   308  C CG  . GLN A 1 38 ? 4.319   4.442   1.164   1.00 45.25  ? 36  GLN A CG  1 
ATOM   309  C CD  . GLN A 1 38 ? 5.428   5.465   0.970   1.00 47.63  ? 36  GLN A CD  1 
ATOM   310  O OE1 . GLN A 1 38 ? 5.260   6.450   0.249   1.00 50.47  ? 36  GLN A OE1 1 
ATOM   311  N NE2 . GLN A 1 38 ? 6.573   5.228   1.600   1.00 46.68  ? 36  GLN A NE2 1 
ATOM   312  N N   . GLU A 1 39 ? 0.402   4.471   0.165   1.00 42.46  ? 37  GLU A N   1 
ATOM   313  C CA  . GLU A 1 39 ? -0.377  3.750   -0.845  1.00 42.60  ? 37  GLU A CA  1 
ATOM   314  C C   . GLU A 1 39 ? -0.573  4.582   -2.120  1.00 41.79  ? 37  GLU A C   1 
ATOM   315  O O   . GLU A 1 39 ? -0.449  4.055   -3.223  1.00 40.64  ? 37  GLU A O   1 
ATOM   316  C CB  . GLU A 1 39 ? -1.726  3.308   -0.260  1.00 44.15  ? 37  GLU A CB  1 
ATOM   317  C CG  . GLU A 1 39 ? -2.785  2.862   -1.263  1.00 45.98  ? 37  GLU A CG  1 
ATOM   318  C CD  . GLU A 1 39 ? -2.550  1.469   -1.826  1.00 48.41  ? 37  GLU A CD  1 
ATOM   319  O OE1 . GLU A 1 39 ? -1.410  0.954   -1.752  1.00 49.97  ? 37  GLU A OE1 1 
ATOM   320  O OE2 . GLU A 1 39 ? -3.523  0.887   -2.355  1.00 49.32  ? 37  GLU A OE2 1 
ATOM   321  N N   . VAL A 1 40 ? -0.857  5.873   -1.967  1.00 41.95  ? 38  VAL A N   1 
ATOM   322  C CA  . VAL A 1 40 ? -1.078  6.758   -3.115  1.00 43.20  ? 38  VAL A CA  1 
ATOM   323  C C   . VAL A 1 40 ? 0.102   6.713   -4.090  1.00 45.41  ? 38  VAL A C   1 
ATOM   324  O O   . VAL A 1 40 ? -0.086  6.584   -5.305  1.00 46.12  ? 38  VAL A O   1 
ATOM   325  C CB  . VAL A 1 40 ? -1.291  8.222   -2.679  1.00 45.07  ? 38  VAL A CB  1 
ATOM   326  C CG1 . VAL A 1 40 ? -1.460  9.130   -3.893  1.00 46.23  ? 38  VAL A CG1 1 
ATOM   327  C CG2 . VAL A 1 40 ? -2.508  8.343   -1.776  1.00 45.78  ? 38  VAL A CG2 1 
ATOM   328  N N   . SER A 1 41 ? 1.308   6.827   -3.543  1.00 44.42  ? 39  SER A N   1 
ATOM   329  C CA  . SER A 1 41 ? 2.539   6.803   -4.332  1.00 44.27  ? 39  SER A CA  1 
ATOM   330  C C   . SER A 1 41 ? 2.777   5.454   -4.967  1.00 41.67  ? 39  SER A C   1 
ATOM   331  O O   . SER A 1 41 ? 3.236   5.356   -6.102  1.00 39.63  ? 39  SER A O   1 
ATOM   332  C CB  . SER A 1 41 ? 3.739   7.124   -3.438  1.00 44.49  ? 39  SER A CB  1 
ATOM   333  O OG  . SER A 1 41 ? 3.637   8.440   -2.953  1.00 48.56  ? 39  SER A OG  1 
ATOM   334  N N   . TYR A 1 42 ? 2.498   4.410   -4.204  1.00 42.65  ? 40  TYR A N   1 
ATOM   335  C CA  . TYR A 1 42 ? 2.668   3.058   -4.689  1.00 42.90  ? 40  TYR A CA  1 
ATOM   336  C C   . TYR A 1 42 ? 1.845   2.825   -5.951  1.00 42.48  ? 40  TYR A C   1 
ATOM   337  O O   . TYR A 1 42 ? 2.350   2.261   -6.922  1.00 41.99  ? 40  TYR A O   1 
ATOM   338  C CB  . TYR A 1 42 ? 2.277   2.054   -3.618  1.00 42.12  ? 40  TYR A CB  1 
ATOM   339  C CG  . TYR A 1 42 ? 2.386   0.635   -4.093  1.00 44.25  ? 40  TYR A CG  1 
ATOM   340  C CD1 . TYR A 1 42 ? 3.623   0.097   -4.428  1.00 44.99  ? 40  TYR A CD1 1 
ATOM   341  C CD2 . TYR A 1 42 ? 1.256   -0.170  -4.226  1.00 43.96  ? 40  TYR A CD2 1 
ATOM   342  C CE1 . TYR A 1 42 ? 3.737   -1.206  -4.871  1.00 46.25  ? 40  TYR A CE1 1 
ATOM   343  C CE2 . TYR A 1 42 ? 1.360   -1.475  -4.672  1.00 45.71  ? 40  TYR A CE2 1 
ATOM   344  C CZ  . TYR A 1 42 ? 2.605   -1.988  -4.991  1.00 46.37  ? 40  TYR A CZ  1 
ATOM   345  O OH  . TYR A 1 42 ? 2.734   -3.279  -5.434  1.00 45.73  ? 40  TYR A OH  1 
ATOM   346  N N   . LEU A 1 43 ? 0.590   3.265   -5.937  1.00 41.85  ? 41  LEU A N   1 
ATOM   347  C CA  . LEU A 1 43 ? -0.289  3.065   -7.086  1.00 42.99  ? 41  LEU A CA  1 
ATOM   348  C C   . LEU A 1 43 ? 0.191   3.889   -8.268  1.00 42.73  ? 41  LEU A C   1 
ATOM   349  O O   . LEU A 1 43 ? 0.181   3.412   -9.402  1.00 41.76  ? 41  LEU A O   1 
ATOM   350  C CB  . LEU A 1 43 ? -1.745  3.399   -6.749  1.00 41.77  ? 41  LEU A CB  1 
ATOM   351  C CG  . LEU A 1 43 ? -2.395  2.490   -5.697  1.00 42.34  ? 41  LEU A CG  1 
ATOM   352  C CD1 . LEU A 1 43 ? -3.864  2.845   -5.521  1.00 42.41  ? 41  LEU A CD1 1 
ATOM   353  C CD2 . LEU A 1 43 ? -2.248  1.016   -6.049  1.00 42.86  ? 41  LEU A CD2 1 
ATOM   354  N N   . GLN A 1 44 ? 0.630   5.114   -8.001  1.00 44.52  ? 42  GLN A N   1 
ATOM   355  C CA  . GLN A 1 44 ? 1.201   5.952   -9.054  1.00 45.93  ? 42  GLN A CA  1 
ATOM   356  C C   . GLN A 1 44 ? 2.425   5.280   -9.695  1.00 43.93  ? 42  GLN A C   1 
ATOM   357  O O   . GLN A 1 44 ? 2.596   5.337   -10.912 1.00 43.06  ? 42  GLN A O   1 
ATOM   358  C CB  . GLN A 1 44 ? 1.547   7.348   -8.517  1.00 47.95  ? 42  GLN A CB  1 
ATOM   359  C CG  . GLN A 1 44 ? 0.312   8.195   -8.227  1.00 52.91  ? 42  GLN A CG  1 
ATOM   360  C CD  . GLN A 1 44 ? 0.609   9.518   -7.521  1.00 58.31  ? 42  GLN A CD  1 
ATOM   361  O OE1 . GLN A 1 44 ? 1.687   9.715   -6.945  1.00 60.11  ? 42  GLN A OE1 1 
ATOM   362  N NE2 . GLN A 1 44 ? -0.359  10.431  -7.557  1.00 58.91  ? 42  GLN A NE2 1 
ATOM   363  N N   . SER A 1 45 ? 3.252   4.619   -8.887  1.00 42.22  ? 43  SER A N   1 
ATOM   364  C CA  . SER A 1 45 ? 4.462   3.971   -9.416  1.00 43.12  ? 43  SER A CA  1 
ATOM   365  C C   . SER A 1 45 ? 4.122   2.753   -10.288 1.00 41.76  ? 43  SER A C   1 
ATOM   366  O O   . SER A 1 45 ? 4.818   2.469   -11.259 1.00 41.41  ? 43  SER A O   1 
ATOM   367  C CB  . SER A 1 45 ? 5.444   3.603   -8.292  1.00 41.73  ? 43  SER A CB  1 
ATOM   368  O OG  . SER A 1 45 ? 5.019   2.467   -7.561  1.00 42.72  ? 43  SER A OG  1 
ATOM   369  N N   . ILE A 1 46 ? 3.045   2.048   -9.958  1.00 42.20  ? 44  ILE A N   1 
ATOM   370  C CA  . ILE A 1 46 ? 2.555   0.969   -10.829 1.00 42.74  ? 44  ILE A CA  1 
ATOM   371  C C   . ILE A 1 46 ? 2.086   1.545   -12.169 1.00 42.90  ? 44  ILE A C   1 
ATOM   372  O O   . ILE A 1 46 ? 2.373   0.980   -13.224 1.00 42.25  ? 44  ILE A O   1 
ATOM   373  C CB  . ILE A 1 46 ? 1.385   0.188   -10.194 1.00 43.56  ? 44  ILE A CB  1 
ATOM   374  C CG1 . ILE A 1 46 ? 1.823   -0.519  -8.903  1.00 43.91  ? 44  ILE A CG1 1 
ATOM   375  C CG2 . ILE A 1 46 ? 0.816   -0.827  -11.182 1.00 43.34  ? 44  ILE A CG2 1 
ATOM   376  C CD1 . ILE A 1 46 ? 2.740   -1.703  -9.102  1.00 44.33  ? 44  ILE A CD1 1 
ATOM   377  N N   . GLU A 1 47 ? 1.376   2.672   -12.120 1.00 42.63  ? 45  GLU A N   1 
ATOM   378  C CA  . GLU A 1 47 ? 0.864   3.305   -13.334 1.00 44.46  ? 45  GLU A CA  1 
ATOM   379  C C   . GLU A 1 47 ? 1.983   3.694   -14.291 1.00 44.67  ? 45  GLU A C   1 
ATOM   380  O O   . GLU A 1 47 ? 1.835   3.610   -15.509 1.00 43.71  ? 45  GLU A O   1 
ATOM   381  C CB  . GLU A 1 47 ? -0.021  4.510   -12.992 1.00 44.92  ? 45  GLU A CB  1 
ATOM   382  C CG  . GLU A 1 47 ? -1.356  4.078   -12.393 1.00 47.46  ? 45  GLU A CG  1 
ATOM   383  C CD  . GLU A 1 47 ? -2.339  5.212   -12.166 1.00 52.36  ? 45  GLU A CD  1 
ATOM   384  O OE1 . GLU A 1 47 ? -2.071  6.356   -12.592 1.00 56.41  ? 45  GLU A OE1 1 
ATOM   385  O OE2 . GLU A 1 47 ? -3.401  4.950   -11.560 1.00 56.74  ? 45  GLU A OE2 1 
ATOM   386  N N   . THR A 1 48 ? 3.115   4.082   -13.724 1.00 45.05  ? 46  THR A N   1 
ATOM   387  C CA  . THR A 1 48 ? 4.277   4.485   -14.498 1.00 43.92  ? 46  THR A CA  1 
ATOM   388  C C   . THR A 1 48 ? 4.808   3.373   -15.426 1.00 42.12  ? 46  THR A C   1 
ATOM   389  O O   . THR A 1 48 ? 5.113   3.642   -16.583 1.00 41.27  ? 46  THR A O   1 
ATOM   390  C CB  . THR A 1 48 ? 5.378   4.999   -13.547 1.00 47.04  ? 46  THR A CB  1 
ATOM   391  O OG1 . THR A 1 48 ? 4.954   6.237   -12.955 1.00 46.84  ? 46  THR A OG1 1 
ATOM   392  C CG2 . THR A 1 48 ? 6.660   5.221   -14.273 1.00 48.34  ? 46  THR A CG2 1 
ATOM   393  N N   . VAL A 1 49 ? 4.912   2.136   -14.937 1.00 41.16  ? 47  VAL A N   1 
ATOM   394  C CA  . VAL A 1 49 ? 5.341   1.023   -15.803 1.00 42.91  ? 47  VAL A CA  1 
ATOM   395  C C   . VAL A 1 49 ? 4.233   0.523   -16.744 1.00 44.45  ? 47  VAL A C   1 
ATOM   396  O O   . VAL A 1 49 ? 4.492   -0.297  -17.630 1.00 45.07  ? 47  VAL A O   1 
ATOM   397  C CB  . VAL A 1 49 ? 5.937   -0.180  -15.024 1.00 43.53  ? 47  VAL A CB  1 
ATOM   398  C CG1 . VAL A 1 49 ? 7.216   0.232   -14.312 1.00 44.40  ? 47  VAL A CG1 1 
ATOM   399  C CG2 . VAL A 1 49 ? 4.930   -0.795  -14.053 1.00 44.50  ? 47  VAL A CG2 1 
ATOM   400  N N   . MET A 1 50 ? 3.007   0.999   -16.545 1.00 44.89  ? 48  MET A N   1 
ATOM   401  C CA  . MET A 1 50 ? 1.934   0.782   -17.514 1.00 46.74  ? 48  MET A CA  1 
ATOM   402  C C   . MET A 1 50 ? 2.016   1.813   -18.637 1.00 48.55  ? 48  MET A C   1 
ATOM   403  O O   . MET A 1 50 ? 1.786   1.485   -19.792 1.00 50.00  ? 48  MET A O   1 
ATOM   404  C CB  . MET A 1 50 ? 0.561   0.862   -16.842 1.00 45.04  ? 48  MET A CB  1 
ATOM   405  C CG  . MET A 1 50 ? 0.318   -0.191  -15.778 1.00 44.60  ? 48  MET A CG  1 
ATOM   406  S SD  . MET A 1 50 ? -1.281  0.027   -14.970 1.00 44.35  ? 48  MET A SD  1 
ATOM   407  C CE  . MET A 1 50 ? -1.479  -1.582  -14.208 1.00 47.46  ? 48  MET A CE  1 
ATOM   408  N N   . GLU A 1 51 ? 2.339   3.059   -18.302 1.00 53.00  ? 49  GLU A N   1 
ATOM   409  C CA  . GLU A 1 51 ? 2.421   4.125   -19.306 1.00 55.90  ? 49  GLU A CA  1 
ATOM   410  C C   . GLU A 1 51 ? 3.687   4.058   -20.148 1.00 54.83  ? 49  GLU A C   1 
ATOM   411  O O   . GLU A 1 51 ? 3.682   4.475   -21.306 1.00 57.02  ? 49  GLU A O   1 
ATOM   412  C CB  . GLU A 1 51 ? 2.346   5.500   -18.649 1.00 60.02  ? 49  GLU A CB  1 
ATOM   413  C CG  . GLU A 1 51 ? 1.056   5.748   -17.887 1.00 66.41  ? 49  GLU A CG  1 
ATOM   414  C CD  . GLU A 1 51 ? 0.912   7.184   -17.423 1.00 71.66  ? 49  GLU A CD  1 
ATOM   415  O OE1 . GLU A 1 51 ? 1.702   8.046   -17.867 1.00 75.78  ? 49  GLU A OE1 1 
ATOM   416  O OE2 . GLU A 1 51 ? -0.003  7.451   -16.614 1.00 77.15  ? 49  GLU A OE2 1 
ATOM   417  N N   . LYS A 1 52 ? 4.772   3.563   -19.558 1.00 53.18  ? 50  LYS A N   1 
ATOM   418  C CA  . LYS A 1 52 ? 6.046   3.445   -20.255 1.00 53.23  ? 50  LYS A CA  1 
ATOM   419  C C   . LYS A 1 52 ? 6.352   1.981   -20.497 1.00 52.39  ? 50  LYS A C   1 
ATOM   420  O O   . LYS A 1 52 ? 6.107   1.134   -19.632 1.00 51.11  ? 50  LYS A O   1 
ATOM   421  C CB  . LYS A 1 52 ? 7.168   4.082   -19.436 1.00 55.06  ? 50  LYS A CB  1 
ATOM   422  C CG  . LYS A 1 52 ? 7.024   5.585   -19.269 1.00 57.59  ? 50  LYS A CG  1 
ATOM   423  C CD  . LYS A 1 52 ? 8.305   6.211   -18.731 1.00 59.55  ? 50  LYS A CD  1 
ATOM   424  C CE  . LYS A 1 52 ? 8.425   7.677   -19.125 1.00 61.12  ? 50  LYS A CE  1 
ATOM   425  N NZ  . LYS A 1 52 ? 7.493   8.543   -18.355 1.00 61.38  ? 50  LYS A NZ  1 
ATOM   426  N N   . GLN A 1 53 ? 6.894   1.692   -21.677 1.00 52.66  ? 51  GLN A N   1 
ATOM   427  C CA  . GLN A 1 53 ? 7.176   0.324   -22.087 1.00 53.37  ? 51  GLN A CA  1 
ATOM   428  C C   . GLN A 1 53 ? 8.600   -0.077  -21.728 1.00 52.39  ? 51  GLN A C   1 
ATOM   429  O O   . GLN A 1 53 ? 9.482   0.769   -21.600 1.00 51.24  ? 51  GLN A O   1 
ATOM   430  C CB  . GLN A 1 53 ? 6.973   0.178   -23.599 1.00 55.89  ? 51  GLN A CB  1 
ATOM   431  C CG  . GLN A 1 53 ? 5.610   0.647   -24.106 1.00 57.73  ? 51  GLN A CG  1 
ATOM   432  C CD  . GLN A 1 53 ? 4.449   -0.078  -23.441 1.00 59.43  ? 51  GLN A CD  1 
ATOM   433  O OE1 . GLN A 1 53 ? 3.701   0.518   -22.658 1.00 61.87  ? 51  GLN A OE1 1 
ATOM   434  N NE2 . GLN A 1 53 ? 4.300   -1.373  -23.737 1.00 56.86  ? 51  GLN A NE2 1 
ATOM   435  N N   . THR A 1 54 ? 8.816   -1.377  -21.556 1.00 52.42  ? 52  THR A N   1 
ATOM   436  C CA  . THR A 1 54 ? 10.160  -1.915  -21.502 1.00 52.82  ? 52  THR A CA  1 
ATOM   437  C C   . THR A 1 54 ? 10.844  -1.524  -22.809 1.00 52.80  ? 52  THR A C   1 
ATOM   438  O O   . THR A 1 54 ? 10.328  -1.834  -23.886 1.00 52.52  ? 52  THR A O   1 
ATOM   439  C CB  . THR A 1 54 ? 10.141  -3.442  -21.340 1.00 52.76  ? 52  THR A CB  1 
ATOM   440  O OG1 . THR A 1 54 ? 9.490   -3.766  -20.109 1.00 52.91  ? 52  THR A OG1 1 
ATOM   441  C CG2 . THR A 1 54 ? 11.559  -4.019  -21.321 1.00 53.29  ? 52  THR A CG2 1 
ATOM   442  N N   . PRO A 1 55 ? 11.991  -0.821  -22.728 1.00 53.66  ? 53  PRO A N   1 
ATOM   443  C CA  . PRO A 1 55 ? 12.647  -0.391  -23.965 1.00 55.37  ? 53  PRO A CA  1 
ATOM   444  C C   . PRO A 1 55 ? 13.195  -1.569  -24.774 1.00 56.40  ? 53  PRO A C   1 
ATOM   445  O O   . PRO A 1 55 ? 13.488  -2.619  -24.200 1.00 53.81  ? 53  PRO A O   1 
ATOM   446  C CB  . PRO A 1 55 ? 13.810  0.493   -23.472 1.00 55.62  ? 53  PRO A CB  1 
ATOM   447  C CG  . PRO A 1 55 ? 13.540  0.759   -22.032 1.00 55.71  ? 53  PRO A CG  1 
ATOM   448  C CD  . PRO A 1 55 ? 12.757  -0.417  -21.538 1.00 54.12  ? 53  PRO A CD  1 
ATOM   449  N N   . PRO A 1 56 ? 13.334  -1.404  -26.098 1.00 58.86  ? 54  PRO A N   1 
ATOM   450  C CA  . PRO A 1 56 ? 14.011  -2.459  -26.856 1.00 60.29  ? 54  PRO A CA  1 
ATOM   451  C C   . PRO A 1 56 ? 15.492  -2.565  -26.473 1.00 62.51  ? 54  PRO A C   1 
ATOM   452  O O   . PRO A 1 56 ? 16.110  -1.562  -26.118 1.00 60.30  ? 54  PRO A O   1 
ATOM   453  C CB  . PRO A 1 56 ? 13.860  -2.021  -28.322 1.00 59.96  ? 54  PRO A CB  1 
ATOM   454  C CG  . PRO A 1 56 ? 12.950  -0.837  -28.328 1.00 59.91  ? 54  PRO A CG  1 
ATOM   455  C CD  . PRO A 1 56 ? 12.914  -0.273  -26.944 1.00 59.03  ? 54  PRO A CD  1 
ATOM   456  N N   . GLY A 1 57 ? 16.038  -3.777  -26.520 1.00 65.23  ? 55  GLY A N   1 
ATOM   457  C CA  . GLY A 1 57 ? 17.467  -3.988  -26.304 1.00 66.38  ? 55  GLY A CA  1 
ATOM   458  C C   . GLY A 1 57 ? 17.923  -4.130  -24.861 1.00 67.83  ? 55  GLY A C   1 
ATOM   459  O O   . GLY A 1 57 ? 19.124  -4.077  -24.588 1.00 69.86  ? 55  GLY A O   1 
ATOM   460  N N   . ILE A 1 58 ? 16.987  -4.306  -23.930 1.00 64.82  ? 56  ILE A N   1 
ATOM   461  C CA  . ILE A 1 58 ? 17.360  -4.634  -22.555 1.00 63.25  ? 56  ILE A CA  1 
ATOM   462  C C   . ILE A 1 58 ? 17.959  -6.038  -22.587 1.00 61.05  ? 56  ILE A C   1 
ATOM   463  O O   . ILE A 1 58 ? 17.360  -6.963  -23.135 1.00 63.12  ? 56  ILE A O   1 
ATOM   464  C CB  . ILE A 1 58 ? 16.153  -4.595  -21.580 1.00 63.86  ? 56  ILE A CB  1 
ATOM   465  C CG1 . ILE A 1 58 ? 15.526  -3.196  -21.526 1.00 63.88  ? 56  ILE A CG1 1 
ATOM   466  C CG2 . ILE A 1 58 ? 16.563  -5.033  -20.177 1.00 64.53  ? 56  ILE A CG2 1 
ATOM   467  C CD1 . ILE A 1 58 ? 16.452  -2.087  -21.064 1.00 64.62  ? 56  ILE A CD1 1 
ATOM   468  N N   . THR A 1 59 ? 19.142  -6.192  -22.009 1.00 58.26  ? 57  THR A N   1 
ATOM   469  C CA  . THR A 1 59 ? 19.830  -7.476  -22.002 1.00 56.78  ? 57  THR A CA  1 
ATOM   470  C C   . THR A 1 59 ? 19.176  -8.447  -21.032 1.00 57.37  ? 57  THR A C   1 
ATOM   471  O O   . THR A 1 59 ? 18.362  -8.059  -20.194 1.00 55.03  ? 57  THR A O   1 
ATOM   472  C CB  . THR A 1 59 ? 21.316  -7.321  -21.611 1.00 57.43  ? 57  THR A CB  1 
ATOM   473  O OG1 . THR A 1 59 ? 21.411  -6.711  -20.317 1.00 55.68  ? 57  THR A OG1 1 
ATOM   474  C CG2 . THR A 1 59 ? 22.057  -6.462  -22.634 1.00 57.04  ? 57  THR A CG2 1 
ATOM   475  N N   . ARG A 1 60 ? 19.547  -9.714  -21.157 1.00 60.09  ? 58  ARG A N   1 
ATOM   476  C CA  . ARG A 1 60 ? 19.070  -10.761 -20.265 1.00 61.71  ? 58  ARG A CA  1 
ATOM   477  C C   . ARG A 1 60 ? 19.429  -10.456 -18.809 1.00 61.78  ? 58  ARG A C   1 
ATOM   478  O O   . ARG A 1 60 ? 18.601  -10.640 -17.917 1.00 61.87  ? 58  ARG A O   1 
ATOM   479  C CB  . ARG A 1 60 ? 19.638  -12.118 -20.702 1.00 64.29  ? 58  ARG A CB  1 
ATOM   480  C CG  . ARG A 1 60 ? 19.325  -13.314 -19.803 1.00 67.65  ? 58  ARG A CG  1 
ATOM   481  C CD  . ARG A 1 60 ? 17.876  -13.382 -19.328 1.00 71.58  ? 58  ARG A CD  1 
ATOM   482  N NE  . ARG A 1 60 ? 16.899  -13.110 -20.384 1.00 75.66  ? 58  ARG A NE  1 
ATOM   483  C CZ  . ARG A 1 60 ? 15.631  -12.744 -20.174 1.00 78.42  ? 58  ARG A CZ  1 
ATOM   484  N NH1 . ARG A 1 60 ? 15.151  -12.594 -18.938 1.00 78.37  ? 58  ARG A NH1 1 
ATOM   485  N NH2 . ARG A 1 60 ? 14.835  -12.518 -21.212 1.00 79.33  ? 58  ARG A NH2 1 
ATOM   486  N N   . SER A 1 61 ? 20.646  -9.970  -18.572 1.00 60.85  ? 59  SER A N   1 
ATOM   487  C CA  . SER A 1 61 ? 21.108  -9.686  -17.206 1.00 59.44  ? 59  SER A CA  1 
ATOM   488  C C   . SER A 1 61 ? 20.229  -8.635  -16.520 1.00 55.51  ? 59  SER A C   1 
ATOM   489  O O   . SER A 1 61 ? 19.840  -8.802  -15.367 1.00 52.43  ? 59  SER A O   1 
ATOM   490  C CB  . SER A 1 61 ? 22.571  -9.224  -17.213 1.00 61.61  ? 59  SER A CB  1 
ATOM   491  O OG  . SER A 1 61 ? 23.113  -9.239  -15.902 1.00 63.17  ? 59  SER A OG  1 
ATOM   492  N N   . ILE A 1 62 ? 19.908  -7.569  -17.247 1.00 54.15  ? 60  ILE A N   1 
ATOM   493  C CA  . ILE A 1 62 ? 19.065  -6.501  -16.717 1.00 55.05  ? 60  ILE A CA  1 
ATOM   494  C C   . ILE A 1 62 ? 17.605  -6.954  -16.563 1.00 55.86  ? 60  ILE A C   1 
ATOM   495  O O   . ILE A 1 62 ? 16.971  -6.644  -15.553 1.00 53.94  ? 60  ILE A O   1 
ATOM   496  C CB  . ILE A 1 62 ? 19.176  -5.230  -17.583 1.00 55.51  ? 60  ILE A CB  1 
ATOM   497  C CG1 . ILE A 1 62 ? 20.633  -4.726  -17.604 1.00 57.65  ? 60  ILE A CG1 1 
ATOM   498  C CG2 . ILE A 1 62 ? 18.231  -4.142  -17.086 1.00 55.07  ? 60  ILE A CG2 1 
ATOM   499  C CD1 . ILE A 1 62 ? 21.339  -4.724  -16.259 1.00 58.01  ? 60  ILE A CD1 1 
ATOM   500  N N   . GLN A 1 63 ? 17.084  -7.687  -17.546 1.00 57.62  ? 61  GLN A N   1 
ATOM   501  C CA  . GLN A 1 63 ? 15.770  -8.332  -17.410 1.00 59.29  ? 61  GLN A CA  1 
ATOM   502  C C   . GLN A 1 63 ? 15.696  -9.204  -16.148 1.00 56.40  ? 61  GLN A C   1 
ATOM   503  O O   . GLN A 1 63 ? 14.720  -9.134  -15.406 1.00 56.86  ? 61  GLN A O   1 
ATOM   504  C CB  . GLN A 1 63 ? 15.417  -9.162  -18.652 1.00 61.85  ? 61  GLN A CB  1 
ATOM   505  C CG  . GLN A 1 63 ? 14.976  -8.322  -19.841 1.00 64.91  ? 61  GLN A CG  1 
ATOM   506  C CD  . GLN A 1 63 ? 14.624  -9.155  -21.066 1.00 68.02  ? 61  GLN A CD  1 
ATOM   507  O OE1 . GLN A 1 63 ? 13.788  -10.056 -20.999 1.00 73.94  ? 61  GLN A OE1 1 
ATOM   508  N NE2 . GLN A 1 63 ? 15.256  -8.850  -22.193 1.00 70.58  ? 61  GLN A NE2 1 
ATOM   509  N N   . ASP A 1 64 ? 16.732  -10.005 -15.899 1.00 55.77  ? 62  ASP A N   1 
ATOM   510  C CA  . ASP A 1 64 ? 16.807  -10.816 -14.674 1.00 55.59  ? 62  ASP A CA  1 
ATOM   511  C C   . ASP A 1 64 ? 16.808  -9.953  -13.415 1.00 54.45  ? 62  ASP A C   1 
ATOM   512  O O   . ASP A 1 64 ? 16.158  -10.285 -12.432 1.00 54.70  ? 62  ASP A O   1 
ATOM   513  C CB  . ASP A 1 64 ? 18.065  -11.698 -14.667 1.00 56.99  ? 62  ASP A CB  1 
ATOM   514  C CG  . ASP A 1 64 ? 17.997  -12.839 -15.672 1.00 61.07  ? 62  ASP A CG  1 
ATOM   515  O OD1 . ASP A 1 64 ? 16.892  -13.170 -16.157 1.00 63.72  ? 62  ASP A OD1 1 
ATOM   516  O OD2 . ASP A 1 64 ? 19.063  -13.414 -15.975 1.00 65.68  ? 62  ASP A OD2 1 
ATOM   517  N N   . MET A 1 65 ? 17.560  -8.859  -13.448 1.00 55.32  ? 63  MET A N   1 
ATOM   518  C CA  . MET A 1 65 ? 17.657  -7.952  -12.313 1.00 55.47  ? 63  MET A CA  1 
ATOM   519  C C   . MET A 1 65 ? 16.283  -7.368  -11.981 1.00 53.84  ? 63  MET A C   1 
ATOM   520  O O   . MET A 1 65 ? 15.873  -7.353  -10.820 1.00 50.86  ? 63  MET A O   1 
ATOM   521  C CB  . MET A 1 65 ? 18.652  -6.832  -12.628 1.00 56.07  ? 63  MET A CB  1 
ATOM   522  C CG  . MET A 1 65 ? 18.792  -5.783  -11.541 1.00 56.76  ? 63  MET A CG  1 
ATOM   523  S SD  . MET A 1 65 ? 19.996  -4.518  -11.975 1.00 56.58  ? 63  MET A SD  1 
ATOM   524  C CE  . MET A 1 65 ? 19.999  -3.532  -10.479 1.00 57.91  ? 63  MET A CE  1 
ATOM   525  N N   . VAL A 1 66 ? 15.578  -6.899  -13.007 1.00 52.76  ? 64  VAL A N   1 
ATOM   526  C CA  . VAL A 1 66 ? 14.243  -6.323  -12.836 1.00 51.72  ? 64  VAL A CA  1 
ATOM   527  C C   . VAL A 1 66 ? 13.194  -7.370  -12.441 1.00 51.10  ? 64  VAL A C   1 
ATOM   528  O O   . VAL A 1 66 ? 12.336  -7.098  -11.597 1.00 46.63  ? 64  VAL A O   1 
ATOM   529  C CB  . VAL A 1 66 ? 13.807  -5.556  -14.096 1.00 52.80  ? 64  VAL A CB  1 
ATOM   530  C CG1 . VAL A 1 66 ? 12.322  -5.222  -14.057 1.00 53.33  ? 64  VAL A CG1 1 
ATOM   531  C CG2 . VAL A 1 66 ? 14.642  -4.289  -14.234 1.00 52.35  ? 64  VAL A CG2 1 
ATOM   532  N N   . ALA A 1 67 ? 13.265  -8.559  -13.033 1.00 49.54  ? 65  ALA A N   1 
ATOM   533  C CA  . ALA A 1 67 ? 12.375  -9.651  -12.635 1.00 51.08  ? 65  ALA A CA  1 
ATOM   534  C C   . ALA A 1 67 ? 12.474  -9.912  -11.133 1.00 51.53  ? 65  ALA A C   1 
ATOM   535  O O   . ALA A 1 67 ? 11.476  -10.250 -10.497 1.00 51.88  ? 65  ALA A O   1 
ATOM   536  C CB  . ALA A 1 67 ? 12.699  -10.919 -13.408 1.00 51.52  ? 65  ALA A CB  1 
ATOM   537  N N   . GLY A 1 68 ? 13.676  -9.753  -10.578 1.00 50.16  ? 66  GLY A N   1 
ATOM   538  C CA  . GLY A 1 68 ? 13.899  -9.886  -9.145  1.00 50.54  ? 66  GLY A CA  1 
ATOM   539  C C   . GLY A 1 68 ? 13.142  -8.853  -8.327  1.00 51.36  ? 66  GLY A C   1 
ATOM   540  O O   . GLY A 1 68 ? 12.613  -9.166  -7.261  1.00 48.88  ? 66  GLY A O   1 
ATOM   541  N N   . TYR A 1 69 ? 13.097  -7.618  -8.821  1.00 51.70  ? 67  TYR A N   1 
ATOM   542  C CA  . TYR A 1 69 ? 12.334  -6.553  -8.167  1.00 53.43  ? 67  TYR A CA  1 
ATOM   543  C C   . TYR A 1 69 ? 10.831  -6.803  -8.237  1.00 52.36  ? 67  TYR A C   1 
ATOM   544  O O   . TYR A 1 69 ? 10.111  -6.516  -7.280  1.00 50.40  ? 67  TYR A O   1 
ATOM   545  C CB  . TYR A 1 69 ? 12.676  -5.186  -8.767  1.00 56.50  ? 67  TYR A CB  1 
ATOM   546  C CG  . TYR A 1 69 ? 14.092  -4.751  -8.463  1.00 62.38  ? 67  TYR A CG  1 
ATOM   547  C CD1 . TYR A 1 69 ? 14.509  -4.539  -7.148  1.00 62.87  ? 67  TYR A CD1 1 
ATOM   548  C CD2 . TYR A 1 69 ? 15.021  -4.565  -9.484  1.00 66.21  ? 67  TYR A CD2 1 
ATOM   549  C CE1 . TYR A 1 69 ? 15.808  -4.154  -6.865  1.00 67.06  ? 67  TYR A CE1 1 
ATOM   550  C CE2 . TYR A 1 69 ? 16.320  -4.177  -9.213  1.00 67.66  ? 67  TYR A CE2 1 
ATOM   551  C CZ  . TYR A 1 69 ? 16.712  -3.978  -7.906  1.00 69.33  ? 67  TYR A CZ  1 
ATOM   552  O OH  . TYR A 1 69 ? 18.007  -3.587  -7.658  1.00 71.73  ? 67  TYR A OH  1 
ATOM   553  N N   . ILE A 1 70 ? 10.367  -7.346  -9.361  1.00 51.84  ? 68  ILE A N   1 
ATOM   554  C CA  . ILE A 1 70 ? 8.950   -7.664  -9.539  1.00 51.59  ? 68  ILE A CA  1 
ATOM   555  C C   . ILE A 1 70 ? 8.538   -8.770  -8.572  1.00 51.06  ? 68  ILE A C   1 
ATOM   556  O O   . ILE A 1 70 ? 7.507   -8.661  -7.913  1.00 51.50  ? 68  ILE A O   1 
ATOM   557  C CB  . ILE A 1 70 ? 8.629   -8.080  -10.988 1.00 50.95  ? 68  ILE A CB  1 
ATOM   558  C CG1 . ILE A 1 70 ? 8.932   -6.925  -11.945 1.00 50.56  ? 68  ILE A CG1 1 
ATOM   559  C CG2 . ILE A 1 70 ? 7.161   -8.476  -11.114 1.00 52.48  ? 68  ILE A CG2 1 
ATOM   560  C CD1 . ILE A 1 70 ? 8.847   -7.278  -13.415 1.00 51.73  ? 68  ILE A CD1 1 
ATOM   561  N N   . LYS A 1 71 ? 9.348   -9.822  -8.483  1.00 51.54  ? 69  LYS A N   1 
ATOM   562  C CA  . LYS A 1 71 ? 9.095   -10.924 -7.550  1.00 53.36  ? 69  LYS A CA  1 
ATOM   563  C C   . LYS A 1 71 ? 9.053   -10.442 -6.095  1.00 52.64  ? 69  LYS A C   1 
ATOM   564  O O   . LYS A 1 71 ? 8.174   -10.836 -5.333  1.00 51.13  ? 69  LYS A O   1 
ATOM   565  C CB  . LYS A 1 71 ? 10.165  -12.007 -7.704  1.00 56.27  ? 69  LYS A CB  1 
ATOM   566  C CG  . LYS A 1 71 ? 10.100  -13.126 -6.668  1.00 59.73  ? 69  LYS A CG  1 
ATOM   567  C CD  . LYS A 1 71 ? 11.431  -13.860 -6.549  1.00 64.17  ? 69  LYS A CD  1 
ATOM   568  C CE  . LYS A 1 71 ? 11.813  -14.136 -5.099  1.00 67.86  ? 69  LYS A CE  1 
ATOM   569  N NZ  . LYS A 1 71 ? 10.993  -15.214 -4.478  1.00 68.72  ? 69  LYS A NZ  1 
ATOM   570  N N   . GLN A 1 72 ? 10.016  -9.608  -5.720  1.00 51.84  ? 70  GLN A N   1 
ATOM   571  C CA  . GLN A 1 72 ? 10.072  -9.042  -4.374  1.00 54.47  ? 70  GLN A CA  1 
ATOM   572  C C   . GLN A 1 72 ? 8.831   -8.211  -4.043  1.00 52.47  ? 70  GLN A C   1 
ATOM   573  O O   . GLN A 1 72 ? 8.358   -8.230  -2.912  1.00 50.75  ? 70  GLN A O   1 
ATOM   574  C CB  . GLN A 1 72 ? 11.323  -8.181  -4.223  1.00 59.36  ? 70  GLN A CB  1 
ATOM   575  C CG  . GLN A 1 72 ? 11.655  -7.812  -2.790  1.00 65.37  ? 70  GLN A CG  1 
ATOM   576  C CD  . GLN A 1 72 ? 12.982  -7.082  -2.672  1.00 72.68  ? 70  GLN A CD  1 
ATOM   577  O OE1 . GLN A 1 72 ? 13.505  -6.541  -3.653  1.00 75.03  ? 70  GLN A OE1 1 
ATOM   578  N NE2 . GLN A 1 72 ? 13.539  -7.064  -1.463  1.00 76.22  ? 70  GLN A NE2 1 
ATOM   579  N N   . THR A 1 73 ? 8.316   -7.485  -5.034  1.00 51.24  ? 71  THR A N   1 
ATOM   580  C CA  . THR A 1 73 ? 7.093   -6.694  -4.886  1.00 49.99  ? 71  THR A CA  1 
ATOM   581  C C   . THR A 1 73 ? 5.872   -7.596  -4.647  1.00 50.16  ? 71  THR A C   1 
ATOM   582  O O   . THR A 1 73 ? 5.039   -7.304  -3.789  1.00 49.16  ? 71  THR A O   1 
ATOM   583  C CB  . THR A 1 73 ? 6.856   -5.816  -6.130  1.00 49.36  ? 71  THR A CB  1 
ATOM   584  O OG1 . THR A 1 73 ? 8.025   -5.030  -6.389  1.00 50.18  ? 71  THR A OG1 1 
ATOM   585  C CG2 . THR A 1 73 ? 5.667   -4.889  -5.941  1.00 49.04  ? 71  THR A CG2 1 
ATOM   586  N N   . LEU A 1 74 ? 5.774   -8.683  -5.404  1.00 48.21  ? 72  LEU A N   1 
ATOM   587  C CA  . LEU A 1 74 ? 4.714   -9.664  -5.194  1.00 51.06  ? 72  LEU A CA  1 
ATOM   588  C C   . LEU A 1 74 ? 4.784   -10.286 -3.805  1.00 53.32  ? 72  LEU A C   1 
ATOM   589  O O   . LEU A 1 74 ? 3.759   -10.411 -3.125  1.00 52.56  ? 72  LEU A O   1 
ATOM   590  C CB  . LEU A 1 74 ? 4.786   -10.771 -6.243  1.00 50.21  ? 72  LEU A CB  1 
ATOM   591  C CG  . LEU A 1 74 ? 4.360   -10.339 -7.640  1.00 51.24  ? 72  LEU A CG  1 
ATOM   592  C CD1 . LEU A 1 74 ? 4.922   -11.295 -8.684  1.00 51.76  ? 72  LEU A CD1 1 
ATOM   593  C CD2 . LEU A 1 74 ? 2.843   -10.247 -7.723  1.00 50.99  ? 72  LEU A CD2 1 
ATOM   594  N N   . ASP A 1 75 ? 5.990   -10.678 -3.394  1.00 52.92  ? 73  ASP A N   1 
ATOM   595  C CA  . ASP A 1 75 ? 6.199   -11.266 -2.069  1.00 53.72  ? 73  ASP A CA  1 
ATOM   596  C C   . ASP A 1 75 ? 5.729   -10.316 -0.973  1.00 52.43  ? 73  ASP A C   1 
ATOM   597  O O   . ASP A 1 75 ? 5.019   -10.722 -0.056  1.00 51.45  ? 73  ASP A O   1 
ATOM   598  C CB  . ASP A 1 75 ? 7.677   -11.616 -1.846  1.00 54.54  ? 73  ASP A CB  1 
ATOM   599  C CG  . ASP A 1 75 ? 8.123   -12.852 -2.627  1.00 57.38  ? 73  ASP A CG  1 
ATOM   600  O OD1 . ASP A 1 75 ? 7.262   -13.572 -3.186  1.00 57.56  ? 73  ASP A OD1 1 
ATOM   601  O OD2 . ASP A 1 75 ? 9.352   -13.105 -2.676  1.00 56.15  ? 73  ASP A OD2 1 
ATOM   602  N N   . ASN A 1 76 ? 6.133   -9.053  -1.078  1.00 50.13  ? 74  ASN A N   1 
ATOM   603  C CA  . ASN A 1 76 ? 5.747   -8.041  -0.105  1.00 50.66  ? 74  ASN A CA  1 
ATOM   604  C C   . ASN A 1 76 ? 4.236   -7.825  -0.081  1.00 50.75  ? 74  ASN A C   1 
ATOM   605  O O   . ASN A 1 76 ? 3.631   -7.777  0.987   1.00 50.28  ? 74  ASN A O   1 
ATOM   606  C CB  . ASN A 1 76 ? 6.444   -6.714  -0.407  1.00 50.26  ? 74  ASN A CB  1 
ATOM   607  C CG  . ASN A 1 76 ? 7.935   -6.742  -0.105  1.00 50.05  ? 74  ASN A CG  1 
ATOM   608  O OD1 . ASN A 1 76 ? 8.422   -7.607  0.619   1.00 52.03  ? 74  ASN A OD1 1 
ATOM   609  N ND2 . ASN A 1 76 ? 8.663   -5.787  -0.656  1.00 47.93  ? 74  ASN A ND2 1 
ATOM   610  N N   . GLU A 1 77 ? 3.636   -7.696  -1.261  1.00 51.31  ? 75  GLU A N   1 
ATOM   611  C CA  . GLU A 1 77 ? 2.191   -7.516  -1.378  1.00 52.56  ? 75  GLU A CA  1 
ATOM   612  C C   . GLU A 1 77 ? 1.425   -8.636  -0.679  1.00 51.21  ? 75  GLU A C   1 
ATOM   613  O O   . GLU A 1 77 ? 0.428   -8.383  -0.015  1.00 49.48  ? 75  GLU A O   1 
ATOM   614  C CB  . GLU A 1 77 ? 1.758   -7.443  -2.848  1.00 53.22  ? 75  GLU A CB  1 
ATOM   615  C CG  . GLU A 1 77 ? 1.935   -6.073  -3.491  1.00 56.25  ? 75  GLU A CG  1 
ATOM   616  C CD  . GLU A 1 77 ? 0.998   -5.854  -4.670  1.00 58.56  ? 75  GLU A CD  1 
ATOM   617  O OE1 . GLU A 1 77 ? 0.518   -6.852  -5.251  1.00 63.29  ? 75  GLU A OE1 1 
ATOM   618  O OE2 . GLU A 1 77 ? 0.735   -4.683  -5.019  1.00 56.19  ? 75  GLU A OE2 1 
ATOM   619  N N   . GLN A 1 78 ? 1.901   -9.865  -0.835  1.00 52.86  ? 76  GLN A N   1 
ATOM   620  C CA  . GLN A 1 78 ? 1.269   -11.031 -0.223  1.00 56.97  ? 76  GLN A CA  1 
ATOM   621  C C   . GLN A 1 78 ? 1.291   -10.931 1.302   1.00 53.65  ? 76  GLN A C   1 
ATOM   622  O O   . GLN A 1 78 ? 0.262   -11.101 1.955   1.00 51.38  ? 76  GLN A O   1 
ATOM   623  C CB  . GLN A 1 78 ? 1.972   -12.314 -0.689  1.00 62.75  ? 76  GLN A CB  1 
ATOM   624  C CG  . GLN A 1 78 ? 1.285   -13.613 -0.293  1.00 68.08  ? 76  GLN A CG  1 
ATOM   625  C CD  . GLN A 1 78 ? -0.103  -13.766 -0.900  1.00 74.81  ? 76  GLN A CD  1 
ATOM   626  O OE1 . GLN A 1 78 ? -0.319  -13.454 -2.070  1.00 78.35  ? 76  GLN A OE1 1 
ATOM   627  N NE2 . GLN A 1 78 ? -1.049  -14.259 -0.104  1.00 79.41  ? 76  GLN A NE2 1 
ATOM   628  N N   . LEU A 1 79 ? 2.466   -10.652 1.860   1.00 52.99  ? 77  LEU A N   1 
ATOM   629  C CA  . LEU A 1 79 ? 2.605   -10.417 3.300   1.00 53.39  ? 77  LEU A CA  1 
ATOM   630  C C   . LEU A 1 79 ? 1.702   -9.283  3.779   1.00 51.69  ? 77  LEU A C   1 
ATOM   631  O O   . LEU A 1 79 ? 1.090   -9.371  4.842   1.00 51.97  ? 77  LEU A O   1 
ATOM   632  C CB  . LEU A 1 79 ? 4.062   -10.090 3.661   1.00 53.91  ? 77  LEU A CB  1 
ATOM   633  C CG  . LEU A 1 79 ? 5.074   -11.239 3.586   1.00 55.39  ? 77  LEU A CG  1 
ATOM   634  C CD1 . LEU A 1 79 ? 6.473   -10.750 3.944   1.00 55.44  ? 77  LEU A CD1 1 
ATOM   635  C CD2 . LEU A 1 79 ? 4.660   -12.385 4.499   1.00 55.59  ? 77  LEU A CD2 1 
ATOM   636  N N   . LEU A 1 80 ? 1.628   -8.222  2.986   1.00 50.86  ? 78  LEU A N   1 
ATOM   637  C CA  . LEU A 1 80 ? 0.841   -7.041  3.327   1.00 49.41  ? 78  LEU A CA  1 
ATOM   638  C C   . LEU A 1 80 ? -0.655  -7.354  3.452   1.00 48.50  ? 78  LEU A C   1 
ATOM   639  O O   . LEU A 1 80 ? -1.324  -6.872  4.366   1.00 44.64  ? 78  LEU A O   1 
ATOM   640  C CB  . LEU A 1 80 ? 1.080   -5.968  2.265   1.00 50.76  ? 78  LEU A CB  1 
ATOM   641  C CG  . LEU A 1 80 ? 0.451   -4.591  2.417   1.00 51.43  ? 78  LEU A CG  1 
ATOM   642  C CD1 . LEU A 1 80 ? 0.804   -3.949  3.752   1.00 53.42  ? 78  LEU A CD1 1 
ATOM   643  C CD2 . LEU A 1 80 ? 0.915   -3.719  1.260   1.00 52.78  ? 78  LEU A CD2 1 
ATOM   644  N N   . LYS A 1 81 ? -1.171  -8.174  2.543   1.00 49.31  ? 79  LYS A N   1 
ATOM   645  C CA  . LYS A 1 81 ? -2.586  -8.547  2.576   1.00 51.81  ? 79  LYS A CA  1 
ATOM   646  C C   . LYS A 1 81 ? -2.985  -9.181  3.904   1.00 50.73  ? 79  LYS A C   1 
ATOM   647  O O   . LYS A 1 81 ? -4.067  -8.899  4.425   1.00 49.29  ? 79  LYS A O   1 
ATOM   648  C CB  . LYS A 1 81 ? -2.929  -9.477  1.413   1.00 54.02  ? 79  LYS A CB  1 
ATOM   649  C CG  . LYS A 1 81 ? -2.972  -8.743  0.084   1.00 58.58  ? 79  LYS A CG  1 
ATOM   650  C CD  . LYS A 1 81 ? -3.002  -9.695  -1.098  1.00 61.72  ? 79  LYS A CD  1 
ATOM   651  C CE  . LYS A 1 81 ? -2.919  -8.931  -2.410  1.00 63.80  ? 79  LYS A CE  1 
ATOM   652  N NZ  . LYS A 1 81 ? -2.940  -9.824  -3.601  1.00 65.34  ? 79  LYS A NZ  1 
ATOM   653  N N   . GLY A 1 82 ? -2.108  -10.015 4.455   1.00 48.52  ? 80  GLY A N   1 
ATOM   654  C CA  . GLY A 1 82 ? -2.348  -10.635 5.758   1.00 48.96  ? 80  GLY A CA  1 
ATOM   655  C C   . GLY A 1 82 ? -2.399  -9.637  6.906   1.00 48.38  ? 80  GLY A C   1 
ATOM   656  O O   . GLY A 1 82 ? -3.275  -9.714  7.770   1.00 47.88  ? 80  GLY A O   1 
ATOM   657  N N   . LEU A 1 83 ? -1.455  -8.700  6.915   1.00 46.35  ? 81  LEU A N   1 
ATOM   658  C CA  . LEU A 1 83 ? -1.420  -7.647  7.921   1.00 45.90  ? 81  LEU A CA  1 
ATOM   659  C C   . LEU A 1 83 ? -2.633  -6.723  7.806   1.00 44.10  ? 81  LEU A C   1 
ATOM   660  O O   . LEU A 1 83 ? -3.154  -6.250  8.813   1.00 43.01  ? 81  LEU A O   1 
ATOM   661  C CB  . LEU A 1 83 ? -0.129  -6.828  7.800   1.00 47.80  ? 81  LEU A CB  1 
ATOM   662  C CG  . LEU A 1 83 ? 1.185   -7.586  8.025   1.00 48.89  ? 81  LEU A CG  1 
ATOM   663  C CD1 . LEU A 1 83 ? 2.368   -6.659  7.797   1.00 50.24  ? 81  LEU A CD1 1 
ATOM   664  C CD2 . LEU A 1 83 ? 1.246   -8.191  9.421   1.00 50.73  ? 81  LEU A CD2 1 
ATOM   665  N N   . LEU A 1 84 ? -3.084  -6.477  6.581   1.00 43.94  ? 82  LEU A N   1 
ATOM   666  C CA  . LEU A 1 84 ? -4.268  -5.651  6.358   1.00 45.41  ? 82  LEU A CA  1 
ATOM   667  C C   . LEU A 1 84 ? -5.527  -6.309  6.913   1.00 45.92  ? 82  LEU A C   1 
ATOM   668  O O   . LEU A 1 84 ? -6.338  -5.651  7.566   1.00 44.93  ? 82  LEU A O   1 
ATOM   669  C CB  . LEU A 1 84 ? -4.464  -5.355  4.867   1.00 45.42  ? 82  LEU A CB  1 
ATOM   670  C CG  . LEU A 1 84 ? -3.604  -4.267  4.228   1.00 45.86  ? 82  LEU A CG  1 
ATOM   671  C CD1 . LEU A 1 84 ? -3.937  -4.157  2.747   1.00 46.59  ? 82  LEU A CD1 1 
ATOM   672  C CD2 . LEU A 1 84 ? -3.829  -2.934  4.913   1.00 45.92  ? 82  LEU A CD2 1 
ATOM   673  N N   . GLN A 1 85 ? -5.686  -7.604  6.655   1.00 46.59  ? 83  GLN A N   1 
ATOM   674  C CA  . GLN A 1 85 ? -6.868  -8.338  7.120   1.00 47.00  ? 83  GLN A CA  1 
ATOM   675  C C   . GLN A 1 85 ? -6.930  -8.335  8.626   1.00 46.08  ? 83  GLN A C   1 
ATOM   676  O O   . GLN A 1 85 ? -7.989  -8.166  9.219   1.00 47.52  ? 83  GLN A O   1 
ATOM   677  C CB  . GLN A 1 85 ? -6.845  -9.784  6.614   1.00 48.62  ? 83  GLN A CB  1 
ATOM   678  C CG  . GLN A 1 85 ? -8.110  -10.561 6.945   1.00 49.58  ? 83  GLN A CG  1 
ATOM   679  C CD  . GLN A 1 85 ? -9.342  -9.902  6.364   1.00 49.83  ? 83  GLN A CD  1 
ATOM   680  O OE1 . GLN A 1 85 ? -9.471  -9.802  5.152   1.00 49.91  ? 83  GLN A OE1 1 
ATOM   681  N NE2 . GLN A 1 85 ? -10.243 -9.434  7.221   1.00 50.84  ? 83  GLN A NE2 1 
ATOM   682  N N   . GLN A 1 86 ? -5.770  -8.525  9.230   1.00 46.87  ? 84  GLN A N   1 
ATOM   683  C CA  . GLN A 1 86 ? -5.634  -8.506  10.668  1.00 49.22  ? 84  GLN A CA  1 
ATOM   684  C C   . GLN A 1 86 ? -6.062  -7.155  11.226  1.00 46.81  ? 84  GLN A C   1 
ATOM   685  O O   . GLN A 1 86 ? -6.751  -7.076  12.240  1.00 46.83  ? 84  GLN A O   1 
ATOM   686  C CB  . GLN A 1 86 ? -4.184  -8.819  11.027  1.00 53.27  ? 84  GLN A CB  1 
ATOM   687  C CG  . GLN A 1 86 ? -3.858  -8.770  12.504  1.00 59.26  ? 84  GLN A CG  1 
ATOM   688  C CD  . GLN A 1 86 ? -2.481  -9.343  12.802  1.00 64.47  ? 84  GLN A CD  1 
ATOM   689  O OE1 . GLN A 1 86 ? -1.470  -8.889  12.249  1.00 66.58  ? 84  GLN A OE1 1 
ATOM   690  N NE2 . GLN A 1 86 ? -2.433  -10.345 13.680  1.00 66.09  ? 84  GLN A NE2 1 
ATOM   691  N N   . ARG A 1 87 ? -5.657  -6.087  10.554  1.00 45.19  ? 85  ARG A N   1 
ATOM   692  C CA  . ARG A 1 87 ? -6.010  -4.748  10.993  1.00 42.88  ? 85  ARG A CA  1 
ATOM   693  C C   . ARG A 1 87 ? -7.496  -4.505  10.816  1.00 40.03  ? 85  ARG A C   1 
ATOM   694  O O   . ARG A 1 87 ? -8.128  -3.894  11.671  1.00 38.03  ? 85  ARG A O   1 
ATOM   695  C CB  . ARG A 1 87 ? -5.203  -3.700  10.231  1.00 42.75  ? 85  ARG A CB  1 
ATOM   696  C CG  . ARG A 1 87 ? -5.562  -2.260  10.567  1.00 42.13  ? 85  ARG A CG  1 
ATOM   697  C CD  . ARG A 1 87 ? -5.531  -1.996  12.062  1.00 40.98  ? 85  ARG A CD  1 
ATOM   698  N NE  . ARG A 1 87 ? -5.661  -0.574  12.357  1.00 40.32  ? 85  ARG A NE  1 
ATOM   699  C CZ  . ARG A 1 87 ? -5.667  -0.054  13.580  1.00 40.38  ? 85  ARG A CZ  1 
ATOM   700  N NH1 . ARG A 1 87 ? -5.552  -0.833  14.649  1.00 40.40  ? 85  ARG A NH1 1 
ATOM   701  N NH2 . ARG A 1 87 ? -5.794  1.256   13.732  1.00 39.64  ? 85  ARG A NH2 1 
ATOM   702  N N   . LEU A 1 88 ? -8.050  -4.982  9.704   1.00 40.83  ? 86  LEU A N   1 
ATOM   703  C CA  . LEU A 1 88 ? -9.486  -4.864  9.463   1.00 41.78  ? 86  LEU A CA  1 
ATOM   704  C C   . LEU A 1 88 ? -10.274 -5.544  10.570  1.00 41.59  ? 86  LEU A C   1 
ATOM   705  O O   . LEU A 1 88 ? -11.263 -4.996  11.043  1.00 40.95  ? 86  LEU A O   1 
ATOM   706  C CB  . LEU A 1 88 ? -9.872  -5.452  8.106   1.00 42.32  ? 86  LEU A CB  1 
ATOM   707  C CG  . LEU A 1 88 ? -9.384  -4.675  6.881   1.00 42.35  ? 86  LEU A CG  1 
ATOM   708  C CD1 . LEU A 1 88 ? -9.650  -5.476  5.616   1.00 43.42  ? 86  LEU A CD1 1 
ATOM   709  C CD2 . LEU A 1 88 ? -10.026 -3.298  6.784   1.00 42.28  ? 86  LEU A CD2 1 
ATOM   710  N N   . ASP A 1 89 ? -9.817  -6.717  11.005  1.00 44.55  ? 87  ASP A N   1 
ATOM   711  C CA  . ASP A 1 89 ? -10.464 -7.424  12.117  1.00 45.29  ? 87  ASP A CA  1 
ATOM   712  C C   . ASP A 1 89 ? -10.311 -6.666  13.429  1.00 44.23  ? 87  ASP A C   1 
ATOM   713  O O   . ASP A 1 89 ? -11.283 -6.505  14.163  1.00 45.83  ? 87  ASP A O   1 
ATOM   714  C CB  . ASP A 1 89 ? -9.925  -8.845  12.254  1.00 46.39  ? 87  ASP A CB  1 
ATOM   715  C CG  . ASP A 1 89 ? -10.246 -9.703  11.051  1.00 48.63  ? 87  ASP A CG  1 
ATOM   716  O OD1 . ASP A 1 89 ? -11.319 -9.505  10.447  1.00 50.59  ? 87  ASP A OD1 1 
ATOM   717  O OD2 . ASP A 1 89 ? -9.427  -10.575 10.700  1.00 53.36  ? 87  ASP A OD2 1 
ATOM   718  N N   . GLU A 1 90 ? -9.097  -6.200  13.713  1.00 43.90  ? 88  GLU A N   1 
ATOM   719  C CA  . GLU A 1 90 ? -8.838  -5.338  14.863  1.00 46.11  ? 88  GLU A CA  1 
ATOM   720  C C   . GLU A 1 90 ? -9.839  -4.164  14.858  1.00 45.80  ? 88  GLU A C   1 
ATOM   721  O O   . GLU A 1 90 ? -10.490 -3.895  15.868  1.00 46.14  ? 88  GLU A O   1 
ATOM   722  C CB  . GLU A 1 90 ? -7.369  -4.854  14.846  1.00 50.67  ? 88  GLU A CB  1 
ATOM   723  C CG  . GLU A 1 90 ? -6.918  -4.018  16.045  1.00 55.94  ? 88  GLU A CG  1 
ATOM   724  C CD  . GLU A 1 90 ? -5.400  -3.747  16.089  1.00 62.60  ? 88  GLU A CD  1 
ATOM   725  O OE1 . GLU A 1 90 ? -4.759  -3.565  15.024  1.00 61.01  ? 88  GLU A OE1 1 
ATOM   726  O OE2 . GLU A 1 90 ? -4.832  -3.686  17.208  1.00 67.25  ? 88  GLU A OE2 1 
ATOM   727  N N   . LEU A 1 91 ? -9.998  -3.508  13.707  1.00 43.85  ? 89  LEU A N   1 
ATOM   728  C CA  . LEU A 1 91 ? -10.884 -2.341  13.600  1.00 42.14  ? 89  LEU A CA  1 
ATOM   729  C C   . LEU A 1 91 ? -12.368 -2.681  13.773  1.00 41.11  ? 89  LEU A C   1 
ATOM   730  O O   . LEU A 1 91 ? -13.084 -1.925  14.432  1.00 38.54  ? 89  LEU A O   1 
ATOM   731  C CB  . LEU A 1 91 ? -10.671 -1.601  12.272  1.00 41.71  ? 89  LEU A CB  1 
ATOM   732  C CG  . LEU A 1 91 ? -9.404  -0.748  12.167  1.00 42.05  ? 89  LEU A CG  1 
ATOM   733  C CD1 . LEU A 1 91 ? -9.127  -0.386  10.714  1.00 43.10  ? 89  LEU A CD1 1 
ATOM   734  C CD2 . LEU A 1 91 ? -9.501  0.509   13.017  1.00 41.62  ? 89  LEU A CD2 1 
ATOM   735  N N   . SER A 1 92 ? -12.834 -3.792  13.192  1.00 40.13  ? 90  SER A N   1 
ATOM   736  C CA  . SER A 1 92 ? -14.235 -4.215  13.384  1.00 42.62  ? 90  SER A CA  1 
ATOM   737  C C   . SER A 1 92 ? -14.572 -4.347  14.856  1.00 43.33  ? 90  SER A C   1 
ATOM   738  O O   . SER A 1 92 ? -15.660 -3.961  15.284  1.00 46.29  ? 90  SER A O   1 
ATOM   739  C CB  . SER A 1 92 ? -14.539 -5.552  12.702  1.00 43.77  ? 90  SER A CB  1 
ATOM   740  O OG  . SER A 1 92 ? -14.770 -5.389  11.321  1.00 44.17  ? 90  SER A OG  1 
ATOM   741  N N   . SER A 1 93 ? -13.635 -4.898  15.623  1.00 43.39  ? 91  SER A N   1 
ATOM   742  C CA  . SER A 1 93 ? -13.822 -5.091  17.056  1.00 44.26  ? 91  SER A CA  1 
ATOM   743  C C   . SER A 1 93 ? -13.907 -3.750  17.765  1.00 45.18  ? 91  SER A C   1 
ATOM   744  O O   . SER A 1 93 ? -14.797 -3.529  18.581  1.00 45.63  ? 91  SER A O   1 
ATOM   745  C CB  . SER A 1 93 ? -12.688 -5.949  17.640  1.00 45.43  ? 91  SER A CB  1 
ATOM   746  O OG  . SER A 1 93 ? -12.562 -5.765  19.042  1.00 46.63  ? 91  SER A OG  1 
ATOM   747  N N   . LEU A 1 94 ? -12.978 -2.853  17.447  1.00 47.11  ? 92  LEU A N   1 
ATOM   748  C CA  . LEU A 1 94 ? -13.014 -1.490  17.984  1.00 47.10  ? 92  LEU A CA  1 
ATOM   749  C C   . LEU A 1 94 ? -14.301 -0.759  17.601  1.00 45.61  ? 92  LEU A C   1 
ATOM   750  O O   . LEU A 1 94 ? -14.892 -0.080  18.431  1.00 45.67  ? 92  LEU A O   1 
ATOM   751  C CB  . LEU A 1 94 ? -11.793 -0.683  17.518  1.00 47.02  ? 92  LEU A CB  1 
ATOM   752  C CG  . LEU A 1 94 ? -10.466 -1.095  18.159  1.00 46.81  ? 92  LEU A CG  1 
ATOM   753  C CD1 . LEU A 1 94 ? -9.290  -0.458  17.438  1.00 46.56  ? 92  LEU A CD1 1 
ATOM   754  C CD2 . LEU A 1 94 ? -10.443 -0.741  19.637  1.00 47.29  ? 92  LEU A CD2 1 
ATOM   755  N N   . ILE A 1 95 ? -14.734 -0.909  16.354  1.00 45.77  ? 93  ILE A N   1 
ATOM   756  C CA  . ILE A 1 95 ? -15.923 -0.206  15.870  1.00 48.45  ? 93  ILE A CA  1 
ATOM   757  C C   . ILE A 1 95 ? -17.198 -0.691  16.568  1.00 51.60  ? 93  ILE A C   1 
ATOM   758  O O   . ILE A 1 95 ? -18.027 0.125   16.972  1.00 53.20  ? 93  ILE A O   1 
ATOM   759  C CB  . ILE A 1 95 ? -16.047 -0.306  14.332  1.00 47.63  ? 93  ILE A CB  1 
ATOM   760  C CG1 . ILE A 1 95 ? -14.957 0.554   13.674  1.00 47.61  ? 93  ILE A CG1 1 
ATOM   761  C CG2 . ILE A 1 95 ? -17.418 0.164   13.854  1.00 47.10  ? 93  ILE A CG2 1 
ATOM   762  C CD1 . ILE A 1 95 ? -14.650 0.183   12.239  1.00 46.88  ? 93  ILE A CD1 1 
ATOM   763  N N   . GLY A 1 96 ? -17.347 -2.009  16.711  1.00 52.68  ? 94  GLY A N   1 
ATOM   764  C CA  . GLY A 1 96 ? -18.484 -2.593  17.425  1.00 51.66  ? 94  GLY A CA  1 
ATOM   765  C C   . GLY A 1 96 ? -19.740 -2.659  16.579  1.00 51.54  ? 94  GLY A C   1 
ATOM   766  O O   . GLY A 1 96 ? -19.670 -2.653  15.348  1.00 52.85  ? 94  GLY A O   1 
ATOM   767  N N   . ASN B 2 12 ? -20.072 16.723  44.218  1.00 83.00  ? 412 ASN B N   1 
ATOM   768  C CA  . ASN B 2 12 ? -21.066 17.846  44.266  1.00 81.95  ? 412 ASN B CA  1 
ATOM   769  C C   . ASN B 2 12 ? -20.880 18.896  43.153  1.00 76.89  ? 412 ASN B C   1 
ATOM   770  O O   . ASN B 2 12 ? -21.141 20.083  43.362  1.00 79.08  ? 412 ASN B O   1 
ATOM   771  C CB  . ASN B 2 12 ? -21.054 18.516  45.653  1.00 84.92  ? 412 ASN B CB  1 
ATOM   772  C CG  . ASN B 2 12 ? -19.680 19.054  46.040  1.00 87.14  ? 412 ASN B CG  1 
ATOM   773  O OD1 . ASN B 2 12 ? -19.098 19.882  45.338  1.00 86.37  ? 412 ASN B OD1 1 
ATOM   774  N ND2 . ASN B 2 12 ? -19.160 18.590  47.173  1.00 89.67  ? 412 ASN B ND2 1 
ATOM   775  N N   . ALA B 2 13 ? -20.441 18.459  41.972  1.00 70.74  ? 413 ALA B N   1 
ATOM   776  C CA  . ALA B 2 13 ? -20.386 19.339  40.798  1.00 64.29  ? 413 ALA B CA  1 
ATOM   777  C C   . ALA B 2 13 ? -21.803 19.602  40.295  1.00 59.50  ? 413 ALA B C   1 
ATOM   778  O O   . ALA B 2 13 ? -22.724 18.830  40.580  1.00 56.25  ? 413 ALA B O   1 
ATOM   779  C CB  . ALA B 2 13 ? -19.541 18.719  39.697  1.00 63.12  ? 413 ALA B CB  1 
ATOM   780  N N   . THR B 2 14 ? -21.987 20.686  39.548  1.00 55.27  ? 414 THR B N   1 
ATOM   781  C CA  . THR B 2 14 ? -23.307 21.000  39.012  1.00 54.62  ? 414 THR B CA  1 
ATOM   782  C C   . THR B 2 14 ? -23.688 20.001  37.921  1.00 51.97  ? 414 THR B C   1 
ATOM   783  O O   . THR B 2 14 ? -22.825 19.438  37.232  1.00 49.72  ? 414 THR B O   1 
ATOM   784  C CB  . THR B 2 14 ? -23.400 22.425  38.440  1.00 55.72  ? 414 THR B CB  1 
ATOM   785  O OG1 . THR B 2 14 ? -22.552 22.545  37.293  1.00 56.42  ? 414 THR B OG1 1 
ATOM   786  C CG2 . THR B 2 14 ? -23.008 23.459  39.489  1.00 56.53  ? 414 THR B CG2 1 
ATOM   787  N N   . LEU B 2 15 ? -24.988 19.782  37.785  1.00 49.80  ? 415 LEU B N   1 
ATOM   788  C CA  . LEU B 2 15 ? -25.511 18.895  36.765  1.00 50.27  ? 415 LEU B CA  1 
ATOM   789  C C   . LEU B 2 15 ? -25.109 19.387  35.374  1.00 48.57  ? 415 LEU B C   1 
ATOM   790  O O   . LEU B 2 15 ? -24.693 18.599  34.520  1.00 45.18  ? 415 LEU B O   1 
ATOM   791  C CB  . LEU B 2 15 ? -27.031 18.810  36.882  1.00 52.50  ? 415 LEU B CB  1 
ATOM   792  C CG  . LEU B 2 15 ? -27.716 17.798  35.965  1.00 56.36  ? 415 LEU B CG  1 
ATOM   793  C CD1 . LEU B 2 15 ? -27.247 16.385  36.282  1.00 57.19  ? 415 LEU B CD1 1 
ATOM   794  C CD2 . LEU B 2 15 ? -29.226 17.913  36.093  1.00 56.76  ? 415 LEU B CD2 1 
ATOM   795  N N   . LYS B 2 16 ? -25.221 20.696  35.164  1.00 49.30  ? 416 LYS B N   1 
ATOM   796  C CA  . LYS B 2 16 ? -24.851 21.316  33.897  1.00 50.72  ? 416 LYS B CA  1 
ATOM   797  C C   . LYS B 2 16 ? -23.399 21.018  33.555  1.00 49.03  ? 416 LYS B C   1 
ATOM   798  O O   . LYS B 2 16 ? -23.085 20.637  32.428  1.00 47.34  ? 416 LYS B O   1 
ATOM   799  C CB  . LYS B 2 16 ? -25.071 22.831  33.954  1.00 55.63  ? 416 LYS B CB  1 
ATOM   800  C CG  . LYS B 2 16 ? -24.828 23.540  32.627  1.00 61.04  ? 416 LYS B CG  1 
ATOM   801  C CD  . LYS B 2 16 ? -24.977 25.056  32.719  1.00 64.68  ? 416 LYS B CD  1 
ATOM   802  C CE  . LYS B 2 16 ? -26.401 25.510  33.034  1.00 67.19  ? 416 LYS B CE  1 
ATOM   803  N NZ  . LYS B 2 16 ? -27.380 25.231  31.945  1.00 69.09  ? 416 LYS B NZ  1 
ATOM   804  N N   . SER B 2 17 ? -22.518 21.194  34.531  1.00 46.85  ? 417 SER B N   1 
ATOM   805  C CA  . SER B 2 17 ? -21.109 20.909  34.330  1.00 47.06  ? 417 SER B CA  1 
ATOM   806  C C   . SER B 2 17 ? -20.856 19.436  34.003  1.00 46.70  ? 417 SER B C   1 
ATOM   807  O O   . SER B 2 17 ? -20.048 19.128  33.131  1.00 48.04  ? 417 SER B O   1 
ATOM   808  C CB  . SER B 2 17 ? -20.308 21.300  35.562  1.00 48.21  ? 417 SER B CB  1 
ATOM   809  O OG  . SER B 2 17 ? -19.018 20.729  35.498  1.00 51.94  ? 417 SER B OG  1 
ATOM   810  N N   . LEU B 2 18 ? -21.531 18.529  34.706  1.00 44.77  ? 418 LEU B N   1 
ATOM   811  C CA  . LEU B 2 18 ? -21.374 17.096  34.439  1.00 43.82  ? 418 LEU B CA  1 
ATOM   812  C C   . LEU B 2 18 ? -21.895 16.747  33.047  1.00 41.94  ? 418 LEU B C   1 
ATOM   813  O O   . LEU B 2 18 ? -21.291 15.948  32.331  1.00 39.16  ? 418 LEU B O   1 
ATOM   814  C CB  . LEU B 2 18 ? -22.097 16.255  35.496  1.00 43.17  ? 418 LEU B CB  1 
ATOM   815  C CG  . LEU B 2 18 ? -21.466 16.276  36.891  1.00 44.20  ? 418 LEU B CG  1 
ATOM   816  C CD1 . LEU B 2 18 ? -22.385 15.614  37.906  1.00 44.35  ? 418 LEU B CD1 1 
ATOM   817  C CD2 . LEU B 2 18 ? -20.104 15.595  36.894  1.00 44.04  ? 418 LEU B CD2 1 
ATOM   818  N N   . THR B 2 19 ? -23.011 17.364  32.677  1.00 42.02  ? 419 THR B N   1 
ATOM   819  C CA  . THR B 2 19 ? -23.621 17.147  31.373  1.00 43.25  ? 419 THR B CA  1 
ATOM   820  C C   . THR B 2 19 ? -22.730 17.647  30.233  1.00 43.21  ? 419 THR B C   1 
ATOM   821  O O   . THR B 2 19 ? -22.635 16.997  29.191  1.00 42.73  ? 419 THR B O   1 
ATOM   822  C CB  . THR B 2 19 ? -25.013 17.799  31.305  1.00 42.64  ? 419 THR B CB  1 
ATOM   823  O OG1 . THR B 2 19 ? -25.830 17.263  32.352  1.00 41.01  ? 419 THR B OG1 1 
ATOM   824  C CG2 . THR B 2 19 ? -25.687 17.512  29.967  1.00 43.91  ? 419 THR B CG2 1 
ATOM   825  N N   . LYS B 2 20 ? -22.068 18.779  30.431  1.00 44.24  ? 420 LYS B N   1 
ATOM   826  C CA  . LYS B 2 20 ? -21.106 19.269  29.441  1.00 47.04  ? 420 LYS B CA  1 
ATOM   827  C C   . LYS B 2 20 ? -19.972 18.272  29.224  1.00 46.13  ? 420 LYS B C   1 
ATOM   828  O O   . LYS B 2 20 ? -19.630 17.960  28.082  1.00 43.78  ? 420 LYS B O   1 
ATOM   829  C CB  . LYS B 2 20 ? -20.527 20.624  29.858  1.00 50.86  ? 420 LYS B CB  1 
ATOM   830  C CG  . LYS B 2 20 ? -21.466 21.791  29.611  1.00 55.42  ? 420 LYS B CG  1 
ATOM   831  C CD  . LYS B 2 20 ? -20.931 23.073  30.232  1.00 60.02  ? 420 LYS B CD  1 
ATOM   832  C CE  . LYS B 2 20 ? -21.905 24.228  30.049  1.00 63.91  ? 420 LYS B CE  1 
ATOM   833  N NZ  . LYS B 2 20 ? -22.094 24.567  28.610  1.00 68.08  ? 420 LYS B NZ  1 
ATOM   834  N N   . GLN B 2 21 ? -19.398 17.769  30.317  1.00 45.71  ? 421 GLN B N   1 
ATOM   835  C CA  . GLN B 2 21 ? -18.313 16.786  30.221  1.00 46.47  ? 421 GLN B CA  1 
ATOM   836  C C   . GLN B 2 21 ? -18.803 15.530  29.521  1.00 42.49  ? 421 GLN B C   1 
ATOM   837  O O   . GLN B 2 21 ? -18.138 15.014  28.635  1.00 41.53  ? 421 GLN B O   1 
ATOM   838  C CB  . GLN B 2 21 ? -17.769 16.389  31.590  1.00 49.44  ? 421 GLN B CB  1 
ATOM   839  C CG  . GLN B 2 21 ? -17.212 17.520  32.439  1.00 55.14  ? 421 GLN B CG  1 
ATOM   840  C CD  . GLN B 2 21 ? -16.842 17.042  33.835  1.00 58.87  ? 421 GLN B CD  1 
ATOM   841  O OE1 . GLN B 2 21 ? -16.073 16.092  33.986  1.00 63.44  ? 421 GLN B OE1 1 
ATOM   842  N NE2 . GLN B 2 21 ? -17.394 17.686  34.859  1.00 61.04  ? 421 GLN B NE2 1 
ATOM   843  N N   . TYR B 2 22 ? -19.967 15.044  29.941  1.00 41.71  ? 422 TYR B N   1 
ATOM   844  C CA  . TYR B 2 22 ? -20.604 13.871  29.334  1.00 41.72  ? 422 TYR B CA  1 
ATOM   845  C C   . TYR B 2 22 ? -20.695 13.993  27.815  1.00 41.01  ? 422 TYR B C   1 
ATOM   846  O O   . TYR B 2 22 ? -20.314 13.080  27.082  1.00 39.30  ? 422 TYR B O   1 
ATOM   847  C CB  . TYR B 2 22 ? -22.008 13.711  29.918  1.00 43.33  ? 422 TYR B CB  1 
ATOM   848  C CG  . TYR B 2 22 ? -22.819 12.565  29.362  1.00 44.96  ? 422 TYR B CG  1 
ATOM   849  C CD1 . TYR B 2 22 ? -22.595 11.263  29.789  1.00 47.46  ? 422 TYR B CD1 1 
ATOM   850  C CD2 . TYR B 2 22 ? -23.821 12.784  28.424  1.00 46.65  ? 422 TYR B CD2 1 
ATOM   851  C CE1 . TYR B 2 22 ? -23.341 10.209  29.290  1.00 49.76  ? 422 TYR B CE1 1 
ATOM   852  C CE2 . TYR B 2 22 ? -24.575 11.736  27.922  1.00 48.16  ? 422 TYR B CE2 1 
ATOM   853  C CZ  . TYR B 2 22 ? -24.333 10.452  28.363  1.00 50.65  ? 422 TYR B CZ  1 
ATOM   854  O OH  . TYR B 2 22 ? -25.074 9.403   27.869  1.00 57.43  ? 422 TYR B OH  1 
ATOM   855  N N   . LEU B 2 23 ? -21.208 15.129  27.353  1.00 40.88  ? 423 LEU B N   1 
ATOM   856  C CA  . LEU B 2 23 ? -21.407 15.358  25.929  1.00 41.77  ? 423 LEU B CA  1 
ATOM   857  C C   . LEU B 2 23 ? -20.087 15.521  25.196  1.00 40.64  ? 423 LEU B C   1 
ATOM   858  O O   . LEU B 2 23 ? -19.926 15.031  24.085  1.00 40.38  ? 423 LEU B O   1 
ATOM   859  C CB  . LEU B 2 23 ? -22.294 16.585  25.707  1.00 42.36  ? 423 LEU B CB  1 
ATOM   860  C CG  . LEU B 2 23 ? -23.755 16.347  26.092  1.00 43.45  ? 423 LEU B CG  1 
ATOM   861  C CD1 . LEU B 2 23 ? -24.529 17.657  26.127  1.00 44.92  ? 423 LEU B CD1 1 
ATOM   862  C CD2 . LEU B 2 23 ? -24.406 15.363  25.137  1.00 44.19  ? 423 LEU B CD2 1 
ATOM   863  N N   . SER B 2 24 ? -19.142 16.197  25.830  1.00 41.21  ? 424 SER B N   1 
ATOM   864  C CA  . SER B 2 24 ? -17.811 16.353  25.264  1.00 41.25  ? 424 SER B CA  1 
ATOM   865  C C   . SER B 2 24 ? -17.137 14.991  25.058  1.00 41.29  ? 424 SER B C   1 
ATOM   866  O O   . SER B 2 24 ? -16.642 14.702  23.970  1.00 40.63  ? 424 SER B O   1 
ATOM   867  C CB  . SER B 2 24 ? -16.966 17.256  26.164  1.00 42.90  ? 424 SER B CB  1 
ATOM   868  O OG  . SER B 2 24 ? -15.604 17.202  25.796  1.00 46.28  ? 424 SER B OG  1 
ATOM   869  N N   . VAL B 2 25 ? -17.137 14.144  26.086  1.00 41.11  ? 425 VAL B N   1 
ATOM   870  C CA  . VAL B 2 25 ? -16.540 12.801  25.952  1.00 41.27  ? 425 VAL B CA  1 
ATOM   871  C C   . VAL B 2 25 ? -17.305 11.981  24.907  1.00 39.41  ? 425 VAL B C   1 
ATOM   872  O O   . VAL B 2 25 ? -16.708 11.262  24.108  1.00 37.98  ? 425 VAL B O   1 
ATOM   873  C CB  . VAL B 2 25 ? -16.506 12.019  27.286  1.00 42.92  ? 425 VAL B CB  1 
ATOM   874  C CG1 . VAL B 2 25 ? -15.823 10.668  27.098  1.00 42.84  ? 425 VAL B CG1 1 
ATOM   875  C CG2 . VAL B 2 25 ? -15.769 12.807  28.360  1.00 44.37  ? 425 VAL B CG2 1 
ATOM   876  N N   . SER B 2 26 ? -18.626 12.097  24.913  1.00 39.46  ? 426 SER B N   1 
ATOM   877  C CA  . SER B 2 26 ? -19.456 11.414  23.926  1.00 41.07  ? 426 SER B CA  1 
ATOM   878  C C   . SER B 2 26 ? -19.089 11.815  22.497  1.00 41.50  ? 426 SER B C   1 
ATOM   879  O O   . SER B 2 26 ? -19.030 10.967  21.605  1.00 41.21  ? 426 SER B O   1 
ATOM   880  C CB  . SER B 2 26 ? -20.934 11.702  24.183  1.00 41.73  ? 426 SER B CB  1 
ATOM   881  O OG  . SER B 2 26 ? -21.741 11.084  23.198  1.00 45.39  ? 426 SER B OG  1 
ATOM   882  N N   . ASN B 2 27 ? -18.842 13.107  22.284  1.00 41.63  ? 427 ASN B N   1 
ATOM   883  C CA  . ASN B 2 27 ? -18.423 13.594  20.974  1.00 42.01  ? 427 ASN B CA  1 
ATOM   884  C C   . ASN B 2 27 ? -17.051 13.059  20.556  1.00 40.82  ? 427 ASN B C   1 
ATOM   885  O O   . ASN B 2 27 ? -16.849 12.720  19.391  1.00 40.02  ? 427 ASN B O   1 
ATOM   886  C CB  . ASN B 2 27 ? -18.467 15.124  20.930  1.00 44.68  ? 427 ASN B CB  1 
ATOM   887  C CG  . ASN B 2 27 ? -19.887 15.667  21.036  1.00 47.97  ? 427 ASN B CG  1 
ATOM   888  O OD1 . ASN B 2 27 ? -20.849 14.989  20.673  1.00 53.02  ? 427 ASN B OD1 1 
ATOM   889  N ND2 . ASN B 2 27 ? -20.025 16.880  21.549  1.00 48.91  ? 427 ASN B ND2 1 
ATOM   890  N N   . SER B 2 28 ? -16.120 12.961  21.504  1.00 39.27  ? 428 SER B N   1 
ATOM   891  C CA  . SER B 2 28 ? -14.807 12.375  21.227  1.00 40.11  ? 428 SER B CA  1 
ATOM   892  C C   . SER B 2 28 ? -14.901 10.907  20.818  1.00 39.62  ? 428 SER B C   1 
ATOM   893  O O   . SER B 2 28 ? -14.177 10.457  19.924  1.00 40.48  ? 428 SER B O   1 
ATOM   894  C CB  . SER B 2 28 ? -13.891 12.500  22.442  1.00 40.80  ? 428 SER B CB  1 
ATOM   895  O OG  . SER B 2 28 ? -13.689 13.857  22.769  1.00 42.28  ? 428 SER B OG  1 
ATOM   896  N N   . ILE B 2 29 ? -15.786 10.166  21.480  1.00 38.35  ? 429 ILE B N   1 
ATOM   897  C CA  . ILE B 2 29 ? -16.027 8.774   21.127  1.00 37.22  ? 429 ILE B CA  1 
ATOM   898  C C   . ILE B 2 29 ? -16.541 8.704   19.691  1.00 36.61  ? 429 ILE B C   1 
ATOM   899  O O   . ILE B 2 29 ? -15.970 7.991   18.868  1.00 35.15  ? 429 ILE B O   1 
ATOM   900  C CB  . ILE B 2 29 ? -16.995 8.087   22.121  1.00 37.16  ? 429 ILE B CB  1 
ATOM   901  C CG1 . ILE B 2 29 ? -16.289 7.890   23.464  1.00 37.75  ? 429 ILE B CG1 1 
ATOM   902  C CG2 . ILE B 2 29 ? -17.467 6.739   21.588  1.00 37.19  ? 429 ILE B CG2 1 
ATOM   903  C CD1 . ILE B 2 29 ? -17.204 7.525   24.612  1.00 38.46  ? 429 ILE B CD1 1 
ATOM   904  N N   . ASP B 2 30 ? -17.586 9.471   19.389  1.00 37.60  ? 430 ASP B N   1 
ATOM   905  C CA  . ASP B 2 30 ? -18.140 9.527   18.026  1.00 38.22  ? 430 ASP B CA  1 
ATOM   906  C C   . ASP B 2 30 ? -17.072 9.828   16.973  1.00 38.14  ? 430 ASP B C   1 
ATOM   907  O O   . ASP B 2 30 ? -16.985 9.151   15.950  1.00 36.34  ? 430 ASP B O   1 
ATOM   908  C CB  . ASP B 2 30 ? -19.248 10.581  17.939  1.00 39.98  ? 430 ASP B CB  1 
ATOM   909  C CG  . ASP B 2 30 ? -20.493 10.199  18.736  1.00 40.74  ? 430 ASP B CG  1 
ATOM   910  O OD1 . ASP B 2 30 ? -20.542 9.079   19.285  1.00 42.03  ? 430 ASP B OD1 1 
ATOM   911  O OD2 . ASP B 2 30 ? -21.425 11.027  18.819  1.00 40.91  ? 430 ASP B OD2 1 
ATOM   912  N N   . GLU B 2 31 ? -16.254 10.841  17.237  1.00 38.66  ? 431 GLU B N   1 
ATOM   913  C CA  . GLU B 2 31 ? -15.184 11.223  16.321  1.00 41.00  ? 431 GLU B CA  1 
ATOM   914  C C   . GLU B 2 31 ? -14.156 10.108  16.164  1.00 39.64  ? 431 GLU B C   1 
ATOM   915  O O   . GLU B 2 31 ? -13.665 9.859   15.064  1.00 38.18  ? 431 GLU B O   1 
ATOM   916  C CB  . GLU B 2 31 ? -14.504 12.514  16.798  1.00 44.42  ? 431 GLU B CB  1 
ATOM   917  C CG  . GLU B 2 31 ? -15.380 13.761  16.654  1.00 48.15  ? 431 GLU B CG  1 
ATOM   918  C CD  . GLU B 2 31 ? -14.888 14.949  17.477  1.00 52.56  ? 431 GLU B CD  1 
ATOM   919  O OE1 . GLU B 2 31 ? -13.804 14.868  18.099  1.00 54.00  ? 431 GLU B OE1 1 
ATOM   920  O OE2 . GLU B 2 31 ? -15.595 15.978  17.506  1.00 56.50  ? 431 GLU B OE2 1 
ATOM   921  N N   . THR B 2 32 ? -13.840 9.437   17.267  1.00 39.65  ? 432 THR B N   1 
ATOM   922  C CA  . THR B 2 32 ? -12.893 8.321   17.248  1.00 39.83  ? 432 THR B CA  1 
ATOM   923  C C   . THR B 2 32 ? -13.426 7.146   16.429  1.00 38.20  ? 432 THR B C   1 
ATOM   924  O O   . THR B 2 32 ? -12.704 6.585   15.609  1.00 37.86  ? 432 THR B O   1 
ATOM   925  C CB  . THR B 2 32 ? -12.547 7.864   18.677  1.00 40.89  ? 432 THR B CB  1 
ATOM   926  O OG1 . THR B 2 32 ? -11.998 8.967   19.411  1.00 40.13  ? 432 THR B OG1 1 
ATOM   927  C CG2 . THR B 2 32 ? -11.539 6.731   18.662  1.00 41.84  ? 432 THR B CG2 1 
ATOM   928  N N   . VAL B 2 33 ? -14.690 6.787   16.637  1.00 37.31  ? 433 VAL B N   1 
ATOM   929  C CA  . VAL B 2 33 ? -15.302 5.684   15.886  1.00 37.32  ? 433 VAL B CA  1 
ATOM   930  C C   . VAL B 2 33 ? -15.440 6.028   14.397  1.00 37.73  ? 433 VAL B C   1 
ATOM   931  O O   . VAL B 2 33 ? -15.201 5.181   13.541  1.00 36.97  ? 433 VAL B O   1 
ATOM   932  C CB  . VAL B 2 33 ? -16.675 5.288   16.479  1.00 38.45  ? 433 VAL B CB  1 
ATOM   933  C CG1 . VAL B 2 33 ? -17.392 4.278   15.594  1.00 37.97  ? 433 VAL B CG1 1 
ATOM   934  C CG2 . VAL B 2 33 ? -16.500 4.715   17.879  1.00 38.55  ? 433 VAL B CG2 1 
ATOM   935  N N   . ALA B 2 34 ? -15.832 7.266   14.091  1.00 38.03  ? 434 ALA B N   1 
ATOM   936  C CA  . ALA B 2 34 ? -15.862 7.746   12.702  1.00 38.62  ? 434 ALA B CA  1 
ATOM   937  C C   . ALA B 2 34 ? -14.510 7.557   12.011  1.00 38.10  ? 434 ALA B C   1 
ATOM   938  O O   . ALA B 2 34 ? -14.449 7.155   10.857  1.00 37.07  ? 434 ALA B O   1 
ATOM   939  C CB  . ALA B 2 34 ? -16.266 9.212   12.656  1.00 38.78  ? 434 ALA B CB  1 
ATOM   940  N N   . ARG B 2 35 ? -13.438 7.856   12.736  1.00 39.03  ? 435 ARG B N   1 
ATOM   941  C CA  . ARG B 2 35 ? -12.076 7.729   12.231  1.00 41.13  ? 435 ARG B CA  1 
ATOM   942  C C   . ARG B 2 35 ? -11.753 6.275   11.905  1.00 40.30  ? 435 ARG B C   1 
ATOM   943  O O   . ARG B 2 35 ? -11.192 5.971   10.848  1.00 39.16  ? 435 ARG B O   1 
ATOM   944  C CB  . ARG B 2 35 ? -11.084 8.255   13.285  1.00 44.54  ? 435 ARG B CB  1 
ATOM   945  C CG  . ARG B 2 35 ? -9.931  9.075   12.731  1.00 48.55  ? 435 ARG B CG  1 
ATOM   946  C CD  . ARG B 2 35 ? -9.408  10.098  13.740  1.00 51.30  ? 435 ARG B CD  1 
ATOM   947  N NE  . ARG B 2 35 ? -9.033  9.500   15.027  1.00 53.61  ? 435 ARG B NE  1 
ATOM   948  C CZ  . ARG B 2 35 ? -9.444  9.909   16.234  1.00 57.80  ? 435 ARG B CZ  1 
ATOM   949  N NH1 . ARG B 2 35 ? -10.268 10.950  16.386  1.00 58.93  ? 435 ARG B NH1 1 
ATOM   950  N NH2 . ARG B 2 35 ? -9.014  9.266   17.317  1.00 60.82  ? 435 ARG B NH2 1 
ATOM   951  N N   . TYR B 2 36 ? -12.104 5.380   12.824  1.00 39.21  ? 436 TYR B N   1 
ATOM   952  C CA  . TYR B 2 36 ? -11.853 3.957   12.627  1.00 39.57  ? 436 TYR B CA  1 
ATOM   953  C C   . TYR B 2 36 ? -12.621 3.413   11.434  1.00 38.64  ? 436 TYR B C   1 
ATOM   954  O O   . TYR B 2 36 ? -12.079 2.612   10.678  1.00 38.75  ? 436 TYR B O   1 
ATOM   955  C CB  . TYR B 2 36 ? -12.195 3.147   13.889  1.00 40.88  ? 436 TYR B CB  1 
ATOM   956  C CG  . TYR B 2 36 ? -11.297 3.406   15.094  1.00 43.08  ? 436 TYR B CG  1 
ATOM   957  C CD1 . TYR B 2 36 ? -10.044 3.998   14.957  1.00 44.47  ? 436 TYR B CD1 1 
ATOM   958  C CD2 . TYR B 2 36 ? -11.698 3.029   16.375  1.00 44.85  ? 436 TYR B CD2 1 
ATOM   959  C CE1 . TYR B 2 36 ? -9.232  4.220   16.056  1.00 47.48  ? 436 TYR B CE1 1 
ATOM   960  C CE2 . TYR B 2 36 ? -10.892 3.248   17.478  1.00 46.03  ? 436 TYR B CE2 1 
ATOM   961  C CZ  . TYR B 2 36 ? -9.659  3.845   17.315  1.00 47.78  ? 436 TYR B CZ  1 
ATOM   962  O OH  . TYR B 2 36 ? -8.849  4.074   18.406  1.00 49.01  ? 436 TYR B OH  1 
ATOM   963  N N   . LYS B 2 37 ? -13.868 3.850   11.254  1.00 36.84  ? 437 LYS B N   1 
ATOM   964  C CA  . LYS B 2 37 ? -14.663 3.398   10.124  1.00 38.06  ? 437 LYS B CA  1 
ATOM   965  C C   . LYS B 2 37 ? -14.049 3.847   8.804   1.00 38.70  ? 437 LYS B C   1 
ATOM   966  O O   . LYS B 2 37 ? -14.023 3.076   7.830   1.00 37.02  ? 437 LYS B O   1 
ATOM   967  C CB  . LYS B 2 37 ? -16.098 3.906   10.218  1.00 38.39  ? 437 LYS B CB  1 
ATOM   968  C CG  . LYS B 2 37 ? -16.899 3.283   11.343  1.00 39.83  ? 437 LYS B CG  1 
ATOM   969  C CD  . LYS B 2 37 ? -18.311 3.830   11.357  1.00 40.83  ? 437 LYS B CD  1 
ATOM   970  C CE  . LYS B 2 37 ? -19.189 3.096   12.348  1.00 41.25  ? 437 LYS B CE  1 
ATOM   971  N NZ  . LYS B 2 37 ? -20.538 3.718   12.416  1.00 43.95  ? 437 LYS B NZ  1 
ATOM   972  N N   . ALA B 2 38 ? -13.573 5.093   8.773   1.00 37.50  ? 438 ALA B N   1 
ATOM   973  C CA  . ALA B 2 38 ? -12.946 5.642   7.571   1.00 37.07  ? 438 ALA B CA  1 
ATOM   974  C C   . ALA B 2 38 ? -11.679 4.868   7.260   1.00 35.53  ? 438 ALA B C   1 
ATOM   975  O O   . ALA B 2 38 ? -11.442 4.493   6.118   1.00 35.85  ? 438 ALA B O   1 
ATOM   976  C CB  . ALA B 2 38 ? -12.639 7.119   7.745   1.00 36.94  ? 438 ALA B CB  1 
ATOM   977  N N   . GLN B 2 39 ? -10.878 4.607   8.288   1.00 35.64  ? 439 GLN B N   1 
ATOM   978  C CA  . GLN B 2 39 ? -9.659  3.828   8.112   1.00 36.60  ? 439 GLN B CA  1 
ATOM   979  C C   . GLN B 2 39 ? -9.974  2.395   7.670   1.00 36.80  ? 439 GLN B C   1 
ATOM   980  O O   . GLN B 2 39 ? -9.316  1.864   6.774   1.00 37.93  ? 439 GLN B O   1 
ATOM   981  C CB  . GLN B 2 39 ? -8.813  3.828   9.387   1.00 37.34  ? 439 GLN B CB  1 
ATOM   982  C CG  . GLN B 2 39 ? -7.443  3.188   9.212   1.00 37.63  ? 439 GLN B CG  1 
ATOM   983  C CD  . GLN B 2 39 ? -6.631  3.177   10.491  1.00 38.38  ? 439 GLN B CD  1 
ATOM   984  O OE1 . GLN B 2 39 ? -6.419  2.130   11.103  1.00 36.79  ? 439 GLN B OE1 1 
ATOM   985  N NE2 . GLN B 2 39 ? -6.165  4.348   10.898  1.00 40.66  ? 439 GLN B NE2 1 
ATOM   986  N N   . PHE B 2 40 ? -10.987 1.776   8.269   1.00 37.19  ? 440 PHE B N   1 
ATOM   987  C CA  . PHE B 2 40 ? -11.398 0.425   7.854   1.00 37.26  ? 440 PHE B CA  1 
ATOM   988  C C   . PHE B 2 40 ? -11.721 0.428   6.353   1.00 36.05  ? 440 PHE B C   1 
ATOM   989  O O   . PHE B 2 40 ? -11.210 -0.391  5.590   1.00 36.67  ? 440 PHE B O   1 
ATOM   990  C CB  . PHE B 2 40 ? -12.597 -0.066  8.690   1.00 37.82  ? 440 PHE B CB  1 
ATOM   991  C CG  . PHE B 2 40 ? -13.154 -1.403  8.249   1.00 38.68  ? 440 PHE B CG  1 
ATOM   992  C CD1 . PHE B 2 40 ? -13.992 -1.495  7.143   1.00 39.02  ? 440 PHE B CD1 1 
ATOM   993  C CD2 . PHE B 2 40 ? -12.851 -2.568  8.947   1.00 39.22  ? 440 PHE B CD2 1 
ATOM   994  C CE1 . PHE B 2 40 ? -14.505 -2.719  6.733   1.00 38.94  ? 440 PHE B CE1 1 
ATOM   995  C CE2 . PHE B 2 40 ? -13.365 -3.794  8.541   1.00 40.00  ? 440 PHE B CE2 1 
ATOM   996  C CZ  . PHE B 2 40 ? -14.194 -3.868  7.433   1.00 38.46  ? 440 PHE B CZ  1 
ATOM   997  N N   . THR B 2 41 ? -12.549 1.370   5.927   1.00 35.93  ? 441 THR B N   1 
ATOM   998  C CA  . THR B 2 41 ? -12.972 1.445   4.529   1.00 35.58  ? 441 THR B CA  1 
ATOM   999  C C   . THR B 2 41 ? -11.788 1.589   3.572   1.00 35.59  ? 441 THR B C   1 
ATOM   1000 O O   . THR B 2 41 ? -11.745 0.945   2.517   1.00 35.26  ? 441 THR B O   1 
ATOM   1001 C CB  . THR B 2 41 ? -13.942 2.620   4.319   1.00 36.56  ? 441 THR B CB  1 
ATOM   1002 O OG1 . THR B 2 41 ? -15.042 2.498   5.232   1.00 37.24  ? 441 THR B OG1 1 
ATOM   1003 C CG2 . THR B 2 41 ? -14.462 2.660   2.884   1.00 36.67  ? 441 THR B CG2 1 
ATOM   1004 N N   . GLN B 2 42 ? -10.834 2.437   3.938   1.00 35.58  ? 442 GLN B N   1 
ATOM   1005 C CA  . GLN B 2 42 ? -9.679  2.686   3.087   1.00 36.58  ? 442 GLN B CA  1 
ATOM   1006 C C   . GLN B 2 42 ? -8.694  1.524   3.072   1.00 35.48  ? 442 GLN B C   1 
ATOM   1007 O O   . GLN B 2 42 ? -8.124  1.215   2.032   1.00 34.91  ? 442 GLN B O   1 
ATOM   1008 C CB  . GLN B 2 42 ? -8.996  3.987   3.493   1.00 39.31  ? 442 GLN B CB  1 
ATOM   1009 C CG  . GLN B 2 42 ? -9.886  5.193   3.232   1.00 40.74  ? 442 GLN B CG  1 
ATOM   1010 C CD  . GLN B 2 42 ? -9.350  6.464   3.847   1.00 42.60  ? 442 GLN B CD  1 
ATOM   1011 O OE1 . GLN B 2 42 ? -8.169  6.776   3.723   1.00 47.00  ? 442 GLN B OE1 1 
ATOM   1012 N NE2 . GLN B 2 42 ? -10.222 7.216   4.497   1.00 44.33  ? 442 GLN B NE2 1 
ATOM   1013 N N   . LEU B 2 43 ? -8.511  0.857   4.207   1.00 34.25  ? 443 LEU B N   1 
ATOM   1014 C CA  . LEU B 2 43 ? -7.646  -0.315  4.233   1.00 35.06  ? 443 LEU B CA  1 
ATOM   1015 C C   . LEU B 2 43 ? -8.270  -1.463  3.457   1.00 37.28  ? 443 LEU B C   1 
ATOM   1016 O O   . LEU B 2 43 ? -7.570  -2.205  2.777   1.00 38.26  ? 443 LEU B O   1 
ATOM   1017 C CB  . LEU B 2 43 ? -7.328  -0.735  5.661   1.00 34.85  ? 443 LEU B CB  1 
ATOM   1018 C CG  . LEU B 2 43 ? -6.476  0.259   6.448   1.00 34.59  ? 443 LEU B CG  1 
ATOM   1019 C CD1 . LEU B 2 43 ? -6.373  -0.190  7.894   1.00 35.83  ? 443 LEU B CD1 1 
ATOM   1020 C CD2 . LEU B 2 43 ? -5.092  0.413   5.842   1.00 35.31  ? 443 LEU B CD2 1 
ATOM   1021 N N   . ASP B 2 44 ? -9.590  -1.590  3.530   1.00 39.12  ? 444 ASP B N   1 
ATOM   1022 C CA  . ASP B 2 44 ? -10.279 -2.618  2.766   1.00 39.34  ? 444 ASP B CA  1 
ATOM   1023 C C   . ASP B 2 44 ? -10.185 -2.345  1.260   1.00 37.70  ? 444 ASP B C   1 
ATOM   1024 O O   . ASP B 2 44 ? -9.889  -3.244  0.478   1.00 37.56  ? 444 ASP B O   1 
ATOM   1025 C CB  . ASP B 2 44 ? -11.730 -2.721  3.200   1.00 41.42  ? 444 ASP B CB  1 
ATOM   1026 C CG  . ASP B 2 44 ? -12.492 -3.709  2.374   1.00 42.30  ? 444 ASP B CG  1 
ATOM   1027 O OD1 . ASP B 2 44 ? -12.346 -4.922  2.614   1.00 43.58  ? 444 ASP B OD1 1 
ATOM   1028 O OD2 . ASP B 2 44 ? -13.196 -3.267  1.453   1.00 45.44  ? 444 ASP B OD2 1 
ATOM   1029 N N   . THR B 2 45 ? -10.421 -1.099  0.867   1.00 37.23  ? 445 THR B N   1 
ATOM   1030 C CA  . THR B 2 45 ? -10.179 -0.661  -0.506  1.00 38.06  ? 445 THR B CA  1 
ATOM   1031 C C   . THR B 2 45 ? -8.759  -0.998  -0.973  1.00 39.85  ? 445 THR B C   1 
ATOM   1032 O O   . THR B 2 45 ? -8.559  -1.500  -2.083  1.00 41.99  ? 445 THR B O   1 
ATOM   1033 C CB  . THR B 2 45 ? -10.394 0.856   -0.628  1.00 38.10  ? 445 THR B CB  1 
ATOM   1034 O OG1 . THR B 2 45 ? -11.764 1.161   -0.353  1.00 38.85  ? 445 THR B OG1 1 
ATOM   1035 C CG2 . THR B 2 45 ? -10.037 1.366   -2.015  1.00 38.03  ? 445 THR B CG2 1 
ATOM   1036 N N   . MET B 2 46 ? -7.782  -0.709  -0.121  1.00 40.51  ? 446 MET B N   1 
ATOM   1037 C CA  . MET B 2 46 ? -6.384  -0.970  -0.431  1.00 41.86  ? 446 MET B CA  1 
ATOM   1038 C C   . MET B 2 46 ? -6.165  -2.454  -0.676  1.00 42.37  ? 446 MET B C   1 
ATOM   1039 O O   . MET B 2 46 ? -5.504  -2.845  -1.648  1.00 39.02  ? 446 MET B O   1 
ATOM   1040 C CB  . MET B 2 46 ? -5.493  -0.492  0.721   1.00 42.40  ? 446 MET B CB  1 
ATOM   1041 C CG  . MET B 2 46 ? -4.030  -0.875  0.593   1.00 42.45  ? 446 MET B CG  1 
ATOM   1042 S SD  . MET B 2 46 ? -2.996  0.113   1.693   1.00 42.82  ? 446 MET B SD  1 
ATOM   1043 C CE  . MET B 2 46 ? -1.426  -0.702  1.444   1.00 43.74  ? 446 MET B CE  1 
ATOM   1044 N N   . MET B 2 47 ? -6.736  -3.268  0.208   1.00 43.39  ? 447 MET B N   1 
ATOM   1045 C CA  . MET B 2 47 ? -6.624  -4.720  0.106   1.00 47.57  ? 447 MET B CA  1 
ATOM   1046 C C   . MET B 2 47 ? -7.196  -5.262  -1.201  1.00 47.17  ? 447 MET B C   1 
ATOM   1047 O O   . MET B 2 47 ? -6.597  -6.145  -1.806  1.00 47.93  ? 447 MET B O   1 
ATOM   1048 C CB  . MET B 2 47 ? -7.305  -5.402  1.284   1.00 51.04  ? 447 MET B CB  1 
ATOM   1049 C CG  . MET B 2 47 ? -6.779  -6.803  1.533   1.00 54.51  ? 447 MET B CG  1 
ATOM   1050 S SD  . MET B 2 47 ? -7.837  -7.699  2.673   1.00 59.77  ? 447 MET B SD  1 
ATOM   1051 C CE  . MET B 2 47 ? -7.138  -7.204  4.211   1.00 57.95  ? 447 MET B CE  1 
ATOM   1052 N N   . SER B 2 48 ? -8.336  -4.729  -1.637  1.00 48.09  ? 448 SER B N   1 
ATOM   1053 C CA  . SER B 2 48 ? -8.924  -5.131  -2.919  1.00 50.75  ? 448 SER B CA  1 
ATOM   1054 C C   . SER B 2 48 ? -8.020  -4.714  -4.063  1.00 51.33  ? 448 SER B C   1 
ATOM   1055 O O   . SER B 2 48 ? -7.827  -5.464  -5.009  1.00 52.30  ? 448 SER B O   1 
ATOM   1056 C CB  . SER B 2 48 ? -10.307 -4.506  -3.123  1.00 50.17  ? 448 SER B CB  1 
ATOM   1057 O OG  . SER B 2 48 ? -11.236 -5.008  -2.185  1.00 51.22  ? 448 SER B OG  1 
ATOM   1058 N N   . LYS B 2 49 ? -7.479  -3.503  -3.971  1.00 52.17  ? 449 LYS B N   1 
ATOM   1059 C CA  . LYS B 2 49 ? -6.589  -2.981  -5.002  1.00 53.02  ? 449 LYS B CA  1 
ATOM   1060 C C   . LYS B 2 49 ? -5.307  -3.820  -5.131  1.00 53.51  ? 449 LYS B C   1 
ATOM   1061 O O   . LYS B 2 49 ? -4.781  -3.963  -6.230  1.00 53.68  ? 449 LYS B O   1 
ATOM   1062 C CB  . LYS B 2 49 ? -6.275  -1.506  -4.729  1.00 53.86  ? 449 LYS B CB  1 
ATOM   1063 C CG  . LYS B 2 49 ? -5.372  -0.830  -5.749  1.00 57.30  ? 449 LYS B CG  1 
ATOM   1064 C CD  . LYS B 2 49 ? -6.029  -0.630  -7.112  1.00 59.18  ? 449 LYS B CD  1 
ATOM   1065 C CE  . LYS B 2 49 ? -6.890  0.626   -7.158  1.00 60.40  ? 449 LYS B CE  1 
ATOM   1066 N NZ  . LYS B 2 49 ? -7.120  1.080   -8.558  1.00 61.30  ? 449 LYS B NZ  1 
ATOM   1067 N N   . LEU B 2 50 ? -4.822  -4.391  -4.026  1.00 54.02  ? 450 LEU B N   1 
ATOM   1068 C CA  . LEU B 2 50 ? -3.646  -5.272  -4.071  1.00 54.40  ? 450 LEU B CA  1 
ATOM   1069 C C   . LEU B 2 50 ? -3.892  -6.550  -4.882  1.00 55.99  ? 450 LEU B C   1 
ATOM   1070 O O   . LEU B 2 50 ? -2.971  -7.074  -5.511  1.00 54.89  ? 450 LEU B O   1 
ATOM   1071 C CB  . LEU B 2 50 ? -3.165  -5.634  -2.661  1.00 56.53  ? 450 LEU B CB  1 
ATOM   1072 C CG  . LEU B 2 50 ? -2.593  -4.527  -1.771  1.00 58.20  ? 450 LEU B CG  1 
ATOM   1073 C CD1 . LEU B 2 50 ? -2.100  -5.124  -0.460  1.00 59.72  ? 450 LEU B CD1 1 
ATOM   1074 C CD2 . LEU B 2 50 ? -1.473  -3.758  -2.459  1.00 60.71  ? 450 LEU B CD2 1 
ATOM   1075 N N   . ASN B 2 51 ? -5.128  -7.048  -4.859  1.00 57.09  ? 451 ASN B N   1 
ATOM   1076 C CA  . ASN B 2 51 ? -5.555  -8.155  -5.722  1.00 57.63  ? 451 ASN B CA  1 
ATOM   1077 C C   . ASN B 2 51 ? -5.333  -7.846  -7.211  1.00 56.10  ? 451 ASN B C   1 
ATOM   1078 O O   . ASN B 2 51 ? -4.821  -8.683  -7.955  1.00 54.96  ? 451 ASN B O   1 
ATOM   1079 C CB  . ASN B 2 51 ? -7.040  -8.462  -5.469  1.00 61.60  ? 451 ASN B CB  1 
ATOM   1080 C CG  . ASN B 2 51 ? -7.552  -9.643  -6.276  1.00 66.56  ? 451 ASN B CG  1 
ATOM   1081 O OD1 . ASN B 2 51 ? -8.514  -9.510  -7.038  1.00 70.06  ? 451 ASN B OD1 1 
ATOM   1082 N ND2 . ASN B 2 51 ? -6.925  -10.806 -6.110  1.00 68.33  ? 451 ASN B ND2 1 
ATOM   1083 N N   . ASN B 2 52 ? -5.716  -6.644  -7.638  1.00 54.39  ? 452 ASN B N   1 
ATOM   1084 C CA  . ASN B 2 52 ? -5.543  -6.236  -9.034  1.00 54.20  ? 452 ASN B CA  1 
ATOM   1085 C C   . ASN B 2 52 ? -4.078  -6.030  -9.397  1.00 53.71  ? 452 ASN B C   1 
ATOM   1086 O O   . ASN B 2 52 ? -3.632  -6.480  -10.453 1.00 55.57  ? 452 ASN B O   1 
ATOM   1087 C CB  . ASN B 2 52 ? -6.313  -4.946  -9.344  1.00 55.79  ? 452 ASN B CB  1 
ATOM   1088 C CG  . ASN B 2 52 ? -7.812  -5.091  -9.151  1.00 58.40  ? 452 ASN B CG  1 
ATOM   1089 O OD1 . ASN B 2 52 ? -8.383  -6.169  -9.341  1.00 61.31  ? 452 ASN B OD1 1 
ATOM   1090 N ND2 . ASN B 2 52 ? -8.461  -3.996  -8.774  1.00 58.26  ? 452 ASN B ND2 1 
ATOM   1091 N N   . THR B 2 53 ? -3.337  -5.340  -8.532  1.00 51.09  ? 453 THR B N   1 
ATOM   1092 C CA  . THR B 2 53 ? -1.924  -5.064  -8.794  1.00 51.81  ? 453 THR B CA  1 
ATOM   1093 C C   . THR B 2 53 ? -1.096  -6.351  -8.826  1.00 50.61  ? 453 THR B C   1 
ATOM   1094 O O   . THR B 2 53 ? -0.255  -6.513  -9.702  1.00 50.14  ? 453 THR B O   1 
ATOM   1095 C CB  . THR B 2 53 ? -1.314  -4.066  -7.779  1.00 52.70  ? 453 THR B CB  1 
ATOM   1096 O OG1 . THR B 2 53 ? -1.460  -4.567  -6.448  1.00 56.25  ? 453 THR B OG1 1 
ATOM   1097 C CG2 . THR B 2 53 ? -1.988  -2.709  -7.878  1.00 52.98  ? 453 THR B CG2 1 
ATOM   1098 N N   . SER B 2 54 ? -1.345  -7.269  -7.891  1.00 52.58  ? 454 SER B N   1 
ATOM   1099 C CA  . SER B 2 54 ? -0.681  -8.585  -7.902  1.00 53.35  ? 454 SER B CA  1 
ATOM   1100 C C   . SER B 2 54 ? -0.916  -9.349  -9.205  1.00 52.97  ? 454 SER B C   1 
ATOM   1101 O O   . SER B 2 54 ? -0.010  -9.993  -9.733  1.00 53.90  ? 454 SER B O   1 
ATOM   1102 C CB  . SER B 2 54 ? -1.138  -9.449  -6.719  1.00 55.00  ? 454 SER B CB  1 
ATOM   1103 O OG  . SER B 2 54 ? -0.459  -9.087  -5.526  1.00 56.64  ? 454 SER B OG  1 
ATOM   1104 N N   . SER B 2 55 ? -2.137  -9.281  -9.716  1.00 53.85  ? 455 SER B N   1 
ATOM   1105 C CA  . SER B 2 55 ? -2.471  -9.926  -10.983 1.00 54.01  ? 455 SER B CA  1 
ATOM   1106 C C   . SER B 2 55 ? -1.666  -9.315  -12.143 1.00 52.21  ? 455 SER B C   1 
ATOM   1107 O O   . SER B 2 55 ? -1.133  -10.034 -12.989 1.00 51.21  ? 455 SER B O   1 
ATOM   1108 C CB  . SER B 2 55 ? -3.978  -9.824  -11.239 1.00 54.87  ? 455 SER B CB  1 
ATOM   1109 O OG  . SER B 2 55 ? -4.308  -10.273 -12.540 1.00 59.67  ? 455 SER B OG  1 
ATOM   1110 N N   . TYR B 2 56 ? -1.575  -7.988  -12.166 1.00 50.14  ? 456 TYR B N   1 
ATOM   1111 C CA  . TYR B 2 56 ? -0.765  -7.288  -13.164 1.00 47.79  ? 456 TYR B CA  1 
ATOM   1112 C C   . TYR B 2 56 ? 0.727   -7.592  -12.996 1.00 48.50  ? 456 TYR B C   1 
ATOM   1113 O O   . TYR B 2 56 ? 1.427   -7.858  -13.971 1.00 47.19  ? 456 TYR B O   1 
ATOM   1114 C CB  . TYR B 2 56 ? -1.005  -5.781  -13.082 1.00 45.68  ? 456 TYR B CB  1 
ATOM   1115 C CG  . TYR B 2 56 ? -0.048  -4.964  -13.914 1.00 45.38  ? 456 TYR B CG  1 
ATOM   1116 C CD1 . TYR B 2 56 ? -0.245  -4.803  -15.283 1.00 45.07  ? 456 TYR B CD1 1 
ATOM   1117 C CD2 . TYR B 2 56 ? 1.056   -4.342  -13.328 1.00 44.79  ? 456 TYR B CD2 1 
ATOM   1118 C CE1 . TYR B 2 56 ? 0.634   -4.050  -16.049 1.00 44.07  ? 456 TYR B CE1 1 
ATOM   1119 C CE2 . TYR B 2 56 ? 1.943   -3.593  -14.085 1.00 43.85  ? 456 TYR B CE2 1 
ATOM   1120 C CZ  . TYR B 2 56 ? 1.731   -3.450  -15.440 1.00 44.30  ? 456 TYR B CZ  1 
ATOM   1121 O OH  . TYR B 2 56 ? 2.616   -2.708  -16.177 1.00 43.05  ? 456 TYR B OH  1 
ATOM   1122 N N   . LEU B 2 57 ? 1.212   -7.554  -11.758 1.00 48.67  ? 457 LEU B N   1 
ATOM   1123 C CA  . LEU B 2 57 ? 2.627   -7.810  -11.488 1.00 48.68  ? 457 LEU B CA  1 
ATOM   1124 C C   . LEU B 2 57 ? 3.044   -9.231  -11.869 1.00 49.68  ? 457 LEU B C   1 
ATOM   1125 O O   . LEU B 2 57 ? 4.167   -9.443  -12.332 1.00 47.07  ? 457 LEU B O   1 
ATOM   1126 C CB  . LEU B 2 57 ? 2.954   -7.553  -10.017 1.00 48.94  ? 457 LEU B CB  1 
ATOM   1127 C CG  . LEU B 2 57 ? 2.931   -6.099  -9.544  1.00 50.89  ? 457 LEU B CG  1 
ATOM   1128 C CD1 . LEU B 2 57 ? 3.128   -6.048  -8.036  1.00 52.67  ? 457 LEU B CD1 1 
ATOM   1129 C CD2 . LEU B 2 57 ? 3.981   -5.252  -10.247 1.00 50.54  ? 457 LEU B CD2 1 
ATOM   1130 N N   . THR B 2 58 ? 2.150   -10.197 -11.666 1.00 51.93  ? 458 THR B N   1 
ATOM   1131 C CA  . THR B 2 58 ? 2.421   -11.588 -12.042 1.00 54.10  ? 458 THR B CA  1 
ATOM   1132 C C   . THR B 2 58 ? 2.622   -11.687 -13.548 1.00 54.04  ? 458 THR B C   1 
ATOM   1133 O O   . THR B 2 58 ? 3.557   -12.333 -14.009 1.00 52.56  ? 458 THR B O   1 
ATOM   1134 C CB  . THR B 2 58 ? 1.290   -12.534 -11.597 1.00 55.33  ? 458 THR B CB  1 
ATOM   1135 O OG1 . THR B 2 58 ? 1.135   -12.441 -10.177 1.00 56.54  ? 458 THR B OG1 1 
ATOM   1136 C CG2 . THR B 2 58 ? 1.599   -13.989 -11.971 1.00 54.18  ? 458 THR B CG2 1 
ATOM   1137 N N   . GLN B 2 59 ? 1.750   -11.024 -14.302 1.00 56.65  ? 459 GLN B N   1 
ATOM   1138 C CA  . GLN B 2 59 ? 1.899   -10.917 -15.751 1.00 58.53  ? 459 GLN B CA  1 
ATOM   1139 C C   . GLN B 2 59 ? 3.241   -10.296 -16.144 1.00 56.70  ? 459 GLN B C   1 
ATOM   1140 O O   . GLN B 2 59 ? 3.902   -10.768 -17.068 1.00 56.62  ? 459 GLN B O   1 
ATOM   1141 C CB  . GLN B 2 59 ? 0.758   -10.085 -16.349 1.00 62.92  ? 459 GLN B CB  1 
ATOM   1142 C CG  . GLN B 2 59 ? -0.578  -10.817 -16.415 1.00 67.30  ? 459 GLN B CG  1 
ATOM   1143 C CD  . GLN B 2 59 ? -1.782  -9.902  -16.633 1.00 71.37  ? 459 GLN B CD  1 
ATOM   1144 O OE1 . GLN B 2 59 ? -2.893  -10.222 -16.198 1.00 73.89  ? 459 GLN B OE1 1 
ATOM   1145 N NE2 . GLN B 2 59 ? -1.573  -8.767  -17.302 1.00 72.01  ? 459 GLN B NE2 1 
ATOM   1146 N N   . GLN B 2 60 ? 3.633   -9.237  -15.445 1.00 53.09  ? 460 GLN B N   1 
ATOM   1147 C CA  . GLN B 2 60 ? 4.879   -8.530  -15.752 1.00 51.56  ? 460 GLN B CA  1 
ATOM   1148 C C   . GLN B 2 60 ? 6.110   -9.390  -15.487 1.00 50.31  ? 460 GLN B C   1 
ATOM   1149 O O   . GLN B 2 60 ? 7.027   -9.434  -16.304 1.00 46.77  ? 460 GLN B O   1 
ATOM   1150 C CB  . GLN B 2 60 ? 4.956   -7.218  -14.969 1.00 51.12  ? 460 GLN B CB  1 
ATOM   1151 C CG  . GLN B 2 60 ? 3.951   -6.185  -15.451 1.00 51.08  ? 460 GLN B CG  1 
ATOM   1152 C CD  . GLN B 2 60 ? 4.209   -5.769  -16.882 1.00 51.03  ? 460 GLN B CD  1 
ATOM   1153 O OE1 . GLN B 2 60 ? 5.267   -5.235  -17.194 1.00 50.06  ? 460 GLN B OE1 1 
ATOM   1154 N NE2 . GLN B 2 60 ? 3.248   -6.023  -17.763 1.00 50.90  ? 460 GLN B NE2 1 
ATOM   1155 N N   . PHE B 2 61 ? 6.108   -10.087 -14.354 1.00 51.05  ? 461 PHE B N   1 
ATOM   1156 C CA  . PHE B 2 61 ? 7.158   -11.044 -14.023 1.00 52.91  ? 461 PHE B CA  1 
ATOM   1157 C C   . PHE B 2 61 ? 7.398   -12.051 -15.152 1.00 55.69  ? 461 PHE B C   1 
ATOM   1158 O O   . PHE B 2 61 ? 8.536   -12.230 -15.590 1.00 56.58  ? 461 PHE B O   1 
ATOM   1159 C CB  . PHE B 2 61 ? 6.791   -11.787 -12.741 1.00 52.53  ? 461 PHE B CB  1 
ATOM   1160 C CG  . PHE B 2 61 ? 7.842   -12.754 -12.276 1.00 52.63  ? 461 PHE B CG  1 
ATOM   1161 C CD1 . PHE B 2 61 ? 9.037   -12.293 -11.733 1.00 53.24  ? 461 PHE B CD1 1 
ATOM   1162 C CD2 . PHE B 2 61 ? 7.634   -14.126 -12.369 1.00 53.81  ? 461 PHE B CD2 1 
ATOM   1163 C CE1 . PHE B 2 61 ? 10.008  -13.183 -11.298 1.00 53.59  ? 461 PHE B CE1 1 
ATOM   1164 C CE2 . PHE B 2 61 ? 8.597   -15.023 -11.931 1.00 53.70  ? 461 PHE B CE2 1 
ATOM   1165 C CZ  . PHE B 2 61 ? 9.787   -14.551 -11.391 1.00 54.07  ? 461 PHE B CZ  1 
ATOM   1166 N N   . THR B 2 62 ? 6.329   -12.685 -15.632 1.00 55.93  ? 462 THR B N   1 
ATOM   1167 C CA  . THR B 2 62 ? 6.455   -13.698 -16.680 1.00 57.13  ? 462 THR B CA  1 
ATOM   1168 C C   . THR B 2 62 ? 6.925   -13.066 -17.995 1.00 56.41  ? 462 THR B C   1 
ATOM   1169 O O   . THR B 2 62 ? 7.749   -13.642 -18.704 1.00 56.50  ? 462 THR B O   1 
ATOM   1170 C CB  . THR B 2 62 ? 5.148   -14.510 -16.904 1.00 59.30  ? 462 THR B CB  1 
ATOM   1171 O OG1 . THR B 2 62 ? 4.157   -13.692 -17.535 1.00 65.50  ? 462 THR B OG1 1 
ATOM   1172 C CG2 . THR B 2 62 ? 4.592   -15.054 -15.591 1.00 58.56  ? 462 THR B CG2 1 
ATOM   1173 N N   . ALA B 2 63 ? 6.414   -11.882 -18.312 1.00 55.76  ? 463 ALA B N   1 
ATOM   1174 C CA  . ALA B 2 63 ? 6.891   -11.147 -19.481 1.00 55.55  ? 463 ALA B CA  1 
ATOM   1175 C C   . ALA B 2 63 ? 8.359   -10.770 -19.317 1.00 58.01  ? 463 ALA B C   1 
ATOM   1176 O O   . ALA B 2 63 ? 9.135   -10.861 -20.257 1.00 61.24  ? 463 ALA B O   1 
ATOM   1177 C CB  . ALA B 2 63 ? 6.054   -9.902  -19.723 1.00 55.26  ? 463 ALA B CB  1 
ATOM   1178 N N   . MET B 2 64 ? 8.753   -10.359 -18.122 1.00 58.51  ? 464 MET B N   1 
ATOM   1179 C CA  . MET B 2 64 ? 10.139  -9.984  -17.905 1.00 59.53  ? 464 MET B CA  1 
ATOM   1180 C C   . MET B 2 64 ? 11.057  -11.204 -18.082 1.00 62.92  ? 464 MET B C   1 
ATOM   1181 O O   . MET B 2 64 ? 12.163  -11.075 -18.609 1.00 64.57  ? 464 MET B O   1 
ATOM   1182 C CB  . MET B 2 64 ? 10.314  -9.328  -16.527 1.00 58.51  ? 464 MET B CB  1 
ATOM   1183 C CG  . MET B 2 64 ? 11.548  -8.442  -16.394 1.00 57.25  ? 464 MET B CG  1 
ATOM   1184 S SD  . MET B 2 64 ? 11.710  -7.182  -17.682 1.00 55.39  ? 464 MET B SD  1 
ATOM   1185 C CE  . MET B 2 64 ? 10.423  -6.027  -17.225 1.00 55.46  ? 464 MET B CE  1 
ATOM   1186 N N   . ASN B 2 65 ? 10.579  -12.384 -17.686 1.00 65.31  ? 465 ASN B N   1 
ATOM   1187 C CA  . ASN B 2 65 ? 11.354  -13.629 -17.795 1.00 68.71  ? 465 ASN B CA  1 
ATOM   1188 C C   . ASN B 2 65 ? 11.434  -14.262 -19.185 1.00 74.00  ? 465 ASN B C   1 
ATOM   1189 O O   . ASN B 2 65 ? 12.368  -15.019 -19.452 1.00 77.03  ? 465 ASN B O   1 
ATOM   1190 C CB  . ASN B 2 65 ? 10.812  -14.683 -16.827 1.00 69.34  ? 465 ASN B CB  1 
ATOM   1191 C CG  . ASN B 2 65 ? 11.231  -14.437 -15.393 1.00 69.75  ? 465 ASN B CG  1 
ATOM   1192 O OD1 . ASN B 2 65 ? 12.156  -13.676 -15.120 1.00 70.72  ? 465 ASN B OD1 1 
ATOM   1193 N ND2 . ASN B 2 65 ? 10.556  -15.096 -14.467 1.00 71.78  ? 465 ASN B ND2 1 
ATOM   1194 N N   . LYS B 2 66 ? 10.467  -13.978 -20.058 1.00 79.87  ? 466 LYS B N   1 
ATOM   1195 C CA  . LYS B 2 66 ? 10.454  -14.560 -21.412 1.00 84.44  ? 466 LYS B CA  1 
ATOM   1196 C C   . LYS B 2 66 ? 11.693  -14.134 -22.206 1.00 87.64  ? 466 LYS B C   1 
ATOM   1197 O O   . LYS B 2 66 ? 12.421  -13.232 -21.790 1.00 85.81  ? 466 LYS B O   1 
ATOM   1198 C CB  . LYS B 2 66 ? 9.180   -14.163 -22.175 1.00 86.36  ? 466 LYS B CB  1 
ATOM   1199 C CG  . LYS B 2 66 ? 9.233   -12.762 -22.779 1.00 89.89  ? 466 LYS B CG  1 
ATOM   1200 C CD  . LYS B 2 66 ? 7.854   -12.156 -23.014 1.00 91.48  ? 466 LYS B CD  1 
ATOM   1201 C CE  . LYS B 2 66 ? 7.884   -10.628 -22.951 1.00 90.28  ? 466 LYS B CE  1 
ATOM   1202 N NZ  . LYS B 2 66 ? 8.421   -9.981  -24.176 1.00 88.73  ? 466 LYS B NZ  1 
ATOM   1203 N N   . SER B 2 67 ? 11.901  -14.775 -23.358 1.00 92.45  ? 467 SER B N   1 
ATOM   1204 C CA  . SER B 2 67 ? 13.107  -14.599 -24.184 1.00 93.44  ? 467 SER B CA  1 
ATOM   1205 C C   . SER B 2 67 ? 14.352  -15.097 -23.457 1.00 91.80  ? 467 SER B C   1 
ATOM   1206 O O   . SER B 2 67 ? 14.338  -16.170 -22.850 1.00 93.56  ? 467 SER B O   1 
ATOM   1207 C CB  . SER B 2 67 ? 13.298  -13.138 -24.627 1.00 95.13  ? 467 SER B CB  1 
ATOM   1208 O OG  . SER B 2 67 ? 12.225  -12.699 -25.446 1.00 93.31  ? 467 SER B OG  1 
HETATM 1209 O O   . HOH C 3 .  ? -0.967  -11.351 -3.069  1.00 71.79  ? 101 HOH A O   1 
HETATM 1210 O O   . HOH C 3 .  ? 17.312  1.054   -22.934 1.00 53.24  ? 102 HOH A O   1 
HETATM 1211 O O   . HOH C 3 .  ? -10.819 -4.577  20.341  1.00 48.34  ? 103 HOH A O   1 
HETATM 1212 O O   . HOH C 3 .  ? -0.613  7.853   -13.927 1.00 69.19  ? 104 HOH A O   1 
HETATM 1213 O O   . HOH C 3 .  ? 9.800   7.464   -4.819  1.00 76.87  ? 105 HOH A O   1 
HETATM 1214 O O   . HOH C 3 .  ? 5.947   7.069   -9.711  1.00 63.33  ? 106 HOH A O   1 
HETATM 1215 O O   . HOH C 3 .  ? -3.613  8.705   5.681   1.00 42.65  ? 107 HOH A O   1 
HETATM 1216 O O   . HOH C 3 .  ? -11.900 -10.172 4.455   1.00 78.27  ? 108 HOH A O   1 
HETATM 1217 O O   . HOH C 3 .  ? -5.690  8.163   7.634   1.00 56.88  ? 109 HOH A O   1 
HETATM 1218 O O   . HOH C 3 .  ? 14.053  -5.111  -23.992 1.00 50.80  ? 110 HOH A O   1 
HETATM 1219 O O   . HOH C 3 .  ? -2.305  12.933  2.833   1.00 75.87  ? 111 HOH A O   1 
HETATM 1220 O O   . HOH C 3 .  ? -1.875  -6.085  11.050  1.00 46.59  ? 112 HOH A O   1 
HETATM 1221 O O   . HOH C 3 .  ? 17.131  -7.840  -8.610  1.00 65.07  ? 113 HOH A O   1 
HETATM 1222 O O   . HOH C 3 .  ? -7.094  -11.285 11.585  1.00 64.65  ? 114 HOH A O   1 
HETATM 1223 O O   . HOH C 3 .  ? 10.087  3.052   -22.685 1.00 49.15  ? 115 HOH A O   1 
HETATM 1224 O O   . HOH C 3 .  ? -3.146  -11.967 -5.079  1.00 67.73  ? 116 HOH A O   1 
HETATM 1225 O O   . HOH C 3 .  ? -2.774  9.419   -7.773  1.00 66.74  ? 117 HOH A O   1 
HETATM 1226 O O   . HOH C 3 .  ? -8.178  -11.504 3.572   1.00 64.22  ? 118 HOH A O   1 
HETATM 1227 O O   . HOH C 3 .  ? 13.393  -11.372 -5.964  1.00 60.46  ? 119 HOH A O   1 
HETATM 1228 O O   . HOH C 3 .  ? -17.034 1.322   19.218  1.00 50.59  ? 120 HOH A O   1 
HETATM 1229 O O   . HOH C 3 .  ? 11.576  -11.615 -2.544  1.00 66.23  ? 121 HOH A O   1 
HETATM 1230 O O   . HOH C 3 .  ? -4.715  6.096   -0.051  1.00 59.54  ? 122 HOH A O   1 
HETATM 1231 O O   . HOH C 3 .  ? 2.299   -2.728  -22.559 1.00 61.96  ? 123 HOH A O   1 
HETATM 1232 O O   . HOH C 3 .  ? 1.417   -11.228 6.766   1.00 61.45  ? 124 HOH A O   1 
HETATM 1233 O O   . HOH C 3 .  ? -16.177 -3.250  10.468  1.00 69.00  ? 125 HOH A O   1 
HETATM 1234 O O   . HOH C 3 .  ? 1.234   -0.472  -21.574 1.00 70.25  ? 126 HOH A O   1 
HETATM 1235 O O   . HOH C 3 .  ? 0.567   -4.925  11.773  1.00 54.08  ? 127 HOH A O   1 
HETATM 1236 O O   . HOH C 3 .  ? 11.528  1.282   0.855   1.00 58.57  ? 128 HOH A O   1 
HETATM 1237 O O   . HOH C 3 .  ? -6.073  1.873   -2.362  1.00 40.55  ? 129 HOH A O   1 
HETATM 1238 O O   . HOH C 3 .  ? 13.065  3.725   -19.901 1.00 66.57  ? 130 HOH A O   1 
HETATM 1239 O O   . HOH C 3 .  ? 7.659   3.313   -11.273 1.00 57.16  ? 131 HOH A O   1 
HETATM 1240 O O   . HOH C 3 .  ? -13.079 -8.519  14.632  1.00 52.52  ? 132 HOH A O   1 
HETATM 1241 O O   . HOH C 3 .  ? 12.902  6.024   -13.700 1.00 51.39  ? 133 HOH A O   1 
HETATM 1242 O O   . HOH C 3 .  ? 8.660   -2.239  -17.973 1.00 42.39  ? 134 HOH A O   1 
HETATM 1243 O O   . HOH C 3 .  ? 5.854   -2.665  -18.114 1.00 46.54  ? 135 HOH A O   1 
HETATM 1244 O O   . HOH C 3 .  ? -2.077  -1.730  14.782  1.00 54.04  ? 136 HOH A O   1 
HETATM 1245 O O   . HOH C 3 .  ? -1.380  9.416   12.785  1.00 67.89  ? 137 HOH A O   1 
HETATM 1246 O O   . HOH C 3 .  ? 3.958   -1.116  -20.411 1.00 55.21  ? 138 HOH A O   1 
HETATM 1247 O O   . HOH C 3 .  ? -3.653  -5.529  13.370  1.00 54.19  ? 139 HOH A O   1 
HETATM 1248 O O   . HOH C 3 .  ? 8.967   -6.508  -19.900 1.00 65.81  ? 140 HOH A O   1 
HETATM 1249 O O   . HOH C 3 .  ? -7.136  7.411   11.261  1.00 53.31  ? 141 HOH A O   1 
HETATM 1250 O O   . HOH C 3 .  ? 8.361   0.409   -18.125 1.00 44.27  ? 142 HOH A O   1 
HETATM 1251 O O   . HOH C 3 .  ? 13.866  4.669   -8.600  1.00 66.27  ? 143 HOH A O   1 
HETATM 1252 O O   . HOH C 3 .  ? 11.152  6.465   -15.988 1.00 53.48  ? 144 HOH A O   1 
HETATM 1253 O O   . HOH C 3 .  ? 5.097   -13.484 0.497   1.00 58.96  ? 145 HOH A O   1 
HETATM 1254 O O   . HOH C 3 .  ? 8.649   -10.217 1.664   1.00 80.26  ? 146 HOH A O   1 
HETATM 1255 O O   . HOH C 3 .  ? -6.431  -2.451  19.183  1.00 69.64  ? 147 HOH A O   1 
HETATM 1256 O O   . HOH C 3 .  ? -12.985 -7.333  9.742   1.00 48.48  ? 148 HOH A O   1 
HETATM 1257 O O   . HOH C 3 .  ? -16.928 -5.279  19.231  1.00 51.58  ? 149 HOH A O   1 
HETATM 1258 O O   . HOH C 3 .  ? 4.716   7.708   -7.065  1.00 59.72  ? 150 HOH A O   1 
HETATM 1259 O O   . HOH C 3 .  ? -0.550  10.542  -0.010  1.00 71.13  ? 151 HOH A O   1 
HETATM 1260 O O   . HOH C 3 .  ? -22.140 -3.605  14.309  1.00 62.99  ? 152 HOH A O   1 
HETATM 1261 O O   . HOH C 3 .  ? 10.322  -7.230  2.728   1.00 68.91  ? 153 HOH A O   1 
HETATM 1262 O O   . HOH C 3 .  ? -2.174  8.450   -10.619 1.00 73.99  ? 154 HOH A O   1 
HETATM 1263 O O   . HOH C 3 .  ? -1.908  -12.899 2.567   1.00 75.39  ? 155 HOH A O   1 
HETATM 1264 O O   . HOH C 3 .  ? 20.411  -3.881  -20.839 1.00 51.98  ? 156 HOH A O   1 
HETATM 1265 O O   . HOH C 3 .  ? -20.365 1.541   15.971  1.00 74.96  ? 157 HOH A O   1 
HETATM 1266 O O   . HOH C 3 .  ? 7.219   3.989   -23.435 1.00 64.02  ? 158 HOH A O   1 
HETATM 1267 O O   . HOH C 3 .  ? 11.481  -5.802  0.178   1.00 71.84  ? 159 HOH A O   1 
HETATM 1268 O O   . HOH C 3 .  ? -4.504  -12.277 8.470   1.00 65.63  ? 160 HOH A O   1 
HETATM 1269 O O   . HOH C 3 .  ? -5.836  -9.991  -3.197  1.00 57.61  ? 161 HOH A O   1 
HETATM 1270 O O   . HOH C 3 .  ? 11.075  -4.473  -24.924 1.00 63.17  ? 162 HOH A O   1 
HETATM 1271 O O   . HOH C 3 .  ? 15.460  7.392   -13.327 1.00 63.33  ? 163 HOH A O   1 
HETATM 1272 O O   . HOH C 3 .  ? 2.086   2.882   -23.325 1.00 73.92  ? 164 HOH A O   1 
HETATM 1273 O O   . HOH C 3 .  ? -12.594 -7.694  6.893   1.00 51.66  ? 165 HOH A O   1 
HETATM 1274 O O   . HOH C 3 .  ? 2.885   -2.740  15.238  1.00 66.01  ? 166 HOH A O   1 
HETATM 1275 O O   . HOH C 3 .  ? 11.502  -8.194  -20.800 1.00 71.30  ? 167 HOH A O   1 
HETATM 1276 O O   . HOH C 3 .  ? -2.772  7.014   -6.460  1.00 47.91  ? 168 HOH A O   1 
HETATM 1277 O O   . HOH C 3 .  ? 22.930  -10.275 -20.466 1.00 61.88  ? 169 HOH A O   1 
HETATM 1278 O O   . HOH C 3 .  ? 5.182   -9.577  8.069   1.00 60.22  ? 170 HOH A O   1 
HETATM 1279 O O   . HOH C 3 .  ? 10.073  -9.704  -0.742  1.00 78.60  ? 171 HOH A O   1 
HETATM 1280 O O   . HOH C 3 .  ? -2.038  6.126   -8.999  1.00 77.54  ? 172 HOH A O   1 
HETATM 1281 O O   . HOH C 3 .  ? 21.264  -10.257 -23.630 1.00 64.88  ? 173 HOH A O   1 
HETATM 1282 O O   . HOH C 3 .  ? 0.655   6.350   10.778  1.00 44.41  ? 174 HOH A O   1 
HETATM 1283 O O   . HOH C 3 .  ? -4.274  2.942   -9.340  1.00 64.74  ? 175 HOH A O   1 
HETATM 1284 O O   . HOH C 3 .  ? -10.342 -12.700 8.609   1.00 72.52  ? 176 HOH A O   1 
HETATM 1285 O O   . HOH C 3 .  ? -1.689  5.570   12.334  1.00 48.81  ? 177 HOH A O   1 
HETATM 1286 O O   . HOH C 3 .  ? -8.672  -4.058  18.551  1.00 69.41  ? 178 HOH A O   1 
HETATM 1287 O O   . HOH C 3 .  ? -1.301  -14.093 -5.099  1.00 86.70  ? 179 HOH A O   1 
HETATM 1288 O O   . HOH C 3 .  ? 0.732   5.481   14.618  1.00 70.83  ? 180 HOH A O   1 
HETATM 1289 O O   . HOH C 3 .  ? -2.930  -7.538  15.367  1.00 75.02  ? 181 HOH A O   1 
HETATM 1290 O O   . HOH C 3 .  ? 1.429   3.208   15.961  1.00 83.36  ? 182 HOH A O   1 
HETATM 1291 O O   . HOH C 3 .  ? 15.549  -7.578  -6.097  1.00 68.51  ? 183 HOH A O   1 
HETATM 1292 O O   . HOH C 3 .  ? 5.842   -2.998  -20.987 1.00 52.61  ? 184 HOH A O   1 
HETATM 1293 O O   . HOH C 3 .  ? 8.186   5.946   -11.276 1.00 64.56  ? 185 HOH A O   1 
HETATM 1294 O O   . HOH C 3 .  ? 23.133  -12.636 -19.005 1.00 70.18  ? 186 HOH A O   1 
HETATM 1295 O O   . HOH C 3 .  ? -17.392 -6.821  16.851  1.00 61.92  ? 187 HOH A O   1 
HETATM 1296 O O   . HOH C 3 .  ? -4.471  5.410   -2.681  1.00 51.03  ? 188 HOH A O   1 
HETATM 1297 O O   . HOH C 3 .  ? 12.023  -7.028  -23.278 1.00 72.75  ? 189 HOH A O   1 
HETATM 1298 O O   . HOH C 3 .  ? 0.274   -3.405  14.469  1.00 66.79  ? 190 HOH A O   1 
HETATM 1299 O O   . HOH C 3 .  ? 7.704   -13.318 1.314   1.00 66.15  ? 191 HOH A O   1 
HETATM 1300 O O   . HOH C 3 .  ? 7.006   9.395   -14.440 1.00 86.79  ? 192 HOH A O   1 
HETATM 1301 O O   . HOH C 3 .  ? 2.219   -7.141  12.407  1.00 62.37  ? 193 HOH A O   1 
HETATM 1302 O O   . HOH C 3 .  ? 4.695   -8.752  10.951  1.00 72.58  ? 194 HOH A O   1 
HETATM 1303 O O   . HOH C 3 .  ? 8.916   7.268   -14.714 1.00 71.34  ? 195 HOH A O   1 
HETATM 1304 O O   . HOH C 3 .  ? -0.607  -1.857  -19.155 1.00 60.83  ? 196 HOH A O   1 
HETATM 1305 O O   . HOH C 3 .  ? 0.770   9.431   11.008  1.00 60.38  ? 197 HOH A O   1 
HETATM 1306 O O   . HOH C 3 .  ? 12.401  6.409   -5.112  1.00 92.14  ? 198 HOH A O   1 
HETATM 1307 O O   . HOH C 3 .  ? 6.676   3.121   -25.951 1.00 54.23  ? 199 HOH A O   1 
HETATM 1308 O O   . HOH C 3 .  ? -3.262  10.774  1.249   1.00 67.90  ? 200 HOH A O   1 
HETATM 1309 O O   . HOH C 3 .  ? -5.365  -13.260 5.837   1.00 70.78  ? 201 HOH A O   1 
HETATM 1310 O O   . HOH C 3 .  ? -5.503  9.371   -0.340  1.00 67.64  ? 202 HOH A O   1 
HETATM 1311 O O   . HOH C 3 .  ? -4.796  7.229   -4.665  1.00 49.47  ? 203 HOH A O   1 
HETATM 1312 O O   . HOH C 3 .  ? 22.039  -15.287 -19.402 1.00 81.90  ? 204 HOH A O   1 
HETATM 1313 O O   . HOH C 3 .  ? -5.775  9.737   -3.326  1.00 57.41  ? 205 HOH A O   1 
HETATM 1314 O O   . HOH D 3 .  ? -22.912 16.515  41.534  1.00 46.78  ? 501 HOH B O   1 
HETATM 1315 O O   . HOH D 3 .  ? -19.196 8.342   14.966  1.00 37.35  ? 502 HOH B O   1 
HETATM 1316 O O   . HOH D 3 .  ? 8.729   -16.691 -15.300 1.00 69.18  ? 503 HOH B O   1 
HETATM 1317 O O   . HOH D 3 .  ? 7.846   -8.007  -25.722 1.00 86.54  ? 504 HOH B O   1 
HETATM 1318 O O   . HOH D 3 .  ? -22.553 24.852  36.143  1.00 64.97  ? 505 HOH B O   1 
HETATM 1319 O O   . HOH D 3 .  ? -20.302 6.621   18.535  1.00 53.17  ? 506 HOH B O   1 
HETATM 1320 O O   . HOH D 3 .  ? -17.886 18.316  21.805  1.00 58.09  ? 507 HOH B O   1 
HETATM 1321 O O   . HOH D 3 .  ? -22.074 12.443  20.903  1.00 49.91  ? 508 HOH B O   1 
HETATM 1322 O O   . HOH D 3 .  ? -18.200 16.006  17.443  1.00 59.29  ? 509 HOH B O   1 
HETATM 1323 O O   . HOH D 3 .  ? -21.894 12.818  16.938  1.00 55.45  ? 510 HOH B O   1 
HETATM 1324 O O   . HOH D 3 .  ? 1.273   -10.571 -4.194  1.00 51.80  ? 511 HOH B O   1 
HETATM 1325 O O   . HOH D 3 .  ? -19.914 18.688  23.478  1.00 61.56  ? 512 HOH B O   1 
HETATM 1326 O O   . HOH D 3 .  ? -8.526  2.704   20.651  1.00 41.39  ? 513 HOH B O   1 
HETATM 1327 O O   . HOH D 3 .  ? -7.777  7.255   14.385  1.00 61.25  ? 514 HOH B O   1 
HETATM 1328 O O   . HOH D 3 .  ? 2.178   -2.565  -18.787 1.00 53.75  ? 515 HOH B O   1 
HETATM 1329 O O   . HOH D 3 .  ? -27.938 15.695  31.972  1.00 54.45  ? 516 HOH B O   1 
HETATM 1330 O O   . HOH D 3 .  ? -7.909  6.510   18.959  1.00 70.87  ? 517 HOH B O   1 
HETATM 1331 O O   . HOH D 3 .  ? -13.609 -0.695  0.871   1.00 40.79  ? 518 HOH B O   1 
HETATM 1332 O O   . HOH D 3 .  ? -13.685 11.631  13.066  1.00 39.98  ? 519 HOH B O   1 
HETATM 1333 O O   . HOH D 3 .  ? -9.185  -1.988  -7.139  1.00 71.97  ? 520 HOH B O   1 
HETATM 1334 O O   . HOH D 3 .  ? 0.626   -7.284  -17.828 1.00 51.83  ? 521 HOH B O   1 
HETATM 1335 O O   . HOH D 3 .  ? -13.529 -6.490  4.481   1.00 66.92  ? 522 HOH B O   1 
HETATM 1336 O O   . HOH D 3 .  ? -16.395 7.920   9.124   1.00 36.76  ? 523 HOH B O   1 
HETATM 1337 O O   . HOH D 3 .  ? 3.116   -11.433 -19.585 1.00 49.85  ? 524 HOH B O   1 
HETATM 1338 O O   . HOH D 3 .  ? 7.226   -7.076  -17.705 1.00 52.79  ? 525 HOH B O   1 
HETATM 1339 O O   . HOH D 3 .  ? -9.430  7.701   9.660   1.00 38.20  ? 526 HOH B O   1 
HETATM 1340 O O   . HOH D 3 .  ? -9.797  9.856   5.140   1.00 56.51  ? 527 HOH B O   1 
HETATM 1341 O O   . HOH D 3 .  ? -16.635 0.416   4.374   1.00 48.48  ? 528 HOH B O   1 
HETATM 1342 O O   . HOH D 3 .  ? -2.132  -12.551 -13.581 1.00 66.16  ? 529 HOH B O   1 
HETATM 1343 O O   . HOH D 3 .  ? 12.751  -16.165 -13.152 1.00 83.02  ? 530 HOH B O   1 
HETATM 1344 O O   . HOH D 3 .  ? -19.934 19.728  25.936  1.00 49.58  ? 531 HOH B O   1 
HETATM 1345 O O   . HOH D 3 .  ? -15.551 16.619  22.240  1.00 53.66  ? 532 HOH B O   1 
HETATM 1346 O O   . HOH D 3 .  ? -7.303  3.037   0.053   1.00 44.96  ? 533 HOH B O   1 
HETATM 1347 O O   . HOH D 3 .  ? -19.737 22.343  39.140  1.00 73.43  ? 534 HOH B O   1 
HETATM 1348 O O   . HOH D 3 .  ? -9.886  -6.636  -6.571  1.00 66.20  ? 535 HOH B O   1 
HETATM 1349 O O   . HOH D 3 .  ? -4.599  -6.323  -13.117 1.00 68.56  ? 536 HOH B O   1 
HETATM 1350 O O   . HOH D 3 .  ? -15.853 5.239   5.146   0.50 34.52  ? 537 HOH B O   1 
HETATM 1351 O O   . HOH D 3 .  ? -22.434 15.222  18.296  1.00 58.75  ? 538 HOH B O   1 
HETATM 1352 O O   . HOH D 3 .  ? -21.073 8.517   22.108  1.00 58.75  ? 539 HOH B O   1 
HETATM 1353 O O   . HOH D 3 .  ? -11.892 3.992   0.090   1.00 29.91  ? 540 HOH B O   1 
HETATM 1354 O O   . HOH D 3 .  ? -13.094 -2.798  -1.386  1.00 59.32  ? 541 HOH B O   1 
HETATM 1355 O O   . HOH D 3 .  ? 8.614   -16.405 -18.421 1.00 76.04  ? 542 HOH B O   1 
HETATM 1356 O O   . HOH D 3 .  ? -16.271 1.199   7.816   1.00 44.59  ? 543 HOH B O   1 
HETATM 1357 O O   . HOH D 3 .  ? -13.619 14.655  25.591  1.00 56.92  ? 544 HOH B O   1 
HETATM 1358 O O   . HOH D 3 .  ? -26.599 22.414  37.109  1.00 48.24  ? 545 HOH B O   1 
HETATM 1359 O O   . HOH D 3 .  ? -12.797 15.812  20.749  1.00 79.26  ? 546 HOH B O   1 
HETATM 1360 O O   . HOH D 3 .  ? -10.164 -1.320  -4.550  1.00 54.25  ? 547 HOH B O   1 
HETATM 1361 O O   . HOH D 3 .  ? -13.046 2.599   -2.613  1.00 65.56  ? 548 HOH B O   1 
HETATM 1362 O O   . HOH D 3 .  ? -19.330 22.836  45.825  1.00 71.04  ? 549 HOH B O   1 
HETATM 1363 O O   . HOH D 3 .  ? -22.184 3.952   14.918  1.00 64.92  ? 550 HOH B O   1 
HETATM 1364 O O   . HOH D 3 .  ? -11.662 12.823  18.734  1.00 65.89  ? 551 HOH B O   1 
HETATM 1365 O O   . HOH D 3 .  ? -7.279  5.890   0.914   1.00 63.87  ? 552 HOH B O   1 
HETATM 1366 O O   . HOH D 3 .  ? -16.913 16.854  37.855  1.00 65.34  ? 553 HOH B O   1 
HETATM 1367 O O   . HOH D 3 .  ? 1.543   -15.004 -16.088 1.00 57.39  ? 554 HOH B O   1 
HETATM 1368 O O   . HOH D 3 .  ? -10.995 -11.319 -5.739  1.00 68.12  ? 555 HOH B O   1 
HETATM 1369 O O   . HOH D 3 .  ? -10.599 -8.430  -4.652  1.00 61.78  ? 556 HOH B O   1 
HETATM 1370 O O   . HOH D 3 .  ? -15.682 -1.163  2.320   1.00 50.05  ? 557 HOH B O   1 
HETATM 1371 O O   . HOH D 3 .  ? -17.969 12.198  14.649  1.00 43.56  ? 558 HOH B O   1 
HETATM 1372 O O   . HOH D 3 .  ? 0.815   -9.623  -19.555 1.00 75.61  ? 559 HOH B O   1 
HETATM 1373 O O   . HOH D 3 .  ? -13.331 10.641  10.562  1.00 49.34  ? 560 HOH B O   1 
HETATM 1374 O O   . HOH D 3 .  ? -7.963  6.578   7.554   1.00 54.70  ? 561 HOH B O   1 
HETATM 1375 O O   . HOH D 3 .  ? 4.564   -12.800 -21.300 1.00 62.63  ? 562 HOH B O   1 
HETATM 1376 O O   . HOH D 3 .  ? -11.537 13.133  13.760  1.00 58.20  ? 563 HOH B O   1 
HETATM 1377 O O   . HOH D 3 .  ? -21.448 24.516  33.480  1.00 58.42  ? 564 HOH B O   1 
HETATM 1378 O O   . HOH D 3 .  ? -13.746 6.477   3.654   1.00 46.06  ? 565 HOH B O   1 
HETATM 1379 O O   . HOH D 3 .  ? -22.230 8.510   16.042  1.00 67.18  ? 566 HOH B O   1 
HETATM 1380 O O   . HOH D 3 .  ? -28.739 22.243  35.366  1.00 55.68  ? 567 HOH B O   1 
HETATM 1381 O O   . HOH D 3 .  ? -2.537  -13.437 -10.949 1.00 79.95  ? 568 HOH B O   1 
HETATM 1382 O O   . HOH D 3 .  ? -19.913 10.797  13.663  1.00 36.98  ? 569 HOH B O   1 
HETATM 1383 O O   . HOH D 3 .  ? -11.922 10.413  6.462   1.00 69.11  ? 570 HOH B O   1 
HETATM 1384 O O   . HOH D 3 .  ? -15.792 10.607  9.019   1.00 41.16  ? 571 HOH B O   1 
HETATM 1385 O O   . HOH D 3 .  ? -13.314 -8.959  2.799   1.00 81.57  ? 572 HOH B O   1 
HETATM 1386 O O   . HOH D 3 .  ? -27.306 11.059  31.027  1.00 59.36  ? 573 HOH B O   1 
HETATM 1387 O O   . HOH D 3 .  ? -25.902 25.113  37.271  1.00 66.00  ? 574 HOH B O   1 
HETATM 1388 O O   . HOH D 3 .  ? -22.621 10.904  14.749  1.00 61.93  ? 575 HOH B O   1 
HETATM 1389 O O   . HOH D 3 .  ? -20.568 6.184   15.929  1.00 73.24  ? 576 HOH B O   1 
HETATM 1390 O O   . HOH D 3 .  ? -14.087 9.087   4.886   0.50 45.49  ? 577 HOH B O   1 
HETATM 1391 O O   . HOH D 3 .  ? -19.440 13.999  16.140  1.00 50.48  ? 578 HOH B O   1 
HETATM 1392 O O   . HOH D 3 .  ? -11.113 10.006  9.156   1.00 52.53  ? 579 HOH B O   1 
HETATM 1393 O O   . HOH D 3 .  ? -19.560 -0.282  10.602  1.00 55.72  ? 580 HOH B O   1 
HETATM 1394 O O   . HOH D 3 .  ? -9.583  5.140   -0.851  1.00 45.04  ? 581 HOH B O   1 
HETATM 1395 O O   . HOH D 3 .  ? -16.165 12.949  12.654  1.00 45.77  ? 582 HOH B O   1 
HETATM 1396 O O   . HOH D 3 .  ? -2.346  -6.254  -21.144 1.00 71.69  ? 583 HOH B O   1 
HETATM 1397 O O   . HOH D 3 .  ? -20.145 4.568   20.408  1.00 51.68  ? 584 HOH B O   1 
HETATM 1398 O O   . HOH D 3 .  ? -29.442 14.552  33.887  1.00 57.51  ? 585 HOH B O   1 
HETATM 1399 O O   . HOH D 3 .  ? -9.968  7.916   -0.658  1.00 47.59  ? 586 HOH B O   1 
HETATM 1400 O O   . HOH D 3 .  ? -16.800 -0.721  9.585   1.00 48.98  ? 587 HOH B O   1 
HETATM 1401 O O   . HOH D 3 .  ? 1.064   -17.861 -17.148 1.00 84.96  ? 588 HOH B O   1 
# 
loop_
_pdbx_poly_seq_scheme.asym_id 
_pdbx_poly_seq_scheme.entity_id 
_pdbx_poly_seq_scheme.seq_id 
_pdbx_poly_seq_scheme.mon_id 
_pdbx_poly_seq_scheme.ndb_seq_num 
_pdbx_poly_seq_scheme.pdb_seq_num 
_pdbx_poly_seq_scheme.auth_seq_num 
_pdbx_poly_seq_scheme.pdb_mon_id 
_pdbx_poly_seq_scheme.auth_mon_id 
_pdbx_poly_seq_scheme.pdb_strand_id 
_pdbx_poly_seq_scheme.pdb_ins_code 
_pdbx_poly_seq_scheme.hetero 
A 1 1  GLY 1  -1  -1  GLY GLY A . n 
A 1 2  SER 2  0   0   SER SER A . n 
A 1 3  MET 3  1   1   MET MET A . n 
A 1 4  THR 4  2   2   THR THR A . n 
A 1 5  SER 5  3   3   SER SER A . n 
A 1 6  THR 6  4   4   THR THR A . n 
A 1 7  VAL 7  5   5   VAL VAL A . n 
A 1 8  GLU 8  6   6   GLU GLU A . n 
A 1 9  PHE 9  7   7   PHE PHE A . n 
A 1 10 ILE 10 8   8   ILE ILE A . n 
A 1 11 ASN 11 9   9   ASN ASN A . n 
A 1 12 ARG 12 10  10  ARG ARG A . n 
A 1 13 TRP 13 11  11  TRP TRP A . n 
A 1 14 GLN 14 12  12  GLN GLN A . n 
A 1 15 ARG 15 13  13  ARG ARG A . n 
A 1 16 ILE 16 14  14  ILE ILE A . n 
A 1 17 ALA 17 15  15  ALA ALA A . n 
A 1 18 LEU 18 16  16  LEU LEU A . n 
A 1 19 LEU 19 17  17  LEU LEU A . n 
A 1 20 SER 20 18  18  SER SER A . n 
A 1 21 GLN 21 19  19  GLN GLN A . n 
A 1 22 SER 22 20  20  SER SER A . n 
A 1 23 LEU 23 21  21  LEU LEU A . n 
A 1 24 LEU 24 22  22  LEU LEU A . n 
A 1 25 GLU 25 23  23  GLU GLU A . n 
A 1 26 LEU 26 24  24  LEU LEU A . n 
A 1 27 ALA 27 25  25  ALA ALA A . n 
A 1 28 GLN 28 26  26  GLN GLN A . n 
A 1 29 ARG 29 27  27  ARG ARG A . n 
A 1 30 GLY 30 28  28  GLY GLY A . n 
A 1 31 GLU 31 29  29  GLU GLU A . n 
A 1 32 TRP 32 30  30  TRP TRP A . n 
A 1 33 ASP 33 31  31  ASP ASP A . n 
A 1 34 LEU 34 32  32  LEU LEU A . n 
A 1 35 LEU 35 33  33  LEU LEU A . n 
A 1 36 LEU 36 34  34  LEU LEU A . n 
A 1 37 GLN 37 35  35  GLN GLN A . n 
A 1 38 GLN 38 36  36  GLN GLN A . n 
A 1 39 GLU 39 37  37  GLU GLU A . n 
A 1 40 VAL 40 38  38  VAL VAL A . n 
A 1 41 SER 41 39  39  SER SER A . n 
A 1 42 TYR 42 40  40  TYR TYR A . n 
A 1 43 LEU 43 41  41  LEU LEU A . n 
A 1 44 GLN 44 42  42  GLN GLN A . n 
A 1 45 SER 45 43  43  SER SER A . n 
A 1 46 ILE 46 44  44  ILE ILE A . n 
A 1 47 GLU 47 45  45  GLU GLU A . n 
A 1 48 THR 48 46  46  THR THR A . n 
A 1 49 VAL 49 47  47  VAL VAL A . n 
A 1 50 MET 50 48  48  MET MET A . n 
A 1 51 GLU 51 49  49  GLU GLU A . n 
A 1 52 LYS 52 50  50  LYS LYS A . n 
A 1 53 GLN 53 51  51  GLN GLN A . n 
A 1 54 THR 54 52  52  THR THR A . n 
A 1 55 PRO 55 53  53  PRO PRO A . n 
A 1 56 PRO 56 54  54  PRO PRO A . n 
A 1 57 GLY 57 55  55  GLY GLY A . n 
A 1 58 ILE 58 56  56  ILE ILE A . n 
A 1 59 THR 59 57  57  THR THR A . n 
A 1 60 ARG 60 58  58  ARG ARG A . n 
A 1 61 SER 61 59  59  SER SER A . n 
A 1 62 ILE 62 60  60  ILE ILE A . n 
A 1 63 GLN 63 61  61  GLN GLN A . n 
A 1 64 ASP 64 62  62  ASP ASP A . n 
A 1 65 MET 65 63  63  MET MET A . n 
A 1 66 VAL 66 64  64  VAL VAL A . n 
A 1 67 ALA 67 65  65  ALA ALA A . n 
A 1 68 GLY 68 66  66  GLY GLY A . n 
A 1 69 TYR 69 67  67  TYR TYR A . n 
A 1 70 ILE 70 68  68  ILE ILE A . n 
A 1 71 LYS 71 69  69  LYS LYS A . n 
A 1 72 GLN 72 70  70  GLN GLN A . n 
A 1 73 THR 73 71  71  THR THR A . n 
A 1 74 LEU 74 72  72  LEU LEU A . n 
A 1 75 ASP 75 73  73  ASP ASP A . n 
A 1 76 ASN 76 74  74  ASN ASN A . n 
A 1 77 GLU 77 75  75  GLU GLU A . n 
A 1 78 GLN 78 76  76  GLN GLN A . n 
A 1 79 LEU 79 77  77  LEU LEU A . n 
A 1 80 LEU 80 78  78  LEU LEU A . n 
A 1 81 LYS 81 79  79  LYS LYS A . n 
A 1 82 GLY 82 80  80  GLY GLY A . n 
A 1 83 LEU 83 81  81  LEU LEU A . n 
A 1 84 LEU 84 82  82  LEU LEU A . n 
A 1 85 GLN 85 83  83  GLN GLN A . n 
A 1 86 GLN 86 84  84  GLN GLN A . n 
A 1 87 ARG 87 85  85  ARG ARG A . n 
A 1 88 LEU 88 86  86  LEU LEU A . n 
A 1 89 ASP 89 87  87  ASP ASP A . n 
A 1 90 GLU 90 88  88  GLU GLU A . n 
A 1 91 LEU 91 89  89  LEU LEU A . n 
A 1 92 SER 92 90  90  SER SER A . n 
A 1 93 SER 93 91  91  SER SER A . n 
A 1 94 LEU 94 92  92  LEU LEU A . n 
A 1 95 ILE 95 93  93  ILE ILE A . n 
A 1 96 GLY 96 94  94  GLY GLY A . n 
B 2 1  ASP 1  401 ?   ?   ?   B . n 
B 2 2  GLY 2  402 ?   ?   ?   B . n 
B 2 3  ILE 3  403 ?   ?   ?   B . n 
B 2 4  ILE 4  404 ?   ?   ?   B . n 
B 2 5  ASP 5  405 ?   ?   ?   B . n 
B 2 6  ASN 6  406 ?   ?   ?   B . n 
B 2 7  ALA 7  407 ?   ?   ?   B . n 
B 2 8  GLN 8  408 ?   ?   ?   B . n 
B 2 9  ASP 9  409 ?   ?   ?   B . n 
B 2 10 ASN 10 410 ?   ?   ?   B . n 
B 2 11 VAL 11 411 ?   ?   ?   B . n 
B 2 12 ASN 12 412 412 ASN ASN B . n 
B 2 13 ALA 13 413 413 ALA ALA B . n 
B 2 14 THR 14 414 414 THR THR B . n 
B 2 15 LEU 15 415 415 LEU LEU B . n 
B 2 16 LYS 16 416 416 LYS LYS B . n 
B 2 17 SER 17 417 417 SER SER B . n 
B 2 18 LEU 18 418 418 LEU LEU B . n 
B 2 19 THR 19 419 419 THR THR B . n 
B 2 20 LYS 20 420 420 LYS LYS B . n 
B 2 21 GLN 21 421 421 GLN GLN B . n 
B 2 22 TYR 22 422 422 TYR TYR B . n 
B 2 23 LEU 23 423 423 LEU LEU B . n 
B 2 24 SER 24 424 424 SER SER B . n 
B 2 25 VAL 25 425 425 VAL VAL B . n 
B 2 26 SER 26 426 426 SER SER B . n 
B 2 27 ASN 27 427 427 ASN ASN B . n 
B 2 28 SER 28 428 428 SER SER B . n 
B 2 29 ILE 29 429 429 ILE ILE B . n 
B 2 30 ASP 30 430 430 ASP ASP B . n 
B 2 31 GLU 31 431 431 GLU GLU B . n 
B 2 32 THR 32 432 432 THR THR B . n 
B 2 33 VAL 33 433 433 VAL VAL B . n 
B 2 34 ALA 34 434 434 ALA ALA B . n 
B 2 35 ARG 35 435 435 ARG ARG B . n 
B 2 36 TYR 36 436 436 TYR TYR B . n 
B 2 37 LYS 37 437 437 LYS LYS B . n 
B 2 38 ALA 38 438 438 ALA ALA B . n 
B 2 39 GLN 39 439 439 GLN GLN B . n 
B 2 40 PHE 40 440 440 PHE PHE B . n 
B 2 41 THR 41 441 441 THR THR B . n 
B 2 42 GLN 42 442 442 GLN GLN B . n 
B 2 43 LEU 43 443 443 LEU LEU B . n 
B 2 44 ASP 44 444 444 ASP ASP B . n 
B 2 45 THR 45 445 445 THR THR B . n 
B 2 46 MET 46 446 446 MET MET B . n 
B 2 47 MET 47 447 447 MET MET B . n 
B 2 48 SER 48 448 448 SER SER B . n 
B 2 49 LYS 49 449 449 LYS LYS B . n 
B 2 50 LEU 50 450 450 LEU LEU B . n 
B 2 51 ASN 51 451 451 ASN ASN B . n 
B 2 52 ASN 52 452 452 ASN ASN B . n 
B 2 53 THR 53 453 453 THR THR B . n 
B 2 54 SER 54 454 454 SER SER B . n 
B 2 55 SER 55 455 455 SER SER B . n 
B 2 56 TYR 56 456 456 TYR TYR B . n 
B 2 57 LEU 57 457 457 LEU LEU B . n 
B 2 58 THR 58 458 458 THR THR B . n 
B 2 59 GLN 59 459 459 GLN GLN B . n 
B 2 60 GLN 60 460 460 GLN GLN B . n 
B 2 61 PHE 61 461 461 PHE PHE B . n 
B 2 62 THR 62 462 462 THR THR B . n 
B 2 63 ALA 63 463 463 ALA ALA B . n 
B 2 64 MET 64 464 464 MET MET B . n 
B 2 65 ASN 65 465 465 ASN ASN B . n 
B 2 66 LYS 66 466 466 LYS LYS B . n 
B 2 67 SER 67 467 467 SER SER B . n 
# 
loop_
_pdbx_nonpoly_scheme.asym_id 
_pdbx_nonpoly_scheme.entity_id 
_pdbx_nonpoly_scheme.mon_id 
_pdbx_nonpoly_scheme.ndb_seq_num 
_pdbx_nonpoly_scheme.pdb_seq_num 
_pdbx_nonpoly_scheme.auth_seq_num 
_pdbx_nonpoly_scheme.pdb_mon_id 
_pdbx_nonpoly_scheme.auth_mon_id 
_pdbx_nonpoly_scheme.pdb_strand_id 
_pdbx_nonpoly_scheme.pdb_ins_code 
C 3 HOH 1   101 115 HOH HOH A . 
C 3 HOH 2   102 58  HOH HOH A . 
C 3 HOH 3   103 49  HOH HOH A . 
C 3 HOH 4   104 122 HOH HOH A . 
C 3 HOH 5   105 78  HOH HOH A . 
C 3 HOH 6   106 63  HOH HOH A . 
C 3 HOH 7   107 14  HOH HOH A . 
C 3 HOH 8   108 164 HOH HOH A . 
C 3 HOH 9   109 70  HOH HOH A . 
C 3 HOH 10  110 52  HOH HOH A . 
C 3 HOH 11  111 132 HOH HOH A . 
C 3 HOH 12  112 24  HOH HOH A . 
C 3 HOH 13  113 61  HOH HOH A . 
C 3 HOH 14  114 102 HOH HOH A . 
C 3 HOH 15  115 51  HOH HOH A . 
C 3 HOH 16  116 160 HOH HOH A . 
C 3 HOH 17  117 182 HOH HOH A . 
C 3 HOH 18  118 66  HOH HOH A . 
C 3 HOH 19  119 145 HOH HOH A . 
C 3 HOH 20  120 27  HOH HOH A . 
C 3 HOH 21  121 156 HOH HOH A . 
C 3 HOH 22  122 107 HOH HOH A . 
C 3 HOH 23  123 130 HOH HOH A . 
C 3 HOH 24  124 50  HOH HOH A . 
C 3 HOH 25  125 112 HOH HOH A . 
C 3 HOH 26  126 135 HOH HOH A . 
C 3 HOH 27  127 67  HOH HOH A . 
C 3 HOH 28  128 37  HOH HOH A . 
C 3 HOH 29  129 11  HOH HOH A . 
C 3 HOH 30  130 60  HOH HOH A . 
C 3 HOH 31  131 33  HOH HOH A . 
C 3 HOH 32  132 32  HOH HOH A . 
C 3 HOH 33  133 40  HOH HOH A . 
C 3 HOH 34  134 17  HOH HOH A . 
C 3 HOH 35  135 9   HOH HOH A . 
C 3 HOH 36  136 45  HOH HOH A . 
C 3 HOH 37  137 120 HOH HOH A . 
C 3 HOH 38  138 28  HOH HOH A . 
C 3 HOH 39  139 76  HOH HOH A . 
C 3 HOH 40  140 188 HOH HOH A . 
C 3 HOH 41  141 56  HOH HOH A . 
C 3 HOH 42  142 23  HOH HOH A . 
C 3 HOH 43  143 83  HOH HOH A . 
C 3 HOH 44  144 30  HOH HOH A . 
C 3 HOH 45  145 46  HOH HOH A . 
C 3 HOH 46  146 176 HOH HOH A . 
C 3 HOH 47  147 163 HOH HOH A . 
C 3 HOH 48  148 97  HOH HOH A . 
C 3 HOH 49  149 54  HOH HOH A . 
C 3 HOH 50  150 149 HOH HOH A . 
C 3 HOH 51  151 193 HOH HOH A . 
C 3 HOH 52  152 133 HOH HOH A . 
C 3 HOH 53  153 123 HOH HOH A . 
C 3 HOH 54  154 181 HOH HOH A . 
C 3 HOH 55  155 129 HOH HOH A . 
C 3 HOH 56  156 82  HOH HOH A . 
C 3 HOH 57  157 128 HOH HOH A . 
C 3 HOH 58  158 183 HOH HOH A . 
C 3 HOH 59  159 80  HOH HOH A . 
C 3 HOH 60  160 39  HOH HOH A . 
C 3 HOH 61  161 73  HOH HOH A . 
C 3 HOH 62  162 98  HOH HOH A . 
C 3 HOH 63  163 89  HOH HOH A . 
C 3 HOH 64  164 154 HOH HOH A . 
C 3 HOH 65  165 111 HOH HOH A . 
C 3 HOH 66  166 77  HOH HOH A . 
C 3 HOH 67  167 180 HOH HOH A . 
C 3 HOH 68  168 16  HOH HOH A . 
C 3 HOH 69  169 47  HOH HOH A . 
C 3 HOH 70  170 174 HOH HOH A . 
C 3 HOH 71  171 146 HOH HOH A . 
C 3 HOH 72  172 167 HOH HOH A . 
C 3 HOH 73  173 166 HOH HOH A . 
C 3 HOH 74  174 15  HOH HOH A . 
C 3 HOH 75  175 179 HOH HOH A . 
C 3 HOH 76  176 64  HOH HOH A . 
C 3 HOH 77  177 25  HOH HOH A . 
C 3 HOH 78  178 138 HOH HOH A . 
C 3 HOH 79  179 191 HOH HOH A . 
C 3 HOH 80  180 118 HOH HOH A . 
C 3 HOH 81  181 137 HOH HOH A . 
C 3 HOH 82  182 124 HOH HOH A . 
C 3 HOH 83  183 192 HOH HOH A . 
C 3 HOH 84  184 55  HOH HOH A . 
C 3 HOH 85  185 141 HOH HOH A . 
C 3 HOH 86  186 114 HOH HOH A . 
C 3 HOH 87  187 62  HOH HOH A . 
C 3 HOH 88  188 48  HOH HOH A . 
C 3 HOH 89  189 165 HOH HOH A . 
C 3 HOH 90  190 119 HOH HOH A . 
C 3 HOH 91  191 157 HOH HOH A . 
C 3 HOH 92  192 170 HOH HOH A . 
C 3 HOH 93  193 81  HOH HOH A . 
C 3 HOH 94  194 153 HOH HOH A . 
C 3 HOH 95  195 159 HOH HOH A . 
C 3 HOH 96  196 184 HOH HOH A . 
C 3 HOH 97  197 168 HOH HOH A . 
C 3 HOH 98  198 175 HOH HOH A . 
C 3 HOH 99  199 136 HOH HOH A . 
C 3 HOH 100 200 187 HOH HOH A . 
C 3 HOH 101 201 178 HOH HOH A . 
C 3 HOH 102 202 171 HOH HOH A . 
C 3 HOH 103 203 88  HOH HOH A . 
C 3 HOH 104 204 126 HOH HOH A . 
C 3 HOH 105 205 162 HOH HOH A . 
D 3 HOH 1   501 29  HOH HOH B . 
D 3 HOH 2   502 8   HOH HOH B . 
D 3 HOH 3   503 177 HOH HOH B . 
D 3 HOH 4   504 155 HOH HOH B . 
D 3 HOH 5   505 59  HOH HOH B . 
D 3 HOH 6   506 44  HOH HOH B . 
D 3 HOH 7   507 92  HOH HOH B . 
D 3 HOH 8   508 10  HOH HOH B . 
D 3 HOH 9   509 85  HOH HOH B . 
D 3 HOH 10  510 173 HOH HOH B . 
D 3 HOH 11  511 108 HOH HOH B . 
D 3 HOH 12  512 116 HOH HOH B . 
D 3 HOH 13  513 3   HOH HOH B . 
D 3 HOH 14  514 41  HOH HOH B . 
D 3 HOH 15  515 43  HOH HOH B . 
D 3 HOH 16  516 169 HOH HOH B . 
D 3 HOH 17  517 127 HOH HOH B . 
D 3 HOH 18  518 4   HOH HOH B . 
D 3 HOH 19  519 7   HOH HOH B . 
D 3 HOH 20  520 105 HOH HOH B . 
D 3 HOH 21  521 21  HOH HOH B . 
D 3 HOH 22  522 101 HOH HOH B . 
D 3 HOH 23  523 12  HOH HOH B . 
D 3 HOH 24  524 75  HOH HOH B . 
D 3 HOH 25  525 35  HOH HOH B . 
D 3 HOH 26  526 18  HOH HOH B . 
D 3 HOH 27  527 90  HOH HOH B . 
D 3 HOH 28  528 13  HOH HOH B . 
D 3 HOH 29  529 110 HOH HOH B . 
D 3 HOH 30  530 140 HOH HOH B . 
D 3 HOH 31  531 38  HOH HOH B . 
D 3 HOH 32  532 19  HOH HOH B . 
D 3 HOH 33  533 5   HOH HOH B . 
D 3 HOH 34  534 74  HOH HOH B . 
D 3 HOH 35  535 117 HOH HOH B . 
D 3 HOH 36  536 190 HOH HOH B . 
D 3 HOH 37  537 1   HOH HOH B . 
D 3 HOH 38  538 158 HOH HOH B . 
D 3 HOH 39  539 94  HOH HOH B . 
D 3 HOH 40  540 2   HOH HOH B . 
D 3 HOH 41  541 68  HOH HOH B . 
D 3 HOH 42  542 186 HOH HOH B . 
D 3 HOH 43  543 34  HOH HOH B . 
D 3 HOH 44  544 161 HOH HOH B . 
D 3 HOH 45  545 20  HOH HOH B . 
D 3 HOH 46  546 125 HOH HOH B . 
D 3 HOH 47  547 100 HOH HOH B . 
D 3 HOH 48  548 71  HOH HOH B . 
D 3 HOH 49  549 185 HOH HOH B . 
D 3 HOH 50  550 65  HOH HOH B . 
D 3 HOH 51  551 104 HOH HOH B . 
D 3 HOH 52  552 144 HOH HOH B . 
D 3 HOH 53  553 79  HOH HOH B . 
D 3 HOH 54  554 99  HOH HOH B . 
D 3 HOH 55  555 131 HOH HOH B . 
D 3 HOH 56  556 147 HOH HOH B . 
D 3 HOH 57  557 109 HOH HOH B . 
D 3 HOH 58  558 42  HOH HOH B . 
D 3 HOH 59  559 150 HOH HOH B . 
D 3 HOH 60  560 96  HOH HOH B . 
D 3 HOH 61  561 95  HOH HOH B . 
D 3 HOH 62  562 106 HOH HOH B . 
D 3 HOH 63  563 69  HOH HOH B . 
D 3 HOH 64  564 113 HOH HOH B . 
D 3 HOH 65  565 22  HOH HOH B . 
D 3 HOH 66  566 134 HOH HOH B . 
D 3 HOH 67  567 151 HOH HOH B . 
D 3 HOH 68  568 152 HOH HOH B . 
D 3 HOH 69  569 6   HOH HOH B . 
D 3 HOH 70  570 93  HOH HOH B . 
D 3 HOH 71  571 26  HOH HOH B . 
D 3 HOH 72  572 91  HOH HOH B . 
D 3 HOH 73  573 87  HOH HOH B . 
D 3 HOH 74  574 139 HOH HOH B . 
D 3 HOH 75  575 172 HOH HOH B . 
D 3 HOH 76  576 148 HOH HOH B . 
D 3 HOH 77  577 31  HOH HOH B . 
D 3 HOH 78  578 142 HOH HOH B . 
D 3 HOH 79  579 53  HOH HOH B . 
D 3 HOH 80  580 143 HOH HOH B . 
D 3 HOH 81  581 36  HOH HOH B . 
D 3 HOH 82  582 86  HOH HOH B . 
D 3 HOH 83  583 189 HOH HOH B . 
D 3 HOH 84  584 72  HOH HOH B . 
D 3 HOH 85  585 103 HOH HOH B . 
D 3 HOH 86  586 84  HOH HOH B . 
D 3 HOH 87  587 57  HOH HOH B . 
D 3 HOH 88  588 121 HOH HOH B . 
# 
_pdbx_struct_assembly.id                   1 
_pdbx_struct_assembly.details              author_and_software_defined_assembly 
_pdbx_struct_assembly.method_details       PISA 
_pdbx_struct_assembly.oligomeric_details   dimeric 
_pdbx_struct_assembly.oligomeric_count     2 
# 
_pdbx_struct_assembly_gen.assembly_id       1 
_pdbx_struct_assembly_gen.oper_expression   1 
_pdbx_struct_assembly_gen.asym_id_list      A,B,C,D 
# 
loop_
_pdbx_struct_assembly_prop.biol_id 
_pdbx_struct_assembly_prop.type 
_pdbx_struct_assembly_prop.value 
_pdbx_struct_assembly_prop.details 
1 'ABSA (A^2)' 2720 ? 
1 MORE         -29  ? 
1 'SSA (A^2)'  9520 ? 
# 
_pdbx_struct_oper_list.id                   1 
_pdbx_struct_oper_list.type                 'identity operation' 
_pdbx_struct_oper_list.name                 1_555 
_pdbx_struct_oper_list.symmetry_operation   x,y,z 
_pdbx_struct_oper_list.matrix[1][1]         1.0000000000 
_pdbx_struct_oper_list.matrix[1][2]         0.0000000000 
_pdbx_struct_oper_list.matrix[1][3]         0.0000000000 
_pdbx_struct_oper_list.vector[1]            0.0000000000 
_pdbx_struct_oper_list.matrix[2][1]         0.0000000000 
_pdbx_struct_oper_list.matrix[2][2]         1.0000000000 
_pdbx_struct_oper_list.matrix[2][3]         0.0000000000 
_pdbx_struct_oper_list.vector[2]            0.0000000000 
_pdbx_struct_oper_list.matrix[3][1]         0.0000000000 
_pdbx_struct_oper_list.matrix[3][2]         0.0000000000 
_pdbx_struct_oper_list.matrix[3][3]         1.0000000000 
_pdbx_struct_oper_list.vector[3]            0.0000000000 
# 
loop_
_pdbx_struct_special_symmetry.id 
_pdbx_struct_special_symmetry.PDB_model_num 
_pdbx_struct_special_symmetry.auth_asym_id 
_pdbx_struct_special_symmetry.auth_comp_id 
_pdbx_struct_special_symmetry.auth_seq_id 
_pdbx_struct_special_symmetry.PDB_ins_code 
_pdbx_struct_special_symmetry.label_asym_id 
_pdbx_struct_special_symmetry.label_comp_id 
_pdbx_struct_special_symmetry.label_seq_id 
1 1 B HOH 537 ? D HOH . 
2 1 B HOH 577 ? D HOH . 
# 
loop_
_pdbx_audit_revision_history.ordinal 
_pdbx_audit_revision_history.data_content_type 
_pdbx_audit_revision_history.major_revision 
_pdbx_audit_revision_history.minor_revision 
_pdbx_audit_revision_history.revision_date 
1 'Structure model' 1 0 2017-08-02 
2 'Structure model' 1 1 2023-11-08 
# 
_pdbx_audit_revision_details.ordinal             1 
_pdbx_audit_revision_details.revision_ordinal    1 
_pdbx_audit_revision_details.data_content_type   'Structure model' 
_pdbx_audit_revision_details.provider            repository 
_pdbx_audit_revision_details.type                'Initial release' 
_pdbx_audit_revision_details.description         ? 
_pdbx_audit_revision_details.details             ? 
# 
loop_
_pdbx_audit_revision_group.ordinal 
_pdbx_audit_revision_group.revision_ordinal 
_pdbx_audit_revision_group.data_content_type 
_pdbx_audit_revision_group.group 
1 2 'Structure model' 'Data collection'        
2 2 'Structure model' 'Database references'    
3 2 'Structure model' 'Refinement description' 
# 
loop_
_pdbx_audit_revision_category.ordinal 
_pdbx_audit_revision_category.revision_ordinal 
_pdbx_audit_revision_category.data_content_type 
_pdbx_audit_revision_category.category 
1 2 'Structure model' chem_comp_atom                
2 2 'Structure model' chem_comp_bond                
3 2 'Structure model' database_2                    
4 2 'Structure model' pdbx_initial_refinement_model 
# 
loop_
_pdbx_audit_revision_item.ordinal 
_pdbx_audit_revision_item.revision_ordinal 
_pdbx_audit_revision_item.data_content_type 
_pdbx_audit_revision_item.item 
1 2 'Structure model' '_database_2.pdbx_DOI'                
2 2 'Structure model' '_database_2.pdbx_database_accession' 
# 
loop_
_software.citation_id 
_software.classification 
_software.compiler_name 
_software.compiler_version 
_software.contact_author 
_software.contact_author_email 
_software.date 
_software.description 
_software.dependencies 
_software.hardware 
_software.language 
_software.location 
_software.mods 
_software.name 
_software.os 
_software.os_version 
_software.type 
_software.version 
_software.pdbx_ordinal 
? refinement       ? ? ? ? ? ? ? ? ? ? ? REFMAC   ? ? ? 5.8.0049 1 
? 'data reduction' ? ? ? ? ? ? ? ? ? ? ? HKL-2000 ? ? ? .        2 
? 'data scaling'   ? ? ? ? ? ? ? ? ? ? ? HKL-2000 ? ? ? .        3 
? phasing          ? ? ? ? ? ? ? ? ? ? ? PHASER   ? ? ? .        4 
# 
_pdbx_validate_symm_contact.id                1 
_pdbx_validate_symm_contact.PDB_model_num     1 
_pdbx_validate_symm_contact.auth_atom_id_1    O 
_pdbx_validate_symm_contact.auth_asym_id_1    A 
_pdbx_validate_symm_contact.auth_comp_id_1    HOH 
_pdbx_validate_symm_contact.auth_seq_id_1     198 
_pdbx_validate_symm_contact.PDB_ins_code_1    ? 
_pdbx_validate_symm_contact.label_alt_id_1    ? 
_pdbx_validate_symm_contact.site_symmetry_1   1_555 
_pdbx_validate_symm_contact.auth_atom_id_2    O 
_pdbx_validate_symm_contact.auth_asym_id_2    A 
_pdbx_validate_symm_contact.auth_comp_id_2    HOH 
_pdbx_validate_symm_contact.auth_seq_id_2     198 
_pdbx_validate_symm_contact.PDB_ins_code_2    ? 
_pdbx_validate_symm_contact.label_alt_id_2    ? 
_pdbx_validate_symm_contact.site_symmetry_2   5_455 
_pdbx_validate_symm_contact.dist              1.16 
# 
_pdbx_distant_solvent_atoms.id                                1 
_pdbx_distant_solvent_atoms.PDB_model_num                     1 
_pdbx_distant_solvent_atoms.auth_atom_id                      O 
_pdbx_distant_solvent_atoms.label_alt_id                      ? 
_pdbx_distant_solvent_atoms.auth_asym_id                      A 
_pdbx_distant_solvent_atoms.auth_comp_id                      HOH 
_pdbx_distant_solvent_atoms.auth_seq_id                       205 
_pdbx_distant_solvent_atoms.PDB_ins_code                      ? 
_pdbx_distant_solvent_atoms.neighbor_macromolecule_distance   6.40 
_pdbx_distant_solvent_atoms.neighbor_ligand_distance          . 
# 
loop_
_pdbx_unobs_or_zero_occ_residues.id 
_pdbx_unobs_or_zero_occ_residues.PDB_model_num 
_pdbx_unobs_or_zero_occ_residues.polymer_flag 
_pdbx_unobs_or_zero_occ_residues.occupancy_flag 
_pdbx_unobs_or_zero_occ_residues.auth_asym_id 
_pdbx_unobs_or_zero_occ_residues.auth_comp_id 
_pdbx_unobs_or_zero_occ_residues.auth_seq_id 
_pdbx_unobs_or_zero_occ_residues.PDB_ins_code 
_pdbx_unobs_or_zero_occ_residues.label_asym_id 
_pdbx_unobs_or_zero_occ_residues.label_comp_id 
_pdbx_unobs_or_zero_occ_residues.label_seq_id 
1  1 Y 1 B ASP 401 ? B ASP 1  
2  1 Y 1 B GLY 402 ? B GLY 2  
3  1 Y 1 B ILE 403 ? B ILE 3  
4  1 Y 1 B ILE 404 ? B ILE 4  
5  1 Y 1 B ASP 405 ? B ASP 5  
6  1 Y 1 B ASN 406 ? B ASN 6  
7  1 Y 1 B ALA 407 ? B ALA 7  
8  1 Y 1 B GLN 408 ? B GLN 8  
9  1 Y 1 B ASP 409 ? B ASP 9  
10 1 Y 1 B ASN 410 ? B ASN 10 
11 1 Y 1 B VAL 411 ? B VAL 11 
# 
loop_
_chem_comp_atom.comp_id 
_chem_comp_atom.atom_id 
_chem_comp_atom.type_symbol 
_chem_comp_atom.pdbx_aromatic_flag 
_chem_comp_atom.pdbx_stereo_config 
_chem_comp_atom.pdbx_ordinal 
ALA N    N N N 1   
ALA CA   C N S 2   
ALA C    C N N 3   
ALA O    O N N 4   
ALA CB   C N N 5   
ALA OXT  O N N 6   
ALA H    H N N 7   
ALA H2   H N N 8   
ALA HA   H N N 9   
ALA HB1  H N N 10  
ALA HB2  H N N 11  
ALA HB3  H N N 12  
ALA HXT  H N N 13  
ARG N    N N N 14  
ARG CA   C N S 15  
ARG C    C N N 16  
ARG O    O N N 17  
ARG CB   C N N 18  
ARG CG   C N N 19  
ARG CD   C N N 20  
ARG NE   N N N 21  
ARG CZ   C N N 22  
ARG NH1  N N N 23  
ARG NH2  N N N 24  
ARG OXT  O N N 25  
ARG H    H N N 26  
ARG H2   H N N 27  
ARG HA   H N N 28  
ARG HB2  H N N 29  
ARG HB3  H N N 30  
ARG HG2  H N N 31  
ARG HG3  H N N 32  
ARG HD2  H N N 33  
ARG HD3  H N N 34  
ARG HE   H N N 35  
ARG HH11 H N N 36  
ARG HH12 H N N 37  
ARG HH21 H N N 38  
ARG HH22 H N N 39  
ARG HXT  H N N 40  
ASN N    N N N 41  
ASN CA   C N S 42  
ASN C    C N N 43  
ASN O    O N N 44  
ASN CB   C N N 45  
ASN CG   C N N 46  
ASN OD1  O N N 47  
ASN ND2  N N N 48  
ASN OXT  O N N 49  
ASN H    H N N 50  
ASN H2   H N N 51  
ASN HA   H N N 52  
ASN HB2  H N N 53  
ASN HB3  H N N 54  
ASN HD21 H N N 55  
ASN HD22 H N N 56  
ASN HXT  H N N 57  
ASP N    N N N 58  
ASP CA   C N S 59  
ASP C    C N N 60  
ASP O    O N N 61  
ASP CB   C N N 62  
ASP CG   C N N 63  
ASP OD1  O N N 64  
ASP OD2  O N N 65  
ASP OXT  O N N 66  
ASP H    H N N 67  
ASP H2   H N N 68  
ASP HA   H N N 69  
ASP HB2  H N N 70  
ASP HB3  H N N 71  
ASP HD2  H N N 72  
ASP HXT  H N N 73  
GLN N    N N N 74  
GLN CA   C N S 75  
GLN C    C N N 76  
GLN O    O N N 77  
GLN CB   C N N 78  
GLN CG   C N N 79  
GLN CD   C N N 80  
GLN OE1  O N N 81  
GLN NE2  N N N 82  
GLN OXT  O N N 83  
GLN H    H N N 84  
GLN H2   H N N 85  
GLN HA   H N N 86  
GLN HB2  H N N 87  
GLN HB3  H N N 88  
GLN HG2  H N N 89  
GLN HG3  H N N 90  
GLN HE21 H N N 91  
GLN HE22 H N N 92  
GLN HXT  H N N 93  
GLU N    N N N 94  
GLU CA   C N S 95  
GLU C    C N N 96  
GLU O    O N N 97  
GLU CB   C N N 98  
GLU CG   C N N 99  
GLU CD   C N N 100 
GLU OE1  O N N 101 
GLU OE2  O N N 102 
GLU OXT  O N N 103 
GLU H    H N N 104 
GLU H2   H N N 105 
GLU HA   H N N 106 
GLU HB2  H N N 107 
GLU HB3  H N N 108 
GLU HG2  H N N 109 
GLU HG3  H N N 110 
GLU HE2  H N N 111 
GLU HXT  H N N 112 
GLY N    N N N 113 
GLY CA   C N N 114 
GLY C    C N N 115 
GLY O    O N N 116 
GLY OXT  O N N 117 
GLY H    H N N 118 
GLY H2   H N N 119 
GLY HA2  H N N 120 
GLY HA3  H N N 121 
GLY HXT  H N N 122 
HOH O    O N N 123 
HOH H1   H N N 124 
HOH H2   H N N 125 
ILE N    N N N 126 
ILE CA   C N S 127 
ILE C    C N N 128 
ILE O    O N N 129 
ILE CB   C N S 130 
ILE CG1  C N N 131 
ILE CG2  C N N 132 
ILE CD1  C N N 133 
ILE OXT  O N N 134 
ILE H    H N N 135 
ILE H2   H N N 136 
ILE HA   H N N 137 
ILE HB   H N N 138 
ILE HG12 H N N 139 
ILE HG13 H N N 140 
ILE HG21 H N N 141 
ILE HG22 H N N 142 
ILE HG23 H N N 143 
ILE HD11 H N N 144 
ILE HD12 H N N 145 
ILE HD13 H N N 146 
ILE HXT  H N N 147 
LEU N    N N N 148 
LEU CA   C N S 149 
LEU C    C N N 150 
LEU O    O N N 151 
LEU CB   C N N 152 
LEU CG   C N N 153 
LEU CD1  C N N 154 
LEU CD2  C N N 155 
LEU OXT  O N N 156 
LEU H    H N N 157 
LEU H2   H N N 158 
LEU HA   H N N 159 
LEU HB2  H N N 160 
LEU HB3  H N N 161 
LEU HG   H N N 162 
LEU HD11 H N N 163 
LEU HD12 H N N 164 
LEU HD13 H N N 165 
LEU HD21 H N N 166 
LEU HD22 H N N 167 
LEU HD23 H N N 168 
LEU HXT  H N N 169 
LYS N    N N N 170 
LYS CA   C N S 171 
LYS C    C N N 172 
LYS O    O N N 173 
LYS CB   C N N 174 
LYS CG   C N N 175 
LYS CD   C N N 176 
LYS CE   C N N 177 
LYS NZ   N N N 178 
LYS OXT  O N N 179 
LYS H    H N N 180 
LYS H2   H N N 181 
LYS HA   H N N 182 
LYS HB2  H N N 183 
LYS HB3  H N N 184 
LYS HG2  H N N 185 
LYS HG3  H N N 186 
LYS HD2  H N N 187 
LYS HD3  H N N 188 
LYS HE2  H N N 189 
LYS HE3  H N N 190 
LYS HZ1  H N N 191 
LYS HZ2  H N N 192 
LYS HZ3  H N N 193 
LYS HXT  H N N 194 
MET N    N N N 195 
MET CA   C N S 196 
MET C    C N N 197 
MET O    O N N 198 
MET CB   C N N 199 
MET CG   C N N 200 
MET SD   S N N 201 
MET CE   C N N 202 
MET OXT  O N N 203 
MET H    H N N 204 
MET H2   H N N 205 
MET HA   H N N 206 
MET HB2  H N N 207 
MET HB3  H N N 208 
MET HG2  H N N 209 
MET HG3  H N N 210 
MET HE1  H N N 211 
MET HE2  H N N 212 
MET HE3  H N N 213 
MET HXT  H N N 214 
PHE N    N N N 215 
PHE CA   C N S 216 
PHE C    C N N 217 
PHE O    O N N 218 
PHE CB   C N N 219 
PHE CG   C Y N 220 
PHE CD1  C Y N 221 
PHE CD2  C Y N 222 
PHE CE1  C Y N 223 
PHE CE2  C Y N 224 
PHE CZ   C Y N 225 
PHE OXT  O N N 226 
PHE H    H N N 227 
PHE H2   H N N 228 
PHE HA   H N N 229 
PHE HB2  H N N 230 
PHE HB3  H N N 231 
PHE HD1  H N N 232 
PHE HD2  H N N 233 
PHE HE1  H N N 234 
PHE HE2  H N N 235 
PHE HZ   H N N 236 
PHE HXT  H N N 237 
PRO N    N N N 238 
PRO CA   C N S 239 
PRO C    C N N 240 
PRO O    O N N 241 
PRO CB   C N N 242 
PRO CG   C N N 243 
PRO CD   C N N 244 
PRO OXT  O N N 245 
PRO H    H N N 246 
PRO HA   H N N 247 
PRO HB2  H N N 248 
PRO HB3  H N N 249 
PRO HG2  H N N 250 
PRO HG3  H N N 251 
PRO HD2  H N N 252 
PRO HD3  H N N 253 
PRO HXT  H N N 254 
SER N    N N N 255 
SER CA   C N S 256 
SER C    C N N 257 
SER O    O N N 258 
SER CB   C N N 259 
SER OG   O N N 260 
SER OXT  O N N 261 
SER H    H N N 262 
SER H2   H N N 263 
SER HA   H N N 264 
SER HB2  H N N 265 
SER HB3  H N N 266 
SER HG   H N N 267 
SER HXT  H N N 268 
THR N    N N N 269 
THR CA   C N S 270 
THR C    C N N 271 
THR O    O N N 272 
THR CB   C N R 273 
THR OG1  O N N 274 
THR CG2  C N N 275 
THR OXT  O N N 276 
THR H    H N N 277 
THR H2   H N N 278 
THR HA   H N N 279 
THR HB   H N N 280 
THR HG1  H N N 281 
THR HG21 H N N 282 
THR HG22 H N N 283 
THR HG23 H N N 284 
THR HXT  H N N 285 
TRP N    N N N 286 
TRP CA   C N S 287 
TRP C    C N N 288 
TRP O    O N N 289 
TRP CB   C N N 290 
TRP CG   C Y N 291 
TRP CD1  C Y N 292 
TRP CD2  C Y N 293 
TRP NE1  N Y N 294 
TRP CE2  C Y N 295 
TRP CE3  C Y N 296 
TRP CZ2  C Y N 297 
TRP CZ3  C Y N 298 
TRP CH2  C Y N 299 
TRP OXT  O N N 300 
TRP H    H N N 301 
TRP H2   H N N 302 
TRP HA   H N N 303 
TRP HB2  H N N 304 
TRP HB3  H N N 305 
TRP HD1  H N N 306 
TRP HE1  H N N 307 
TRP HE3  H N N 308 
TRP HZ2  H N N 309 
TRP HZ3  H N N 310 
TRP HH2  H N N 311 
TRP HXT  H N N 312 
TYR N    N N N 313 
TYR CA   C N S 314 
TYR C    C N N 315 
TYR O    O N N 316 
TYR CB   C N N 317 
TYR CG   C Y N 318 
TYR CD1  C Y N 319 
TYR CD2  C Y N 320 
TYR CE1  C Y N 321 
TYR CE2  C Y N 322 
TYR CZ   C Y N 323 
TYR OH   O N N 324 
TYR OXT  O N N 325 
TYR H    H N N 326 
TYR H2   H N N 327 
TYR HA   H N N 328 
TYR HB2  H N N 329 
TYR HB3  H N N 330 
TYR HD1  H N N 331 
TYR HD2  H N N 332 
TYR HE1  H N N 333 
TYR HE2  H N N 334 
TYR HH   H N N 335 
TYR HXT  H N N 336 
VAL N    N N N 337 
VAL CA   C N S 338 
VAL C    C N N 339 
VAL O    O N N 340 
VAL CB   C N N 341 
VAL CG1  C N N 342 
VAL CG2  C N N 343 
VAL OXT  O N N 344 
VAL H    H N N 345 
VAL H2   H N N 346 
VAL HA   H N N 347 
VAL HB   H N N 348 
VAL HG11 H N N 349 
VAL HG12 H N N 350 
VAL HG13 H N N 351 
VAL HG21 H N N 352 
VAL HG22 H N N 353 
VAL HG23 H N N 354 
VAL HXT  H N N 355 
# 
loop_
_chem_comp_bond.comp_id 
_chem_comp_bond.atom_id_1 
_chem_comp_bond.atom_id_2 
_chem_comp_bond.value_order 
_chem_comp_bond.pdbx_aromatic_flag 
_chem_comp_bond.pdbx_stereo_config 
_chem_comp_bond.pdbx_ordinal 
ALA N   CA   sing N N 1   
ALA N   H    sing N N 2   
ALA N   H2   sing N N 3   
ALA CA  C    sing N N 4   
ALA CA  CB   sing N N 5   
ALA CA  HA   sing N N 6   
ALA C   O    doub N N 7   
ALA C   OXT  sing N N 8   
ALA CB  HB1  sing N N 9   
ALA CB  HB2  sing N N 10  
ALA CB  HB3  sing N N 11  
ALA OXT HXT  sing N N 12  
ARG N   CA   sing N N 13  
ARG N   H    sing N N 14  
ARG N   H2   sing N N 15  
ARG CA  C    sing N N 16  
ARG CA  CB   sing N N 17  
ARG CA  HA   sing N N 18  
ARG C   O    doub N N 19  
ARG C   OXT  sing N N 20  
ARG CB  CG   sing N N 21  
ARG CB  HB2  sing N N 22  
ARG CB  HB3  sing N N 23  
ARG CG  CD   sing N N 24  
ARG CG  HG2  sing N N 25  
ARG CG  HG3  sing N N 26  
ARG CD  NE   sing N N 27  
ARG CD  HD2  sing N N 28  
ARG CD  HD3  sing N N 29  
ARG NE  CZ   sing N N 30  
ARG NE  HE   sing N N 31  
ARG CZ  NH1  sing N N 32  
ARG CZ  NH2  doub N N 33  
ARG NH1 HH11 sing N N 34  
ARG NH1 HH12 sing N N 35  
ARG NH2 HH21 sing N N 36  
ARG NH2 HH22 sing N N 37  
ARG OXT HXT  sing N N 38  
ASN N   CA   sing N N 39  
ASN N   H    sing N N 40  
ASN N   H2   sing N N 41  
ASN CA  C    sing N N 42  
ASN CA  CB   sing N N 43  
ASN CA  HA   sing N N 44  
ASN C   O    doub N N 45  
ASN C   OXT  sing N N 46  
ASN CB  CG   sing N N 47  
ASN CB  HB2  sing N N 48  
ASN CB  HB3  sing N N 49  
ASN CG  OD1  doub N N 50  
ASN CG  ND2  sing N N 51  
ASN ND2 HD21 sing N N 52  
ASN ND2 HD22 sing N N 53  
ASN OXT HXT  sing N N 54  
ASP N   CA   sing N N 55  
ASP N   H    sing N N 56  
ASP N   H2   sing N N 57  
ASP CA  C    sing N N 58  
ASP CA  CB   sing N N 59  
ASP CA  HA   sing N N 60  
ASP C   O    doub N N 61  
ASP C   OXT  sing N N 62  
ASP CB  CG   sing N N 63  
ASP CB  HB2  sing N N 64  
ASP CB  HB3  sing N N 65  
ASP CG  OD1  doub N N 66  
ASP CG  OD2  sing N N 67  
ASP OD2 HD2  sing N N 68  
ASP OXT HXT  sing N N 69  
GLN N   CA   sing N N 70  
GLN N   H    sing N N 71  
GLN N   H2   sing N N 72  
GLN CA  C    sing N N 73  
GLN CA  CB   sing N N 74  
GLN CA  HA   sing N N 75  
GLN C   O    doub N N 76  
GLN C   OXT  sing N N 77  
GLN CB  CG   sing N N 78  
GLN CB  HB2  sing N N 79  
GLN CB  HB3  sing N N 80  
GLN CG  CD   sing N N 81  
GLN CG  HG2  sing N N 82  
GLN CG  HG3  sing N N 83  
GLN CD  OE1  doub N N 84  
GLN CD  NE2  sing N N 85  
GLN NE2 HE21 sing N N 86  
GLN NE2 HE22 sing N N 87  
GLN OXT HXT  sing N N 88  
GLU N   CA   sing N N 89  
GLU N   H    sing N N 90  
GLU N   H2   sing N N 91  
GLU CA  C    sing N N 92  
GLU CA  CB   sing N N 93  
GLU CA  HA   sing N N 94  
GLU C   O    doub N N 95  
GLU C   OXT  sing N N 96  
GLU CB  CG   sing N N 97  
GLU CB  HB2  sing N N 98  
GLU CB  HB3  sing N N 99  
GLU CG  CD   sing N N 100 
GLU CG  HG2  sing N N 101 
GLU CG  HG3  sing N N 102 
GLU CD  OE1  doub N N 103 
GLU CD  OE2  sing N N 104 
GLU OE2 HE2  sing N N 105 
GLU OXT HXT  sing N N 106 
GLY N   CA   sing N N 107 
GLY N   H    sing N N 108 
GLY N   H2   sing N N 109 
GLY CA  C    sing N N 110 
GLY CA  HA2  sing N N 111 
GLY CA  HA3  sing N N 112 
GLY C   O    doub N N 113 
GLY C   OXT  sing N N 114 
GLY OXT HXT  sing N N 115 
HOH O   H1   sing N N 116 
HOH O   H2   sing N N 117 
ILE N   CA   sing N N 118 
ILE N   H    sing N N 119 
ILE N   H2   sing N N 120 
ILE CA  C    sing N N 121 
ILE CA  CB   sing N N 122 
ILE CA  HA   sing N N 123 
ILE C   O    doub N N 124 
ILE C   OXT  sing N N 125 
ILE CB  CG1  sing N N 126 
ILE CB  CG2  sing N N 127 
ILE CB  HB   sing N N 128 
ILE CG1 CD1  sing N N 129 
ILE CG1 HG12 sing N N 130 
ILE CG1 HG13 sing N N 131 
ILE CG2 HG21 sing N N 132 
ILE CG2 HG22 sing N N 133 
ILE CG2 HG23 sing N N 134 
ILE CD1 HD11 sing N N 135 
ILE CD1 HD12 sing N N 136 
ILE CD1 HD13 sing N N 137 
ILE OXT HXT  sing N N 138 
LEU N   CA   sing N N 139 
LEU N   H    sing N N 140 
LEU N   H2   sing N N 141 
LEU CA  C    sing N N 142 
LEU CA  CB   sing N N 143 
LEU CA  HA   sing N N 144 
LEU C   O    doub N N 145 
LEU C   OXT  sing N N 146 
LEU CB  CG   sing N N 147 
LEU CB  HB2  sing N N 148 
LEU CB  HB3  sing N N 149 
LEU CG  CD1  sing N N 150 
LEU CG  CD2  sing N N 151 
LEU CG  HG   sing N N 152 
LEU CD1 HD11 sing N N 153 
LEU CD1 HD12 sing N N 154 
LEU CD1 HD13 sing N N 155 
LEU CD2 HD21 sing N N 156 
LEU CD2 HD22 sing N N 157 
LEU CD2 HD23 sing N N 158 
LEU OXT HXT  sing N N 159 
LYS N   CA   sing N N 160 
LYS N   H    sing N N 161 
LYS N   H2   sing N N 162 
LYS CA  C    sing N N 163 
LYS CA  CB   sing N N 164 
LYS CA  HA   sing N N 165 
LYS C   O    doub N N 166 
LYS C   OXT  sing N N 167 
LYS CB  CG   sing N N 168 
LYS CB  HB2  sing N N 169 
LYS CB  HB3  sing N N 170 
LYS CG  CD   sing N N 171 
LYS CG  HG2  sing N N 172 
LYS CG  HG3  sing N N 173 
LYS CD  CE   sing N N 174 
LYS CD  HD2  sing N N 175 
LYS CD  HD3  sing N N 176 
LYS CE  NZ   sing N N 177 
LYS CE  HE2  sing N N 178 
LYS CE  HE3  sing N N 179 
LYS NZ  HZ1  sing N N 180 
LYS NZ  HZ2  sing N N 181 
LYS NZ  HZ3  sing N N 182 
LYS OXT HXT  sing N N 183 
MET N   CA   sing N N 184 
MET N   H    sing N N 185 
MET N   H2   sing N N 186 
MET CA  C    sing N N 187 
MET CA  CB   sing N N 188 
MET CA  HA   sing N N 189 
MET C   O    doub N N 190 
MET C   OXT  sing N N 191 
MET CB  CG   sing N N 192 
MET CB  HB2  sing N N 193 
MET CB  HB3  sing N N 194 
MET CG  SD   sing N N 195 
MET CG  HG2  sing N N 196 
MET CG  HG3  sing N N 197 
MET SD  CE   sing N N 198 
MET CE  HE1  sing N N 199 
MET CE  HE2  sing N N 200 
MET CE  HE3  sing N N 201 
MET OXT HXT  sing N N 202 
PHE N   CA   sing N N 203 
PHE N   H    sing N N 204 
PHE N   H2   sing N N 205 
PHE CA  C    sing N N 206 
PHE CA  CB   sing N N 207 
PHE CA  HA   sing N N 208 
PHE C   O    doub N N 209 
PHE C   OXT  sing N N 210 
PHE CB  CG   sing N N 211 
PHE CB  HB2  sing N N 212 
PHE CB  HB3  sing N N 213 
PHE CG  CD1  doub Y N 214 
PHE CG  CD2  sing Y N 215 
PHE CD1 CE1  sing Y N 216 
PHE CD1 HD1  sing N N 217 
PHE CD2 CE2  doub Y N 218 
PHE CD2 HD2  sing N N 219 
PHE CE1 CZ   doub Y N 220 
PHE CE1 HE1  sing N N 221 
PHE CE2 CZ   sing Y N 222 
PHE CE2 HE2  sing N N 223 
PHE CZ  HZ   sing N N 224 
PHE OXT HXT  sing N N 225 
PRO N   CA   sing N N 226 
PRO N   CD   sing N N 227 
PRO N   H    sing N N 228 
PRO CA  C    sing N N 229 
PRO CA  CB   sing N N 230 
PRO CA  HA   sing N N 231 
PRO C   O    doub N N 232 
PRO C   OXT  sing N N 233 
PRO CB  CG   sing N N 234 
PRO CB  HB2  sing N N 235 
PRO CB  HB3  sing N N 236 
PRO CG  CD   sing N N 237 
PRO CG  HG2  sing N N 238 
PRO CG  HG3  sing N N 239 
PRO CD  HD2  sing N N 240 
PRO CD  HD3  sing N N 241 
PRO OXT HXT  sing N N 242 
SER N   CA   sing N N 243 
SER N   H    sing N N 244 
SER N   H2   sing N N 245 
SER CA  C    sing N N 246 
SER CA  CB   sing N N 247 
SER CA  HA   sing N N 248 
SER C   O    doub N N 249 
SER C   OXT  sing N N 250 
SER CB  OG   sing N N 251 
SER CB  HB2  sing N N 252 
SER CB  HB3  sing N N 253 
SER OG  HG   sing N N 254 
SER OXT HXT  sing N N 255 
THR N   CA   sing N N 256 
THR N   H    sing N N 257 
THR N   H2   sing N N 258 
THR CA  C    sing N N 259 
THR CA  CB   sing N N 260 
THR CA  HA   sing N N 261 
THR C   O    doub N N 262 
THR C   OXT  sing N N 263 
THR CB  OG1  sing N N 264 
THR CB  CG2  sing N N 265 
THR CB  HB   sing N N 266 
THR OG1 HG1  sing N N 267 
THR CG2 HG21 sing N N 268 
THR CG2 HG22 sing N N 269 
THR CG2 HG23 sing N N 270 
THR OXT HXT  sing N N 271 
TRP N   CA   sing N N 272 
TRP N   H    sing N N 273 
TRP N   H2   sing N N 274 
TRP CA  C    sing N N 275 
TRP CA  CB   sing N N 276 
TRP CA  HA   sing N N 277 
TRP C   O    doub N N 278 
TRP C   OXT  sing N N 279 
TRP CB  CG   sing N N 280 
TRP CB  HB2  sing N N 281 
TRP CB  HB3  sing N N 282 
TRP CG  CD1  doub Y N 283 
TRP CG  CD2  sing Y N 284 
TRP CD1 NE1  sing Y N 285 
TRP CD1 HD1  sing N N 286 
TRP CD2 CE2  doub Y N 287 
TRP CD2 CE3  sing Y N 288 
TRP NE1 CE2  sing Y N 289 
TRP NE1 HE1  sing N N 290 
TRP CE2 CZ2  sing Y N 291 
TRP CE3 CZ3  doub Y N 292 
TRP CE3 HE3  sing N N 293 
TRP CZ2 CH2  doub Y N 294 
TRP CZ2 HZ2  sing N N 295 
TRP CZ3 CH2  sing Y N 296 
TRP CZ3 HZ3  sing N N 297 
TRP CH2 HH2  sing N N 298 
TRP OXT HXT  sing N N 299 
TYR N   CA   sing N N 300 
TYR N   H    sing N N 301 
TYR N   H2   sing N N 302 
TYR CA  C    sing N N 303 
TYR CA  CB   sing N N 304 
TYR CA  HA   sing N N 305 
TYR C   O    doub N N 306 
TYR C   OXT  sing N N 307 
TYR CB  CG   sing N N 308 
TYR CB  HB2  sing N N 309 
TYR CB  HB3  sing N N 310 
TYR CG  CD1  doub Y N 311 
TYR CG  CD2  sing Y N 312 
TYR CD1 CE1  sing Y N 313 
TYR CD1 HD1  sing N N 314 
TYR CD2 CE2  doub Y N 315 
TYR CD2 HD2  sing N N 316 
TYR CE1 CZ   doub Y N 317 
TYR CE1 HE1  sing N N 318 
TYR CE2 CZ   sing Y N 319 
TYR CE2 HE2  sing N N 320 
TYR CZ  OH   sing N N 321 
TYR OH  HH   sing N N 322 
TYR OXT HXT  sing N N 323 
VAL N   CA   sing N N 324 
VAL N   H    sing N N 325 
VAL N   H2   sing N N 326 
VAL CA  C    sing N N 327 
VAL CA  CB   sing N N 328 
VAL CA  HA   sing N N 329 
VAL C   O    doub N N 330 
VAL C   OXT  sing N N 331 
VAL CB  CG1  sing N N 332 
VAL CB  CG2  sing N N 333 
VAL CB  HB   sing N N 334 
VAL CG1 HG11 sing N N 335 
VAL CG1 HG12 sing N N 336 
VAL CG1 HG13 sing N N 337 
VAL CG2 HG21 sing N N 338 
VAL CG2 HG22 sing N N 339 
VAL CG2 HG23 sing N N 340 
VAL OXT HXT  sing N N 341 
# 
_pdbx_entity_nonpoly.entity_id   3 
_pdbx_entity_nonpoly.name        water 
_pdbx_entity_nonpoly.comp_id     HOH 
# 
_pdbx_initial_refinement_model.id               1 
_pdbx_initial_refinement_model.entity_id_list   ? 
_pdbx_initial_refinement_model.type             'experimental model' 
_pdbx_initial_refinement_model.source_name      PDB 
_pdbx_initial_refinement_model.accession_code   3A7M 
_pdbx_initial_refinement_model.details          ? 
# 
